data_3B20
#
_entry.id   3B20
#
_cell.length_a   150.589
_cell.length_b   79.847
_cell.length_c   206.794
_cell.angle_alpha   90.00
_cell.angle_beta   101.65
_cell.angle_gamma   90.00
#
_symmetry.space_group_name_H-M   'C 1 2 1'
#
loop_
_entity.id
_entity.type
_entity.pdbx_description
1 polymer 'Glyceraldehyde 3-phosphate dehydrogenase (NADP+)'
2 non-polymer 'SULFATE ION'
3 non-polymer NICOTINAMIDE-ADENINE-DINUCLEOTIDE
4 water water
#
_entity_poly.entity_id   1
_entity_poly.type   'polypeptide(L)'
_entity_poly.pdbx_seq_one_letter_code
;MTIRVAINGFGRIGRNFLRCWFGRQNTDLEVVAINNTSDARTAAHLLEYDSVLGRFNADISYDENSITVNGKTMKIVCDR
NPLNLPWKEWDIDLVIESTGVFVTAEGASKHIQAGAKKVLITAPGKGEGVGTYVIGVNDSEYRHEDFAVISNASCTTNCL
APVAKVLHDNFGIIKGTMTTTHSYTLDQRILDASHRDLRRARAAAVNIVPTTTGAAKAVALVIPELKGKLNGIALRVPTP
NVSVVDLVVQVEKPTITEQVNEVLQKASQTTMKGIIKYSDLPLVSSDFRGTDESSIVDSSLTLVMDGDLVKVIAWYDNEW
GYSQRVVDLAELAARKWAA
;
_entity_poly.pdbx_strand_id   A,B,O,P,Q,R
#
# COMPACT_ATOMS: atom_id res chain seq x y z
N MET A 1 -47.83 -101.21 -55.81
CA MET A 1 -46.42 -101.29 -56.15
C MET A 1 -45.95 -100.04 -56.92
N THR A 2 -44.77 -100.11 -57.54
CA THR A 2 -44.21 -99.01 -58.33
C THR A 2 -45.17 -98.56 -59.42
N ILE A 3 -45.03 -97.31 -59.86
CA ILE A 3 -45.77 -96.81 -61.02
C ILE A 3 -44.76 -96.34 -62.04
N ARG A 4 -45.09 -96.49 -63.31
CA ARG A 4 -44.16 -96.11 -64.36
C ARG A 4 -44.37 -94.65 -64.72
N VAL A 5 -43.27 -93.93 -64.97
CA VAL A 5 -43.35 -92.48 -65.16
C VAL A 5 -42.60 -91.99 -66.40
N ALA A 6 -43.21 -91.03 -67.08
CA ALA A 6 -42.57 -90.33 -68.18
C ALA A 6 -42.55 -88.82 -67.94
N ILE A 7 -41.56 -88.13 -68.49
CA ILE A 7 -41.50 -86.69 -68.35
C ILE A 7 -41.87 -86.03 -69.68
N ASN A 8 -42.65 -84.97 -69.63
CA ASN A 8 -42.92 -84.25 -70.86
C ASN A 8 -42.37 -82.83 -70.85
N GLY A 9 -41.40 -82.57 -71.74
CA GLY A 9 -40.70 -81.29 -71.81
C GLY A 9 -39.56 -81.22 -70.80
N PHE A 10 -38.34 -81.46 -71.28
CA PHE A 10 -37.14 -81.62 -70.45
C PHE A 10 -36.40 -80.30 -70.21
N GLY A 11 -37.09 -79.28 -69.69
CA GLY A 11 -36.46 -78.00 -69.41
C GLY A 11 -35.96 -77.90 -67.97
N ARG A 12 -36.04 -76.70 -67.39
CA ARG A 12 -35.57 -76.49 -66.02
C ARG A 12 -36.22 -77.49 -65.07
N ILE A 13 -37.55 -77.38 -64.92
CA ILE A 13 -38.31 -78.29 -64.04
C ILE A 13 -38.06 -79.75 -64.40
N GLY A 14 -38.07 -80.04 -65.69
CA GLY A 14 -37.95 -81.41 -66.14
C GLY A 14 -36.65 -82.05 -65.72
N ARG A 15 -35.54 -81.33 -65.94
CA ARG A 15 -34.23 -81.87 -65.59
C ARG A 15 -34.00 -81.80 -64.07
N ASN A 16 -34.46 -80.73 -63.42
CA ASN A 16 -34.45 -80.68 -61.95
C ASN A 16 -35.15 -81.92 -61.33
N PHE A 17 -36.39 -82.17 -61.75
CA PHE A 17 -37.18 -83.34 -61.28
C PHE A 17 -36.39 -84.63 -61.38
N LEU A 18 -35.68 -84.80 -62.49
CA LEU A 18 -34.91 -86.03 -62.71
C LEU A 18 -33.81 -86.13 -61.65
N ARG A 19 -32.96 -85.11 -61.60
CA ARG A 19 -31.86 -85.08 -60.63
C ARG A 19 -32.39 -85.19 -59.19
N CYS A 20 -33.56 -84.59 -58.92
CA CYS A 20 -34.17 -84.75 -57.59
C CYS A 20 -34.48 -86.21 -57.39
N TRP A 21 -35.14 -86.82 -58.37
CA TRP A 21 -35.48 -88.23 -58.25
C TRP A 21 -34.22 -89.12 -58.17
N PHE A 22 -33.17 -88.77 -58.90
CA PHE A 22 -31.95 -89.59 -58.87
C PHE A 22 -31.20 -89.46 -57.54
N GLY A 23 -31.45 -88.39 -56.80
CA GLY A 23 -30.88 -88.22 -55.47
C GLY A 23 -31.71 -88.87 -54.39
N ARG A 24 -32.90 -89.34 -54.74
CA ARG A 24 -33.82 -89.79 -53.68
C ARG A 24 -33.33 -91.04 -52.97
N GLN A 25 -33.60 -91.11 -51.69
CA GLN A 25 -33.24 -92.26 -50.86
C GLN A 25 -34.01 -93.45 -51.38
N ASN A 26 -35.34 -93.40 -51.20
CA ASN A 26 -36.24 -94.42 -51.70
C ASN A 26 -37.25 -93.82 -52.67
N THR A 27 -38.03 -94.69 -53.31
CA THR A 27 -38.91 -94.25 -54.40
C THR A 27 -39.96 -95.30 -54.71
N ASP A 28 -41.10 -94.85 -55.22
CA ASP A 28 -42.08 -95.76 -55.80
C ASP A 28 -42.21 -95.45 -57.29
N LEU A 29 -41.23 -94.73 -57.82
CA LEU A 29 -41.29 -94.28 -59.19
C LEU A 29 -40.24 -94.95 -60.07
N GLU A 30 -40.60 -95.15 -61.34
CA GLU A 30 -39.67 -95.65 -62.31
C GLU A 30 -39.79 -94.75 -63.52
N VAL A 31 -38.83 -93.84 -63.67
CA VAL A 31 -38.81 -93.01 -64.86
C VAL A 31 -38.34 -93.93 -65.99
N VAL A 32 -38.95 -93.79 -67.16
CA VAL A 32 -38.72 -94.76 -68.23
C VAL A 32 -38.68 -94.08 -69.59
N ALA A 33 -39.35 -92.94 -69.70
CA ALA A 33 -39.38 -92.21 -70.94
C ALA A 33 -39.32 -90.70 -70.71
N ILE A 34 -38.75 -89.99 -71.68
CA ILE A 34 -38.72 -88.53 -71.66
C ILE A 34 -39.06 -88.02 -73.06
N ASN A 35 -39.98 -87.05 -73.13
CA ASN A 35 -40.35 -86.42 -74.38
C ASN A 35 -40.00 -84.93 -74.36
N ASN A 36 -39.16 -84.48 -75.30
CA ASN A 36 -38.71 -83.08 -75.33
C ASN A 36 -38.50 -82.58 -76.79
N THR A 37 -38.71 -81.27 -77.02
CA THR A 37 -38.61 -80.70 -78.37
C THR A 37 -37.16 -80.50 -78.82
N SER A 38 -36.37 -81.56 -78.70
CA SER A 38 -34.96 -81.52 -79.04
C SER A 38 -34.44 -82.96 -79.00
N ASP A 39 -33.39 -83.24 -79.75
CA ASP A 39 -32.80 -84.59 -79.80
C ASP A 39 -32.27 -85.05 -78.43
N ALA A 40 -31.82 -86.31 -78.38
CA ALA A 40 -31.24 -86.86 -77.17
C ALA A 40 -29.86 -86.25 -76.92
N ARG A 41 -29.21 -85.81 -77.99
CA ARG A 41 -27.91 -85.18 -77.81
C ARG A 41 -28.06 -84.00 -76.86
N THR A 42 -28.89 -83.04 -77.24
CA THR A 42 -29.06 -81.81 -76.48
C THR A 42 -29.67 -82.12 -75.10
N ALA A 43 -30.28 -83.29 -74.96
CA ALA A 43 -30.86 -83.72 -73.68
C ALA A 43 -29.83 -84.15 -72.63
N ALA A 44 -29.05 -85.18 -72.92
CA ALA A 44 -28.06 -85.69 -71.98
C ALA A 44 -26.92 -84.69 -71.62
N HIS A 45 -26.90 -83.53 -72.28
CA HIS A 45 -25.86 -82.53 -72.08
C HIS A 45 -26.35 -81.34 -71.23
N LEU A 46 -27.58 -80.89 -71.46
CA LEU A 46 -28.21 -79.91 -70.58
C LEU A 46 -28.50 -80.53 -69.21
N LEU A 47 -28.63 -81.87 -69.19
CA LEU A 47 -28.76 -82.61 -67.93
C LEU A 47 -27.48 -82.54 -67.09
N GLU A 48 -26.37 -82.95 -67.69
CA GLU A 48 -25.10 -83.01 -66.95
C GLU A 48 -24.52 -81.63 -66.62
N TYR A 49 -24.60 -80.70 -67.57
CA TYR A 49 -23.98 -79.40 -67.39
C TYR A 49 -25.03 -78.31 -67.17
N ASP A 50 -25.12 -77.83 -65.94
CA ASP A 50 -26.15 -76.85 -65.59
C ASP A 50 -25.56 -75.58 -65.01
N SER A 51 -25.81 -74.44 -65.67
CA SER A 51 -25.33 -73.14 -65.18
C SER A 51 -25.66 -72.92 -63.72
N VAL A 52 -26.73 -73.55 -63.23
CA VAL A 52 -27.18 -73.26 -61.86
C VAL A 52 -27.00 -74.42 -60.89
N LEU A 53 -27.27 -75.64 -61.35
CA LEU A 53 -27.18 -76.78 -60.46
C LEU A 53 -25.75 -77.24 -60.27
N GLY A 54 -24.87 -76.72 -61.12
CA GLY A 54 -23.53 -77.26 -61.23
C GLY A 54 -23.62 -78.54 -62.06
N ARG A 55 -22.53 -79.29 -62.08
CA ARG A 55 -22.47 -80.49 -62.90
C ARG A 55 -23.10 -81.67 -62.15
N PHE A 56 -24.00 -82.38 -62.84
CA PHE A 56 -24.60 -83.60 -62.32
C PHE A 56 -23.53 -84.67 -62.24
N ASN A 57 -23.19 -85.07 -61.01
CA ASN A 57 -22.22 -86.13 -60.82
C ASN A 57 -22.89 -87.50 -60.89
N ALA A 58 -22.86 -88.09 -62.09
CA ALA A 58 -23.50 -89.37 -62.33
C ALA A 58 -23.09 -89.92 -63.70
N ASP A 59 -23.10 -91.25 -63.84
CA ASP A 59 -22.78 -91.86 -65.12
C ASP A 59 -23.88 -91.63 -66.16
N ILE A 60 -23.53 -90.91 -67.23
CA ILE A 60 -24.50 -90.43 -68.21
C ILE A 60 -24.12 -90.77 -69.67
N SER A 61 -25.02 -91.48 -70.37
CA SER A 61 -24.82 -91.86 -71.79
C SER A 61 -26.06 -91.60 -72.64
N TYR A 62 -25.90 -91.62 -73.97
CA TYR A 62 -27.01 -91.36 -74.87
C TYR A 62 -26.76 -91.84 -76.31
N ASP A 63 -27.81 -92.38 -76.93
CA ASP A 63 -27.80 -92.62 -78.37
C ASP A 63 -28.96 -91.86 -79.03
N GLU A 64 -29.30 -92.24 -80.25
CA GLU A 64 -30.32 -91.49 -80.98
C GLU A 64 -31.71 -91.59 -80.33
N ASN A 65 -32.02 -92.76 -79.77
CA ASN A 65 -33.36 -93.01 -79.23
C ASN A 65 -33.50 -93.02 -77.69
N SER A 66 -32.38 -93.11 -76.97
CA SER A 66 -32.41 -93.18 -75.52
C SER A 66 -31.45 -92.18 -74.83
N ILE A 67 -31.58 -92.05 -73.51
CA ILE A 67 -30.49 -91.56 -72.65
C ILE A 67 -30.41 -92.48 -71.44
N THR A 68 -29.25 -92.55 -70.79
CA THR A 68 -29.06 -93.51 -69.70
C THR A 68 -28.24 -92.90 -68.57
N VAL A 69 -28.70 -93.12 -67.33
CA VAL A 69 -28.11 -92.49 -66.16
C VAL A 69 -27.96 -93.50 -65.03
N ASN A 70 -26.72 -93.79 -64.66
CA ASN A 70 -26.43 -94.69 -63.55
C ASN A 70 -27.19 -96.00 -63.69
N GLY A 71 -26.80 -96.77 -64.70
CA GLY A 71 -27.52 -97.98 -65.06
C GLY A 71 -28.78 -97.60 -65.81
N LYS A 72 -29.78 -97.12 -65.07
CA LYS A 72 -31.12 -96.86 -65.60
C LYS A 72 -31.14 -96.24 -67.00
N THR A 73 -31.87 -96.89 -67.89
CA THR A 73 -32.08 -96.38 -69.24
C THR A 73 -33.52 -95.90 -69.41
N MET A 74 -33.64 -94.70 -69.97
CA MET A 74 -34.94 -94.13 -70.25
C MET A 74 -35.19 -94.30 -71.74
N LYS A 75 -36.18 -93.62 -72.27
CA LYS A 75 -36.42 -93.66 -73.70
C LYS A 75 -36.71 -92.24 -74.13
N ILE A 76 -36.09 -91.81 -75.22
CA ILE A 76 -36.29 -90.45 -75.69
C ILE A 76 -37.24 -90.45 -76.86
N VAL A 77 -38.13 -89.46 -76.89
CA VAL A 77 -39.04 -89.31 -78.01
C VAL A 77 -39.00 -87.86 -78.40
N CYS A 78 -39.85 -87.47 -79.34
CA CYS A 78 -39.90 -86.09 -79.73
C CYS A 78 -41.20 -85.78 -80.45
N ASP A 79 -42.29 -85.69 -79.70
CA ASP A 79 -43.56 -85.33 -80.28
C ASP A 79 -44.12 -84.06 -79.69
N ARG A 80 -44.09 -82.99 -80.48
CA ARG A 80 -44.74 -81.76 -80.10
C ARG A 80 -46.21 -81.98 -79.70
N ASN A 81 -46.79 -83.10 -80.15
CA ASN A 81 -48.19 -83.47 -79.87
C ASN A 81 -48.29 -84.74 -79.03
N PRO A 82 -48.76 -84.61 -77.78
CA PRO A 82 -48.85 -85.75 -76.86
C PRO A 82 -49.75 -86.87 -77.39
N LEU A 83 -50.80 -86.49 -78.15
CA LEU A 83 -51.70 -87.48 -78.76
C LEU A 83 -50.94 -88.54 -79.56
N ASN A 84 -49.74 -88.19 -80.02
CA ASN A 84 -48.90 -89.14 -80.78
C ASN A 84 -47.97 -90.02 -79.94
N LEU A 85 -47.88 -89.75 -78.64
CA LEU A 85 -46.95 -90.43 -77.73
C LEU A 85 -47.34 -91.86 -77.37
N PRO A 86 -46.33 -92.74 -77.22
CA PRO A 86 -46.46 -94.19 -76.99
C PRO A 86 -46.74 -94.56 -75.55
N TRP A 87 -47.71 -93.91 -74.93
CA TRP A 87 -47.92 -94.13 -73.49
C TRP A 87 -48.65 -95.44 -73.24
N LYS A 88 -49.63 -95.75 -74.08
CA LYS A 88 -50.34 -97.03 -74.00
C LYS A 88 -49.34 -98.19 -74.08
N GLU A 89 -48.61 -98.27 -75.19
CA GLU A 89 -47.68 -99.37 -75.41
C GLU A 89 -46.59 -99.42 -74.35
N TRP A 90 -46.15 -98.23 -73.90
CA TRP A 90 -45.09 -98.18 -72.88
C TRP A 90 -45.62 -98.28 -71.45
N ASP A 91 -46.90 -98.63 -71.33
CA ASP A 91 -47.57 -98.80 -70.05
C ASP A 91 -47.19 -97.70 -69.06
N ILE A 92 -47.36 -96.45 -69.50
CA ILE A 92 -47.07 -95.28 -68.67
C ILE A 92 -48.23 -94.96 -67.74
N ASP A 93 -47.97 -95.12 -66.45
CA ASP A 93 -48.92 -94.76 -65.39
C ASP A 93 -49.06 -93.24 -65.16
N LEU A 94 -47.95 -92.55 -64.92
CA LEU A 94 -47.98 -91.09 -64.65
C LEU A 94 -47.06 -90.30 -65.58
N VAL A 95 -47.58 -89.22 -66.16
CA VAL A 95 -46.72 -88.26 -66.88
C VAL A 95 -46.54 -86.92 -66.16
N ILE A 96 -45.29 -86.53 -65.99
CA ILE A 96 -44.95 -85.22 -65.45
C ILE A 96 -45.03 -84.19 -66.56
N GLU A 97 -46.00 -83.27 -66.48
CA GLU A 97 -46.16 -82.28 -67.53
C GLU A 97 -45.32 -81.03 -67.27
N SER A 98 -44.16 -80.93 -67.90
CA SER A 98 -43.30 -79.78 -67.62
C SER A 98 -43.00 -78.86 -68.82
N THR A 99 -43.77 -78.99 -69.89
CA THR A 99 -43.62 -78.15 -71.07
C THR A 99 -44.11 -76.73 -70.84
N GLY A 100 -44.96 -76.57 -69.84
CA GLY A 100 -45.64 -75.30 -69.64
C GLY A 100 -46.76 -75.02 -70.63
N VAL A 101 -46.88 -75.87 -71.63
CA VAL A 101 -47.86 -75.61 -72.69
C VAL A 101 -49.18 -76.40 -72.55
N PHE A 102 -49.16 -77.52 -71.84
CA PHE A 102 -50.39 -78.30 -71.63
C PHE A 102 -50.92 -78.24 -70.19
N VAL A 103 -51.53 -77.10 -69.85
CA VAL A 103 -51.83 -76.80 -68.45
C VAL A 103 -53.34 -76.71 -68.20
N THR A 104 -54.11 -76.96 -69.26
CA THR A 104 -55.55 -77.10 -69.12
C THR A 104 -55.87 -78.59 -68.91
N ALA A 105 -57.03 -78.86 -68.32
CA ALA A 105 -57.49 -80.24 -68.16
C ALA A 105 -57.49 -80.98 -69.52
N GLU A 106 -57.95 -80.31 -70.58
CA GLU A 106 -57.95 -80.93 -71.91
C GLU A 106 -56.56 -81.29 -72.41
N GLY A 107 -55.67 -80.28 -72.45
CA GLY A 107 -54.37 -80.46 -73.07
C GLY A 107 -53.58 -81.51 -72.33
N ALA A 108 -53.47 -81.32 -71.02
CA ALA A 108 -52.81 -82.29 -70.15
C ALA A 108 -53.46 -83.66 -70.34
N SER A 109 -54.75 -83.66 -70.64
CA SER A 109 -55.46 -84.93 -70.82
C SER A 109 -55.13 -85.65 -72.13
N LYS A 110 -54.55 -84.94 -73.11
CA LYS A 110 -54.08 -85.61 -74.33
C LYS A 110 -53.19 -86.79 -73.98
N HIS A 111 -52.38 -86.64 -72.92
CA HIS A 111 -51.55 -87.73 -72.44
C HIS A 111 -52.39 -88.92 -72.00
N ILE A 112 -53.62 -88.64 -71.55
CA ILE A 112 -54.52 -89.74 -71.18
C ILE A 112 -54.97 -90.52 -72.44
N GLN A 113 -55.45 -89.81 -73.45
CA GLN A 113 -55.83 -90.44 -74.68
C GLN A 113 -54.71 -91.33 -75.16
N ALA A 114 -53.48 -90.86 -75.03
CA ALA A 114 -52.31 -91.57 -75.55
C ALA A 114 -51.91 -92.78 -74.71
N GLY A 115 -52.65 -93.03 -73.63
CA GLY A 115 -52.44 -94.26 -72.88
C GLY A 115 -52.05 -94.12 -71.43
N ALA A 116 -51.80 -92.88 -70.99
CA ALA A 116 -51.42 -92.66 -69.61
C ALA A 116 -52.64 -92.62 -68.67
N LYS A 117 -52.44 -93.01 -67.42
CA LYS A 117 -53.53 -92.97 -66.45
C LYS A 117 -53.63 -91.65 -65.70
N LYS A 118 -52.50 -91.04 -65.33
CA LYS A 118 -52.54 -89.80 -64.56
C LYS A 118 -51.45 -88.79 -64.99
N VAL A 119 -51.79 -87.50 -64.96
CA VAL A 119 -50.83 -86.47 -65.35
C VAL A 119 -50.66 -85.37 -64.31
N LEU A 120 -49.40 -85.04 -64.06
CA LEU A 120 -49.07 -84.10 -63.01
C LEU A 120 -48.46 -82.85 -63.62
N ILE A 121 -49.25 -81.78 -63.74
CA ILE A 121 -48.76 -80.51 -64.30
C ILE A 121 -47.81 -79.87 -63.30
N THR A 122 -46.60 -79.56 -63.76
CA THR A 122 -45.64 -78.84 -62.91
C THR A 122 -45.84 -77.34 -63.08
N ALA A 123 -47.05 -76.89 -62.79
CA ALA A 123 -47.42 -75.49 -63.00
C ALA A 123 -48.88 -75.34 -62.64
N PRO A 124 -49.29 -74.11 -62.30
CA PRO A 124 -50.72 -73.91 -62.03
C PRO A 124 -51.54 -74.46 -63.20
N GLY A 125 -52.69 -75.04 -62.93
CA GLY A 125 -53.57 -75.41 -64.02
C GLY A 125 -54.43 -74.21 -64.36
N LYS A 126 -54.90 -74.13 -65.61
CA LYS A 126 -55.92 -73.14 -65.94
C LYS A 126 -57.21 -73.80 -66.43
N GLY A 127 -58.32 -73.11 -66.27
CA GLY A 127 -59.61 -73.66 -66.62
C GLY A 127 -60.06 -74.67 -65.58
N GLU A 128 -61.09 -75.45 -65.90
CA GLU A 128 -61.73 -76.31 -64.92
C GLU A 128 -61.19 -77.73 -64.95
N GLY A 129 -61.39 -78.46 -63.85
CA GLY A 129 -61.13 -79.88 -63.82
C GLY A 129 -59.72 -80.36 -63.57
N VAL A 130 -58.87 -79.49 -63.02
CA VAL A 130 -57.59 -79.92 -62.50
C VAL A 130 -57.57 -79.84 -60.98
N GLY A 131 -56.98 -80.85 -60.34
CA GLY A 131 -56.93 -80.89 -58.89
C GLY A 131 -55.58 -80.39 -58.42
N THR A 132 -55.59 -79.38 -57.54
CA THR A 132 -54.34 -78.72 -57.11
C THR A 132 -53.91 -79.11 -55.70
N TYR A 133 -52.64 -79.45 -55.56
CA TYR A 133 -52.08 -79.90 -54.31
C TYR A 133 -50.76 -79.21 -54.02
N VAL A 134 -50.57 -78.86 -52.75
CA VAL A 134 -49.31 -78.37 -52.27
C VAL A 134 -48.96 -79.23 -51.08
N ILE A 135 -47.81 -79.90 -51.16
CA ILE A 135 -47.39 -80.81 -50.12
C ILE A 135 -47.26 -80.04 -48.83
N GLY A 136 -47.74 -80.63 -47.73
CA GLY A 136 -47.65 -80.03 -46.41
C GLY A 136 -48.88 -79.22 -46.07
N VAL A 137 -49.66 -78.87 -47.10
CA VAL A 137 -50.80 -77.97 -46.92
C VAL A 137 -52.13 -78.67 -47.22
N ASN A 138 -52.10 -79.52 -48.23
CA ASN A 138 -53.29 -80.01 -48.91
C ASN A 138 -53.33 -81.53 -49.04
N ASP A 139 -52.17 -82.14 -48.88
CA ASP A 139 -51.94 -83.46 -49.40
C ASP A 139 -52.59 -84.56 -48.59
N SER A 140 -53.07 -84.22 -47.40
CA SER A 140 -53.87 -85.16 -46.62
C SER A 140 -55.21 -85.34 -47.34
N GLU A 141 -55.56 -84.33 -48.15
CA GLU A 141 -56.82 -84.27 -48.87
C GLU A 141 -56.74 -84.95 -50.26
N TYR A 142 -55.75 -85.84 -50.42
CA TYR A 142 -55.51 -86.48 -51.72
C TYR A 142 -56.22 -87.83 -51.85
N ARG A 143 -57.02 -87.95 -52.91
CA ARG A 143 -57.66 -89.21 -53.27
C ARG A 143 -57.31 -89.55 -54.73
N HIS A 144 -56.77 -90.74 -54.97
CA HIS A 144 -56.40 -91.08 -56.32
C HIS A 144 -57.49 -90.80 -57.35
N GLU A 145 -58.76 -91.03 -57.01
CA GLU A 145 -59.83 -90.93 -58.01
C GLU A 145 -60.35 -89.54 -58.31
N ASP A 146 -59.96 -88.54 -57.52
CA ASP A 146 -60.52 -87.20 -57.70
C ASP A 146 -60.13 -86.63 -59.06
N PHE A 147 -58.83 -86.65 -59.36
CA PHE A 147 -58.38 -86.05 -60.62
C PHE A 147 -57.41 -86.92 -61.39
N ALA A 148 -57.68 -87.08 -62.68
CA ALA A 148 -56.72 -87.75 -63.54
C ALA A 148 -55.66 -86.72 -63.94
N VAL A 149 -56.05 -85.44 -63.91
CA VAL A 149 -55.12 -84.33 -64.15
C VAL A 149 -54.94 -83.48 -62.91
N ILE A 150 -53.74 -83.54 -62.34
CA ILE A 150 -53.43 -82.78 -61.13
C ILE A 150 -52.35 -81.72 -61.38
N SER A 151 -52.28 -80.73 -60.49
CA SER A 151 -51.34 -79.62 -60.59
C SER A 151 -50.59 -79.49 -59.26
N ASN A 152 -49.30 -79.16 -59.33
CA ASN A 152 -48.49 -78.97 -58.13
C ASN A 152 -48.38 -77.47 -57.78
N ALA A 153 -49.22 -76.66 -58.42
CA ALA A 153 -49.23 -75.22 -58.25
C ALA A 153 -47.96 -74.55 -58.82
N SER A 154 -47.65 -73.33 -58.38
CA SER A 154 -46.41 -72.67 -58.79
C SER A 154 -45.37 -72.72 -57.66
N CYS A 155 -44.11 -72.56 -58.05
CA CYS A 155 -43.02 -72.36 -57.10
C CYS A 155 -43.38 -71.32 -56.05
N THR A 156 -44.02 -70.24 -56.47
CA THR A 156 -44.34 -69.16 -55.53
C THR A 156 -45.40 -69.60 -54.52
N THR A 157 -46.46 -70.22 -55.04
CA THR A 157 -47.55 -70.73 -54.20
C THR A 157 -47.00 -71.74 -53.19
N ASN A 158 -46.06 -72.58 -53.61
CA ASN A 158 -45.47 -73.54 -52.66
C ASN A 158 -44.66 -72.90 -51.55
N CYS A 159 -44.12 -71.72 -51.81
CA CYS A 159 -43.37 -71.02 -50.77
C CYS A 159 -44.36 -70.36 -49.83
N LEU A 160 -45.35 -69.73 -50.43
CA LEU A 160 -46.34 -68.95 -49.72
C LEU A 160 -47.31 -69.78 -48.92
N ALA A 161 -47.80 -70.88 -49.49
CA ALA A 161 -48.92 -71.61 -48.90
C ALA A 161 -48.57 -72.25 -47.55
N PRO A 162 -47.38 -72.89 -47.44
CA PRO A 162 -47.11 -73.48 -46.14
C PRO A 162 -46.99 -72.40 -45.03
N VAL A 163 -46.42 -71.25 -45.35
CA VAL A 163 -46.31 -70.15 -44.37
C VAL A 163 -47.68 -69.60 -44.02
N ALA A 164 -48.53 -69.37 -45.04
CA ALA A 164 -49.91 -68.98 -44.76
C ALA A 164 -50.57 -69.98 -43.85
N LYS A 165 -50.44 -71.27 -44.17
CA LYS A 165 -51.11 -72.26 -43.35
C LYS A 165 -50.73 -72.12 -41.86
N VAL A 166 -49.43 -72.13 -41.56
CA VAL A 166 -48.96 -72.06 -40.19
C VAL A 166 -49.42 -70.78 -39.48
N LEU A 167 -49.25 -69.64 -40.17
CA LEU A 167 -49.71 -68.36 -39.67
C LEU A 167 -51.21 -68.37 -39.36
N HIS A 168 -51.99 -68.95 -40.27
CA HIS A 168 -53.44 -69.07 -40.10
C HIS A 168 -53.81 -70.02 -38.92
N ASP A 169 -53.25 -71.23 -38.92
CA ASP A 169 -53.54 -72.17 -37.85
C ASP A 169 -53.17 -71.60 -36.46
N ASN A 170 -52.26 -70.63 -36.42
CA ASN A 170 -51.80 -70.12 -35.15
C ASN A 170 -52.36 -68.74 -34.72
N PHE A 171 -52.80 -67.94 -35.67
CA PHE A 171 -53.17 -66.56 -35.36
C PHE A 171 -54.43 -66.09 -36.08
N GLY A 172 -54.91 -66.90 -37.03
CA GLY A 172 -56.05 -66.51 -37.83
C GLY A 172 -55.81 -65.32 -38.76
N ILE A 173 -55.64 -65.62 -40.05
CA ILE A 173 -55.53 -64.61 -41.10
C ILE A 173 -56.88 -63.97 -41.46
N ILE A 174 -56.92 -62.63 -41.40
CA ILE A 174 -58.11 -61.86 -41.78
C ILE A 174 -58.04 -61.40 -43.23
N LYS A 175 -56.86 -60.91 -43.61
CA LYS A 175 -56.59 -60.51 -44.98
C LYS A 175 -55.11 -60.19 -45.04
N GLY A 176 -54.62 -59.99 -46.25
CA GLY A 176 -53.23 -59.73 -46.40
C GLY A 176 -52.84 -59.58 -47.83
N THR A 177 -51.52 -59.50 -48.03
CA THR A 177 -50.96 -59.06 -49.29
C THR A 177 -49.52 -59.51 -49.31
N MET A 178 -48.98 -59.64 -50.50
CA MET A 178 -47.73 -60.37 -50.70
C MET A 178 -47.05 -59.82 -51.92
N THR A 179 -45.73 -59.74 -51.85
CA THR A 179 -44.93 -59.43 -53.01
C THR A 179 -43.90 -60.54 -53.18
N THR A 180 -43.73 -61.04 -54.40
CA THR A 180 -42.60 -61.95 -54.63
C THR A 180 -41.52 -61.28 -55.46
N THR A 181 -40.29 -61.40 -54.97
CA THR A 181 -39.12 -60.90 -55.71
C THR A 181 -38.52 -62.16 -56.31
N HIS A 182 -38.68 -62.28 -57.62
CA HIS A 182 -38.45 -63.55 -58.29
C HIS A 182 -37.27 -63.44 -59.25
N SER A 183 -36.41 -64.45 -59.24
CA SER A 183 -35.42 -64.58 -60.29
C SER A 183 -36.14 -64.68 -61.65
N TYR A 184 -35.59 -64.07 -62.69
CA TYR A 184 -36.26 -64.13 -63.97
C TYR A 184 -36.41 -65.59 -64.42
N THR A 185 -37.29 -65.82 -65.39
CA THR A 185 -37.50 -67.16 -65.91
C THR A 185 -37.41 -67.11 -67.42
N LEU A 186 -37.66 -68.23 -68.08
CA LEU A 186 -37.65 -68.30 -69.54
C LEU A 186 -38.87 -67.62 -70.19
N ASP A 187 -39.90 -67.36 -69.38
CA ASP A 187 -41.07 -66.61 -69.87
C ASP A 187 -40.74 -65.12 -70.06
N GLN A 188 -39.58 -64.70 -69.57
CA GLN A 188 -39.13 -63.31 -69.79
C GLN A 188 -38.23 -63.21 -71.03
N ARG A 189 -37.82 -61.99 -71.37
CA ARG A 189 -36.96 -61.76 -72.51
C ARG A 189 -35.59 -61.25 -72.03
N ILE A 190 -34.50 -61.77 -72.61
CA ILE A 190 -33.17 -61.24 -72.27
C ILE A 190 -33.00 -59.80 -72.75
N LEU A 191 -33.68 -59.44 -73.84
CA LEU A 191 -33.71 -58.06 -74.33
C LEU A 191 -35.15 -57.63 -74.64
N ASP A 192 -35.38 -56.33 -74.82
CA ASP A 192 -36.70 -55.83 -75.23
C ASP A 192 -37.21 -56.57 -76.50
N ALA A 193 -38.18 -57.46 -76.32
CA ALA A 193 -38.83 -58.24 -77.41
C ALA A 193 -40.31 -58.46 -77.07
N SER A 194 -41.12 -58.72 -78.10
CA SER A 194 -42.57 -58.88 -77.94
C SER A 194 -43.00 -59.99 -76.95
N HIS A 195 -44.01 -59.66 -76.15
CA HIS A 195 -44.56 -60.53 -75.10
C HIS A 195 -45.99 -60.07 -74.79
N ARG A 196 -46.88 -61.01 -74.47
CA ARG A 196 -48.28 -60.65 -74.14
C ARG A 196 -48.34 -59.67 -72.97
N ASP A 197 -47.34 -59.75 -72.08
CA ASP A 197 -47.15 -58.82 -70.98
C ASP A 197 -46.16 -57.76 -71.43
N LEU A 198 -46.64 -56.52 -71.53
CA LEU A 198 -45.85 -55.38 -72.04
C LEU A 198 -44.63 -55.08 -71.14
N ARG A 199 -44.63 -55.63 -69.94
CA ARG A 199 -43.52 -55.53 -69.01
C ARG A 199 -42.51 -56.71 -69.15
N ARG A 200 -43.01 -57.94 -69.26
CA ARG A 200 -42.14 -59.11 -69.49
C ARG A 200 -41.53 -59.07 -70.90
N ALA A 201 -41.99 -58.13 -71.72
CA ALA A 201 -41.38 -57.86 -73.01
C ALA A 201 -39.93 -57.32 -72.86
N ARG A 202 -39.60 -56.81 -71.68
CA ARG A 202 -38.43 -55.95 -71.54
C ARG A 202 -37.21 -56.65 -70.93
N ALA A 203 -36.02 -56.23 -71.36
CA ALA A 203 -34.75 -56.88 -70.99
C ALA A 203 -34.67 -57.33 -69.52
N ALA A 204 -34.78 -58.63 -69.29
CA ALA A 204 -34.84 -59.17 -67.93
C ALA A 204 -33.60 -58.91 -67.06
N ALA A 205 -32.41 -58.92 -67.64
CA ALA A 205 -31.19 -58.93 -66.83
C ALA A 205 -30.74 -57.53 -66.41
N VAL A 206 -31.44 -56.51 -66.91
CA VAL A 206 -31.10 -55.13 -66.57
C VAL A 206 -32.34 -54.34 -66.11
N ASN A 207 -33.36 -55.05 -65.64
CA ASN A 207 -34.56 -54.40 -65.11
C ASN A 207 -35.14 -55.09 -63.89
N ILE A 208 -35.76 -54.28 -63.03
CA ILE A 208 -36.76 -54.77 -62.11
C ILE A 208 -38.07 -54.68 -62.90
N VAL A 209 -38.69 -55.82 -63.19
CA VAL A 209 -39.93 -55.78 -63.97
C VAL A 209 -41.16 -56.26 -63.19
N PRO A 210 -42.16 -55.37 -63.06
CA PRO A 210 -43.31 -55.81 -62.28
C PRO A 210 -44.10 -56.77 -63.13
N THR A 211 -44.71 -57.78 -62.51
CA THR A 211 -45.59 -58.64 -63.26
C THR A 211 -46.68 -59.19 -62.35
N THR A 212 -47.70 -59.80 -62.94
CA THR A 212 -48.77 -60.42 -62.17
C THR A 212 -48.32 -61.76 -61.61
N THR A 213 -49.04 -62.22 -60.59
CA THR A 213 -48.83 -63.53 -60.00
C THR A 213 -50.20 -64.04 -59.56
N GLY A 214 -50.50 -65.30 -59.86
CA GLY A 214 -51.74 -65.90 -59.40
C GLY A 214 -51.59 -66.51 -58.01
N ALA A 215 -50.39 -66.41 -57.45
CA ALA A 215 -50.02 -67.21 -56.29
C ALA A 215 -50.84 -66.92 -55.02
N ALA A 216 -51.17 -65.67 -54.79
CA ALA A 216 -51.85 -65.31 -53.56
C ALA A 216 -53.28 -65.83 -53.60
N LYS A 217 -53.89 -65.76 -54.78
CA LYS A 217 -55.20 -66.35 -55.01
C LYS A 217 -55.11 -67.88 -54.95
N ALA A 218 -54.20 -68.47 -55.72
CA ALA A 218 -53.97 -69.92 -55.64
C ALA A 218 -53.94 -70.52 -54.21
N VAL A 219 -53.48 -69.78 -53.19
CA VAL A 219 -53.44 -70.39 -51.86
C VAL A 219 -54.86 -70.79 -51.47
N ALA A 220 -55.82 -70.05 -52.01
CA ALA A 220 -57.23 -70.34 -51.76
C ALA A 220 -57.60 -71.76 -52.21
N LEU A 221 -56.97 -72.19 -53.29
CA LEU A 221 -57.22 -73.52 -53.83
C LEU A 221 -56.84 -74.58 -52.82
N VAL A 222 -55.77 -74.33 -52.07
CA VAL A 222 -55.29 -75.35 -51.14
C VAL A 222 -55.59 -75.01 -49.68
N ILE A 223 -56.01 -73.76 -49.45
CA ILE A 223 -56.54 -73.32 -48.14
C ILE A 223 -57.75 -72.42 -48.37
N PRO A 224 -58.89 -73.04 -48.68
CA PRO A 224 -60.16 -72.42 -49.10
C PRO A 224 -60.70 -71.40 -48.11
N GLU A 225 -60.30 -71.51 -46.83
CA GLU A 225 -60.60 -70.48 -45.84
C GLU A 225 -59.97 -69.13 -46.16
N LEU A 226 -58.92 -69.12 -46.97
CA LEU A 226 -58.24 -67.85 -47.26
C LEU A 226 -58.71 -67.28 -48.59
N LYS A 227 -59.77 -67.88 -49.13
CA LYS A 227 -60.37 -67.41 -50.36
C LYS A 227 -60.68 -65.90 -50.32
N GLY A 228 -60.15 -65.15 -51.28
CA GLY A 228 -60.38 -63.72 -51.32
C GLY A 228 -59.67 -62.95 -50.20
N LYS A 229 -58.77 -63.60 -49.48
CA LYS A 229 -58.13 -62.91 -48.37
C LYS A 229 -56.69 -62.45 -48.67
N LEU A 230 -56.17 -62.86 -49.83
CA LEU A 230 -54.81 -62.56 -50.23
C LEU A 230 -54.71 -62.00 -51.64
N ASN A 231 -53.97 -60.91 -51.80
CA ASN A 231 -53.62 -60.44 -53.14
C ASN A 231 -52.09 -60.34 -53.25
N GLY A 232 -51.60 -60.05 -54.45
CA GLY A 232 -50.18 -59.79 -54.59
C GLY A 232 -49.69 -59.38 -55.95
N ILE A 233 -48.36 -59.20 -56.02
CA ILE A 233 -47.70 -58.86 -57.27
C ILE A 233 -46.32 -59.47 -57.23
N ALA A 234 -45.72 -59.66 -58.39
CA ALA A 234 -44.35 -60.16 -58.47
C ALA A 234 -43.40 -59.08 -58.97
N LEU A 235 -42.13 -59.20 -58.63
CA LEU A 235 -41.12 -58.32 -59.19
C LEU A 235 -39.98 -59.20 -59.70
N ARG A 236 -39.79 -59.24 -61.02
CA ARG A 236 -38.69 -59.99 -61.56
C ARG A 236 -37.41 -59.17 -61.42
N VAL A 237 -36.39 -59.77 -60.80
CA VAL A 237 -35.07 -59.15 -60.77
C VAL A 237 -34.02 -60.03 -61.45
N PRO A 238 -32.93 -59.41 -61.89
CA PRO A 238 -31.90 -60.18 -62.58
C PRO A 238 -31.05 -61.03 -61.64
N THR A 239 -31.65 -62.07 -61.07
CA THR A 239 -30.93 -63.23 -60.57
C THR A 239 -31.43 -64.39 -61.44
N PRO A 240 -30.65 -65.48 -61.53
CA PRO A 240 -31.08 -66.60 -62.39
C PRO A 240 -31.88 -67.64 -61.60
N ASN A 241 -31.61 -67.74 -60.30
CA ASN A 241 -32.34 -68.63 -59.40
C ASN A 241 -32.39 -68.07 -57.95
N VAL A 242 -33.16 -68.76 -57.09
CA VAL A 242 -33.68 -68.25 -55.80
C VAL A 242 -34.49 -66.95 -55.83
N SER A 243 -35.56 -66.96 -55.03
CA SER A 243 -36.59 -65.95 -55.09
C SER A 243 -37.04 -65.75 -53.67
N VAL A 244 -37.92 -64.80 -53.44
CA VAL A 244 -38.32 -64.54 -52.06
C VAL A 244 -39.76 -64.12 -51.99
N VAL A 245 -40.45 -64.52 -50.93
CA VAL A 245 -41.80 -64.05 -50.69
C VAL A 245 -41.76 -63.06 -49.53
N ASP A 246 -42.52 -61.99 -49.65
CA ASP A 246 -42.64 -60.98 -48.60
C ASP A 246 -44.14 -60.93 -48.30
N LEU A 247 -44.54 -61.54 -47.18
CA LEU A 247 -45.98 -61.70 -46.88
C LEU A 247 -46.40 -60.84 -45.70
N VAL A 248 -47.43 -60.02 -45.91
CA VAL A 248 -47.95 -59.18 -44.82
C VAL A 248 -49.41 -59.50 -44.55
N VAL A 249 -49.69 -59.93 -43.32
CA VAL A 249 -51.05 -60.33 -42.94
C VAL A 249 -51.59 -59.61 -41.69
N GLN A 250 -52.82 -59.13 -41.80
CA GLN A 250 -53.55 -58.75 -40.59
C GLN A 250 -54.07 -60.01 -39.88
N VAL A 251 -53.64 -60.18 -38.66
CA VAL A 251 -53.88 -61.41 -37.93
C VAL A 251 -54.88 -61.19 -36.79
N GLU A 252 -55.58 -62.26 -36.39
CA GLU A 252 -56.68 -62.12 -35.43
C GLU A 252 -56.19 -62.17 -33.98
N LYS A 253 -55.24 -63.05 -33.69
CA LYS A 253 -54.68 -63.14 -32.36
C LYS A 253 -53.42 -62.27 -32.26
N PRO A 254 -53.39 -61.32 -31.30
CA PRO A 254 -52.25 -60.42 -31.11
C PRO A 254 -51.02 -61.20 -30.65
N THR A 255 -49.87 -60.93 -31.26
CA THR A 255 -48.71 -61.77 -31.04
C THR A 255 -47.45 -60.90 -31.06
N ILE A 256 -46.30 -61.55 -30.86
CA ILE A 256 -45.02 -60.87 -31.02
C ILE A 256 -44.06 -61.61 -31.98
N THR A 257 -43.07 -60.87 -32.47
CA THR A 257 -42.07 -61.40 -33.38
C THR A 257 -41.48 -62.72 -32.89
N GLU A 258 -41.04 -62.77 -31.65
CA GLU A 258 -40.45 -63.97 -31.10
C GLU A 258 -41.39 -65.15 -31.30
N GLN A 259 -42.68 -64.90 -31.11
CA GLN A 259 -43.68 -65.95 -31.05
C GLN A 259 -44.01 -66.49 -32.44
N VAL A 260 -44.32 -65.59 -33.39
CA VAL A 260 -44.52 -66.04 -34.75
C VAL A 260 -43.28 -66.76 -35.27
N ASN A 261 -42.09 -66.28 -34.88
CA ASN A 261 -40.87 -67.03 -35.19
C ASN A 261 -40.88 -68.42 -34.54
N GLU A 262 -41.17 -68.46 -33.24
CA GLU A 262 -41.36 -69.72 -32.51
C GLU A 262 -42.27 -70.72 -33.24
N VAL A 263 -43.47 -70.28 -33.65
CA VAL A 263 -44.40 -71.19 -34.29
C VAL A 263 -43.89 -71.67 -35.65
N LEU A 264 -43.24 -70.77 -36.40
CA LEU A 264 -42.67 -71.14 -37.70
C LEU A 264 -41.56 -72.18 -37.53
N GLN A 265 -40.73 -71.98 -36.51
CA GLN A 265 -39.66 -72.91 -36.20
C GLN A 265 -40.20 -74.26 -35.77
N LYS A 266 -41.14 -74.24 -34.83
CA LYS A 266 -41.86 -75.44 -34.42
C LYS A 266 -42.26 -76.19 -35.68
N ALA A 267 -43.07 -75.57 -36.54
CA ALA A 267 -43.54 -76.20 -37.76
C ALA A 267 -42.40 -76.83 -38.58
N SER A 268 -41.30 -76.10 -38.74
CA SER A 268 -40.17 -76.59 -39.51
C SER A 268 -39.63 -77.87 -38.90
N GLN A 269 -39.91 -78.07 -37.62
CA GLN A 269 -39.40 -79.22 -36.90
C GLN A 269 -40.43 -80.37 -36.87
N THR A 270 -41.67 -80.06 -37.20
CA THR A 270 -42.77 -80.99 -36.98
C THR A 270 -43.74 -81.12 -38.15
N THR A 271 -44.88 -80.46 -38.07
CA THR A 271 -45.90 -80.64 -39.09
C THR A 271 -45.41 -80.17 -40.45
N MET A 272 -44.34 -79.38 -40.47
CA MET A 272 -43.80 -78.88 -41.71
C MET A 272 -42.37 -79.33 -41.98
N LYS A 273 -41.88 -80.35 -41.27
CA LYS A 273 -40.54 -80.88 -41.56
C LYS A 273 -40.41 -81.23 -43.05
N GLY A 274 -39.33 -80.75 -43.67
CA GLY A 274 -39.07 -80.96 -45.09
C GLY A 274 -39.68 -79.92 -46.03
N ILE A 275 -40.67 -79.16 -45.53
CA ILE A 275 -41.36 -78.18 -46.39
C ILE A 275 -40.97 -76.74 -46.02
N ILE A 276 -40.98 -76.45 -44.72
CA ILE A 276 -40.49 -75.19 -44.20
C ILE A 276 -39.12 -75.37 -43.54
N LYS A 277 -38.14 -74.59 -43.99
CA LYS A 277 -36.86 -74.49 -43.29
C LYS A 277 -36.86 -73.21 -42.47
N TYR A 278 -36.27 -73.25 -41.28
CA TYR A 278 -36.19 -72.08 -40.41
C TYR A 278 -34.76 -71.54 -40.38
N SER A 279 -34.54 -70.38 -40.99
CA SER A 279 -33.18 -69.82 -41.07
C SER A 279 -33.02 -68.65 -40.12
N ASP A 280 -32.14 -68.79 -39.13
CA ASP A 280 -31.87 -67.65 -38.24
C ASP A 280 -30.51 -66.99 -38.49
N LEU A 281 -29.79 -67.48 -39.51
CA LEU A 281 -28.46 -66.96 -39.84
C LEU A 281 -28.55 -65.85 -40.87
N PRO A 282 -27.58 -64.92 -40.85
CA PRO A 282 -27.58 -63.74 -41.73
C PRO A 282 -27.09 -64.10 -43.12
N LEU A 283 -28.00 -64.55 -43.98
CA LEU A 283 -27.61 -65.10 -45.26
C LEU A 283 -28.20 -64.32 -46.43
N VAL A 284 -27.80 -64.73 -47.63
CA VAL A 284 -28.22 -64.05 -48.86
C VAL A 284 -28.68 -65.11 -49.88
N SER A 285 -29.23 -64.64 -50.99
CA SER A 285 -29.95 -65.46 -51.93
C SER A 285 -29.17 -66.68 -52.44
N SER A 286 -27.91 -66.47 -52.85
CA SER A 286 -27.13 -67.60 -53.35
C SER A 286 -26.96 -68.71 -52.31
N ASP A 287 -27.08 -68.41 -51.02
CA ASP A 287 -26.85 -69.41 -49.97
C ASP A 287 -27.95 -70.47 -49.90
N PHE A 288 -29.04 -70.24 -50.62
CA PHE A 288 -30.10 -71.21 -50.57
C PHE A 288 -30.22 -72.02 -51.88
N ARG A 289 -29.22 -71.93 -52.76
CA ARG A 289 -29.23 -72.78 -53.97
C ARG A 289 -29.16 -74.26 -53.57
N GLY A 290 -30.08 -75.05 -54.12
CA GLY A 290 -30.11 -76.47 -53.84
C GLY A 290 -30.69 -76.86 -52.49
N THR A 291 -31.33 -75.93 -51.80
CA THR A 291 -32.05 -76.25 -50.57
C THR A 291 -33.33 -77.02 -50.89
N ASP A 292 -33.57 -78.11 -50.17
CA ASP A 292 -34.75 -78.96 -50.47
C ASP A 292 -36.15 -78.42 -50.14
N GLU A 293 -36.26 -77.61 -49.07
CA GLU A 293 -37.57 -77.16 -48.57
C GLU A 293 -38.26 -76.19 -49.54
N SER A 294 -39.51 -75.81 -49.27
CA SER A 294 -40.26 -75.00 -50.25
C SER A 294 -40.38 -73.54 -49.79
N SER A 295 -40.25 -73.35 -48.50
CA SER A 295 -40.23 -72.02 -47.89
C SER A 295 -39.08 -72.01 -46.92
N ILE A 296 -38.20 -71.01 -47.04
CA ILE A 296 -37.13 -70.83 -46.10
C ILE A 296 -37.36 -69.52 -45.34
N VAL A 297 -37.86 -69.63 -44.12
CA VAL A 297 -38.17 -68.46 -43.32
C VAL A 297 -36.90 -67.80 -42.78
N ASP A 298 -36.76 -66.50 -43.06
CA ASP A 298 -35.65 -65.70 -42.55
C ASP A 298 -36.11 -65.03 -41.25
N SER A 299 -35.94 -65.73 -40.13
CA SER A 299 -36.51 -65.28 -38.86
C SER A 299 -36.07 -63.88 -38.46
N SER A 300 -34.85 -63.49 -38.82
CA SER A 300 -34.40 -62.17 -38.37
C SER A 300 -35.16 -61.08 -39.11
N LEU A 301 -35.85 -61.45 -40.19
CA LEU A 301 -36.64 -60.50 -40.98
C LEU A 301 -38.13 -60.42 -40.58
N THR A 302 -38.53 -61.27 -39.64
CA THR A 302 -39.94 -61.26 -39.23
C THR A 302 -40.27 -59.99 -38.44
N LEU A 303 -41.47 -59.46 -38.67
CA LEU A 303 -41.89 -58.18 -38.10
C LEU A 303 -43.34 -58.25 -37.59
N VAL A 304 -43.64 -57.56 -36.48
CA VAL A 304 -45.03 -57.41 -36.03
C VAL A 304 -45.34 -55.96 -35.58
N MET A 305 -46.27 -55.32 -36.29
CA MET A 305 -46.75 -53.98 -35.94
C MET A 305 -48.00 -54.00 -35.07
N ASP A 306 -47.94 -53.32 -33.91
CA ASP A 306 -49.03 -53.27 -32.93
C ASP A 306 -49.80 -54.56 -32.74
N GLY A 307 -49.06 -55.65 -32.48
CA GLY A 307 -49.62 -56.91 -32.03
C GLY A 307 -50.26 -57.82 -33.09
N ASP A 308 -50.72 -57.23 -34.20
CA ASP A 308 -51.56 -57.98 -35.12
C ASP A 308 -51.34 -57.71 -36.62
N LEU A 309 -50.24 -57.05 -37.00
CA LEU A 309 -49.93 -56.90 -38.43
C LEU A 309 -48.57 -57.56 -38.65
N VAL A 310 -48.56 -58.81 -39.11
CA VAL A 310 -47.28 -59.52 -39.17
C VAL A 310 -46.70 -59.62 -40.57
N LYS A 311 -45.38 -59.60 -40.64
CA LYS A 311 -44.63 -59.70 -41.89
C LYS A 311 -43.63 -60.83 -41.72
N VAL A 312 -43.63 -61.78 -42.63
CA VAL A 312 -42.54 -62.75 -42.68
C VAL A 312 -41.97 -62.84 -44.09
N ILE A 313 -40.67 -63.07 -44.17
CA ILE A 313 -40.01 -63.14 -45.45
C ILE A 313 -39.52 -64.58 -45.56
N ALA A 314 -39.84 -65.19 -46.70
CA ALA A 314 -39.40 -66.57 -46.97
C ALA A 314 -38.73 -66.71 -48.34
N TRP A 315 -37.58 -67.37 -48.33
CA TRP A 315 -36.79 -67.65 -49.54
C TRP A 315 -37.28 -68.94 -50.22
N TYR A 316 -36.93 -69.10 -51.47
CA TYR A 316 -37.13 -70.39 -52.06
C TYR A 316 -36.29 -70.56 -53.32
N ASP A 317 -35.79 -71.78 -53.48
CA ASP A 317 -35.15 -72.17 -54.71
C ASP A 317 -36.27 -72.48 -55.71
N ASN A 318 -36.60 -71.49 -56.53
CA ASN A 318 -37.81 -71.59 -57.35
C ASN A 318 -37.82 -72.74 -58.33
N GLU A 319 -36.65 -73.32 -58.57
CA GLU A 319 -36.55 -74.48 -59.48
C GLU A 319 -36.40 -75.78 -58.69
N TRP A 320 -35.34 -75.84 -57.88
CA TRP A 320 -34.97 -77.07 -57.17
C TRP A 320 -35.95 -77.48 -56.06
N GLY A 321 -36.30 -76.51 -55.21
CA GLY A 321 -37.21 -76.79 -54.11
C GLY A 321 -38.60 -77.19 -54.61
N TYR A 322 -39.08 -76.46 -55.61
CA TYR A 322 -40.31 -76.81 -56.26
C TYR A 322 -40.24 -78.25 -56.83
N SER A 323 -39.07 -78.66 -57.31
CA SER A 323 -38.97 -79.96 -57.98
C SER A 323 -38.95 -81.11 -56.98
N GLN A 324 -38.51 -80.82 -55.76
CA GLN A 324 -38.59 -81.82 -54.70
C GLN A 324 -40.04 -82.08 -54.31
N ARG A 325 -40.87 -81.04 -54.44
CA ARG A 325 -42.29 -81.16 -54.13
C ARG A 325 -43.01 -81.92 -55.23
N VAL A 326 -42.74 -81.60 -56.50
CA VAL A 326 -43.37 -82.35 -57.56
C VAL A 326 -42.98 -83.82 -57.48
N VAL A 327 -41.71 -84.12 -57.17
CA VAL A 327 -41.34 -85.50 -56.83
C VAL A 327 -42.25 -86.03 -55.72
N ASP A 328 -42.34 -85.30 -54.61
CA ASP A 328 -43.15 -85.72 -53.46
C ASP A 328 -44.58 -86.04 -53.85
N LEU A 329 -45.18 -85.15 -54.65
CA LEU A 329 -46.55 -85.32 -55.07
C LEU A 329 -46.64 -86.62 -55.90
N ALA A 330 -45.67 -86.83 -56.77
CA ALA A 330 -45.66 -88.05 -57.59
C ALA A 330 -45.58 -89.30 -56.73
N GLU A 331 -44.69 -89.30 -55.73
CA GLU A 331 -44.56 -90.40 -54.77
C GLU A 331 -45.87 -90.66 -54.04
N LEU A 332 -46.52 -89.57 -53.62
CA LEU A 332 -47.86 -89.66 -53.01
C LEU A 332 -48.91 -90.27 -53.97
N ALA A 333 -48.88 -89.86 -55.24
CA ALA A 333 -49.83 -90.38 -56.21
C ALA A 333 -49.59 -91.86 -56.31
N ALA A 334 -48.31 -92.24 -56.31
CA ALA A 334 -47.93 -93.64 -56.39
C ALA A 334 -48.49 -94.42 -55.22
N ARG A 335 -48.17 -93.97 -54.01
CA ARG A 335 -48.58 -94.66 -52.81
C ARG A 335 -50.09 -94.74 -52.63
N LYS A 336 -50.83 -93.87 -53.30
CA LYS A 336 -52.27 -93.77 -53.06
C LYS A 336 -53.10 -94.26 -54.24
N TRP A 337 -52.39 -94.77 -55.24
CA TRP A 337 -53.00 -95.19 -56.50
C TRP A 337 -54.15 -96.18 -56.26
N ALA A 338 -55.39 -95.74 -56.45
CA ALA A 338 -56.55 -96.57 -56.10
C ALA A 338 -57.03 -97.44 -57.26
N MET B 1 -29.03 -14.85 -48.52
CA MET B 1 -28.40 -14.20 -49.68
C MET B 1 -28.40 -15.13 -50.91
N THR B 2 -27.49 -14.85 -51.85
CA THR B 2 -26.94 -15.90 -52.71
C THR B 2 -25.81 -16.50 -51.89
N ILE B 3 -25.80 -17.83 -51.73
CA ILE B 3 -24.86 -18.40 -50.77
C ILE B 3 -23.72 -19.14 -51.42
N ARG B 4 -22.58 -19.15 -50.75
CA ARG B 4 -21.39 -19.85 -51.22
C ARG B 4 -21.38 -21.30 -50.71
N VAL B 5 -21.19 -22.25 -51.63
CA VAL B 5 -21.32 -23.68 -51.35
C VAL B 5 -20.04 -24.47 -51.66
N ALA B 6 -19.66 -25.34 -50.74
CA ALA B 6 -18.59 -26.31 -51.00
C ALA B 6 -19.14 -27.74 -50.95
N ILE B 7 -18.58 -28.58 -51.81
CA ILE B 7 -18.97 -29.96 -51.89
C ILE B 7 -17.88 -30.77 -51.22
N ASN B 8 -18.21 -31.43 -50.12
CA ASN B 8 -17.23 -32.33 -49.50
C ASN B 8 -17.47 -33.77 -49.92
N GLY B 9 -16.62 -34.26 -50.82
CA GLY B 9 -16.73 -35.63 -51.29
C GLY B 9 -17.45 -35.73 -52.63
N PHE B 10 -16.69 -35.91 -53.70
CA PHE B 10 -17.20 -35.79 -55.07
C PHE B 10 -17.60 -37.15 -55.66
N GLY B 11 -18.47 -37.88 -54.98
CA GLY B 11 -18.87 -39.19 -55.47
C GLY B 11 -20.16 -39.15 -56.25
N ARG B 12 -20.92 -40.24 -56.21
CA ARG B 12 -22.16 -40.31 -56.97
C ARG B 12 -23.05 -39.11 -56.63
N ILE B 13 -23.26 -38.89 -55.33
CA ILE B 13 -24.17 -37.82 -54.90
C ILE B 13 -23.53 -36.49 -55.19
N GLY B 14 -22.27 -36.34 -54.80
CA GLY B 14 -21.53 -35.13 -55.11
C GLY B 14 -21.64 -34.71 -56.58
N ARG B 15 -21.39 -35.64 -57.51
CA ARG B 15 -21.38 -35.29 -58.94
C ARG B 15 -22.79 -35.07 -59.50
N ASN B 16 -23.72 -35.93 -59.10
CA ASN B 16 -25.12 -35.70 -59.45
C ASN B 16 -25.53 -34.27 -59.05
N PHE B 17 -25.19 -33.89 -57.81
CA PHE B 17 -25.52 -32.57 -57.29
C PHE B 17 -25.03 -31.45 -58.20
N LEU B 18 -23.75 -31.49 -58.58
CA LEU B 18 -23.23 -30.54 -59.58
C LEU B 18 -23.99 -30.60 -60.91
N ARG B 19 -24.23 -31.81 -61.43
CA ARG B 19 -24.96 -31.92 -62.71
C ARG B 19 -26.38 -31.34 -62.56
N CYS B 20 -27.07 -31.70 -61.48
CA CYS B 20 -28.42 -31.17 -61.26
C CYS B 20 -28.38 -29.63 -61.20
N TRP B 21 -27.41 -29.11 -60.45
CA TRP B 21 -27.30 -27.67 -60.25
C TRP B 21 -27.00 -26.89 -61.53
N PHE B 22 -26.20 -27.47 -62.42
CA PHE B 22 -25.87 -26.75 -63.66
C PHE B 22 -27.08 -26.70 -64.58
N GLY B 23 -27.90 -27.74 -64.55
CA GLY B 23 -29.11 -27.79 -65.36
C GLY B 23 -30.28 -27.03 -64.76
N ARG B 24 -30.08 -26.34 -63.64
CA ARG B 24 -31.17 -25.58 -63.03
C ARG B 24 -31.41 -24.25 -63.75
N GLN B 25 -32.68 -23.85 -63.81
CA GLN B 25 -33.13 -22.58 -64.38
C GLN B 25 -32.46 -21.38 -63.72
N ASN B 26 -32.83 -21.15 -62.46
CA ASN B 26 -32.25 -20.10 -61.62
C ASN B 26 -31.65 -20.73 -60.37
N THR B 27 -30.80 -19.99 -59.67
CA THR B 27 -30.20 -20.50 -58.46
C THR B 27 -29.78 -19.37 -57.53
N ASP B 28 -29.89 -19.64 -56.22
CA ASP B 28 -29.36 -18.75 -55.19
C ASP B 28 -28.09 -19.38 -54.62
N LEU B 29 -27.56 -20.37 -55.33
CA LEU B 29 -26.35 -21.04 -54.91
C LEU B 29 -25.21 -20.65 -55.84
N GLU B 30 -24.02 -20.49 -55.27
CA GLU B 30 -22.78 -20.39 -56.01
C GLU B 30 -21.85 -21.48 -55.48
N VAL B 31 -21.46 -22.44 -56.33
CA VAL B 31 -20.53 -23.49 -55.92
C VAL B 31 -19.08 -23.07 -56.19
N VAL B 32 -18.30 -22.93 -55.12
CA VAL B 32 -16.99 -22.33 -55.25
C VAL B 32 -15.85 -23.35 -55.04
N ALA B 33 -16.10 -24.40 -54.27
CA ALA B 33 -15.03 -25.37 -54.05
C ALA B 33 -15.56 -26.78 -53.95
N ILE B 34 -14.64 -27.71 -54.10
CA ILE B 34 -14.91 -29.14 -54.05
C ILE B 34 -13.73 -29.81 -53.37
N ASN B 35 -14.00 -30.59 -52.35
CA ASN B 35 -12.97 -31.41 -51.72
C ASN B 35 -13.26 -32.88 -52.02
N ASN B 36 -12.27 -33.55 -52.60
CA ASN B 36 -12.38 -34.98 -52.90
C ASN B 36 -11.03 -35.71 -52.87
N THR B 37 -11.07 -36.97 -52.42
CA THR B 37 -9.86 -37.77 -52.22
C THR B 37 -8.94 -37.91 -53.44
N SER B 38 -9.44 -37.63 -54.64
CA SER B 38 -8.57 -37.84 -55.80
C SER B 38 -7.92 -36.55 -56.29
N ASP B 39 -7.62 -36.46 -57.57
CA ASP B 39 -7.02 -35.27 -58.15
C ASP B 39 -8.04 -34.57 -59.06
N ALA B 40 -7.70 -33.38 -59.58
CA ALA B 40 -8.67 -32.64 -60.36
C ALA B 40 -8.98 -33.37 -61.67
N ARG B 41 -8.01 -34.12 -62.16
CA ARG B 41 -8.17 -34.86 -63.41
C ARG B 41 -9.24 -35.91 -63.21
N THR B 42 -9.02 -36.81 -62.24
CA THR B 42 -9.98 -37.86 -61.95
C THR B 42 -11.41 -37.31 -61.73
N ALA B 43 -11.50 -36.11 -61.13
CA ALA B 43 -12.82 -35.55 -60.84
C ALA B 43 -13.55 -35.08 -62.11
N ALA B 44 -12.86 -34.35 -62.98
CA ALA B 44 -13.49 -33.88 -64.23
C ALA B 44 -13.90 -35.05 -65.16
N HIS B 45 -13.15 -36.14 -65.12
CA HIS B 45 -13.40 -37.30 -65.99
C HIS B 45 -14.64 -38.05 -65.49
N LEU B 46 -14.72 -38.22 -64.17
CA LEU B 46 -15.85 -38.91 -63.57
C LEU B 46 -17.10 -38.05 -63.68
N LEU B 47 -16.91 -36.76 -63.82
CA LEU B 47 -18.02 -35.82 -63.93
C LEU B 47 -18.61 -35.86 -65.32
N GLU B 48 -17.74 -35.87 -66.33
CA GLU B 48 -18.20 -35.88 -67.73
C GLU B 48 -18.76 -37.24 -68.14
N TYR B 49 -18.13 -38.30 -67.66
CA TYR B 49 -18.47 -39.65 -68.08
C TYR B 49 -19.06 -40.46 -66.93
N ASP B 50 -20.32 -40.85 -67.09
CA ASP B 50 -21.06 -41.50 -66.03
C ASP B 50 -21.83 -42.70 -66.59
N SER B 51 -21.60 -43.87 -66.01
CA SER B 51 -22.14 -45.12 -66.53
C SER B 51 -23.67 -45.17 -66.49
N VAL B 52 -24.27 -44.45 -65.55
CA VAL B 52 -25.71 -44.46 -65.40
C VAL B 52 -26.33 -43.26 -66.13
N LEU B 53 -25.74 -42.09 -65.95
CA LEU B 53 -26.28 -40.86 -66.54
C LEU B 53 -25.83 -40.61 -67.98
N GLY B 54 -24.84 -41.38 -68.44
CA GLY B 54 -24.18 -41.09 -69.71
C GLY B 54 -23.37 -39.78 -69.63
N ARG B 55 -22.93 -39.32 -70.78
CA ARG B 55 -22.06 -38.16 -70.88
C ARG B 55 -22.71 -36.87 -70.40
N PHE B 56 -21.99 -36.13 -69.55
CA PHE B 56 -22.39 -34.77 -69.17
C PHE B 56 -22.19 -33.80 -70.34
N ASN B 57 -23.30 -33.33 -70.92
CA ASN B 57 -23.19 -32.38 -72.01
C ASN B 57 -22.91 -30.98 -71.53
N ALA B 58 -21.63 -30.68 -71.33
CA ALA B 58 -21.23 -29.36 -70.87
C ALA B 58 -19.80 -29.12 -71.30
N ASP B 59 -19.35 -27.87 -71.22
CA ASP B 59 -17.94 -27.58 -71.46
C ASP B 59 -17.13 -27.74 -70.17
N ILE B 60 -16.37 -28.81 -70.11
CA ILE B 60 -15.64 -29.22 -68.91
C ILE B 60 -14.13 -29.20 -69.18
N SER B 61 -13.38 -28.64 -68.23
CA SER B 61 -11.94 -28.46 -68.34
C SER B 61 -11.37 -28.41 -66.92
N TYR B 62 -10.09 -28.75 -66.76
CA TYR B 62 -9.50 -28.86 -65.43
C TYR B 62 -8.00 -28.58 -65.45
N ASP B 63 -7.48 -28.01 -64.35
CA ASP B 63 -6.04 -27.98 -64.14
C ASP B 63 -5.66 -28.70 -62.84
N GLU B 64 -4.51 -28.38 -62.27
CA GLU B 64 -4.03 -29.14 -61.11
C GLU B 64 -4.88 -28.99 -59.85
N ASN B 65 -5.55 -27.85 -59.69
CA ASN B 65 -6.37 -27.64 -58.50
C ASN B 65 -7.65 -26.85 -58.75
N SER B 66 -8.21 -26.99 -59.94
CA SER B 66 -9.55 -26.48 -60.26
C SER B 66 -10.21 -27.26 -61.41
N ILE B 67 -11.54 -27.27 -61.40
CA ILE B 67 -12.30 -27.70 -62.58
C ILE B 67 -13.18 -26.54 -62.99
N THR B 68 -13.51 -26.50 -64.28
CA THR B 68 -14.33 -25.41 -64.79
C THR B 68 -15.48 -26.01 -65.59
N VAL B 69 -16.69 -25.56 -65.30
CA VAL B 69 -17.85 -26.06 -66.02
C VAL B 69 -18.66 -24.88 -66.51
N ASN B 70 -18.78 -24.78 -67.84
CA ASN B 70 -19.55 -23.73 -68.46
C ASN B 70 -19.20 -22.35 -67.92
N GLY B 71 -17.90 -22.09 -67.83
CA GLY B 71 -17.38 -20.81 -67.36
C GLY B 71 -17.15 -20.69 -65.87
N LYS B 72 -17.89 -21.48 -65.09
CA LYS B 72 -17.83 -21.38 -63.63
C LYS B 72 -16.69 -22.22 -63.08
N THR B 73 -15.66 -21.55 -62.59
CA THR B 73 -14.51 -22.25 -62.04
C THR B 73 -14.73 -22.58 -60.56
N MET B 74 -14.31 -23.78 -60.18
CA MET B 74 -14.46 -24.28 -58.82
C MET B 74 -13.13 -24.86 -58.35
N LYS B 75 -12.68 -24.43 -57.17
CA LYS B 75 -11.41 -24.87 -56.65
C LYS B 75 -11.50 -26.31 -56.16
N ILE B 76 -10.39 -27.03 -56.28
CA ILE B 76 -10.32 -28.43 -55.84
C ILE B 76 -9.33 -28.53 -54.70
N VAL B 77 -9.70 -29.25 -53.66
CA VAL B 77 -8.75 -29.53 -52.59
C VAL B 77 -8.81 -30.99 -52.31
N CYS B 78 -7.77 -31.49 -51.68
CA CYS B 78 -7.73 -32.91 -51.37
C CYS B 78 -7.36 -33.08 -49.90
N ASP B 79 -8.37 -33.08 -49.03
CA ASP B 79 -8.15 -33.07 -47.60
C ASP B 79 -9.10 -34.01 -46.87
N ARG B 80 -8.61 -35.17 -46.46
CA ARG B 80 -9.48 -36.15 -45.79
C ARG B 80 -9.95 -35.63 -44.44
N ASN B 81 -9.32 -34.59 -43.91
CA ASN B 81 -9.67 -34.12 -42.57
C ASN B 81 -10.41 -32.80 -42.62
N PRO B 82 -11.74 -32.83 -42.43
CA PRO B 82 -12.54 -31.61 -42.57
C PRO B 82 -12.06 -30.48 -41.65
N LEU B 83 -11.40 -30.81 -40.53
CA LEU B 83 -10.87 -29.77 -39.66
C LEU B 83 -9.85 -28.90 -40.41
N ASN B 84 -9.15 -29.49 -41.39
CA ASN B 84 -8.17 -28.75 -42.17
C ASN B 84 -8.73 -27.73 -43.15
N LEU B 85 -9.99 -27.87 -43.55
CA LEU B 85 -10.49 -27.12 -44.71
C LEU B 85 -10.55 -25.60 -44.47
N PRO B 86 -10.20 -24.83 -45.52
CA PRO B 86 -10.16 -23.36 -45.46
C PRO B 86 -11.53 -22.73 -45.69
N TRP B 87 -12.53 -23.21 -44.97
CA TRP B 87 -13.88 -22.75 -45.24
C TRP B 87 -14.04 -21.32 -44.74
N LYS B 88 -13.39 -21.00 -43.63
CA LYS B 88 -13.42 -19.65 -43.10
C LYS B 88 -12.83 -18.68 -44.13
N GLU B 89 -11.62 -18.98 -44.60
CA GLU B 89 -11.00 -18.10 -45.57
C GLU B 89 -11.70 -18.01 -46.96
N TRP B 90 -12.35 -19.09 -47.39
CA TRP B 90 -13.10 -19.07 -48.65
C TRP B 90 -14.56 -18.65 -48.48
N ASP B 91 -14.89 -18.17 -47.28
CA ASP B 91 -16.19 -17.60 -47.02
C ASP B 91 -17.29 -18.58 -47.44
N ILE B 92 -17.21 -19.80 -46.92
CA ILE B 92 -18.13 -20.85 -47.29
C ILE B 92 -19.36 -20.82 -46.37
N ASP B 93 -20.52 -20.54 -46.95
CA ASP B 93 -21.75 -20.61 -46.18
C ASP B 93 -22.22 -22.06 -45.97
N LEU B 94 -22.39 -22.78 -47.08
CA LEU B 94 -23.01 -24.11 -47.04
C LEU B 94 -22.08 -25.20 -47.57
N VAL B 95 -21.81 -26.19 -46.72
CA VAL B 95 -21.08 -27.37 -47.16
C VAL B 95 -22.06 -28.52 -47.42
N ILE B 96 -22.01 -29.06 -48.63
CA ILE B 96 -22.72 -30.28 -48.97
C ILE B 96 -21.86 -31.47 -48.57
N GLU B 97 -22.22 -32.20 -47.52
CA GLU B 97 -21.36 -33.31 -47.07
C GLU B 97 -21.83 -34.65 -47.67
N SER B 98 -21.13 -35.08 -48.70
CA SER B 98 -21.54 -36.27 -49.42
C SER B 98 -20.42 -37.29 -49.49
N THR B 99 -19.69 -37.43 -48.39
CA THR B 99 -18.64 -38.42 -48.29
C THR B 99 -19.17 -39.71 -47.67
N GLY B 100 -20.34 -39.62 -47.06
CA GLY B 100 -20.90 -40.71 -46.28
C GLY B 100 -20.20 -41.02 -44.95
N VAL B 101 -19.24 -40.20 -44.53
CA VAL B 101 -18.54 -40.54 -43.29
C VAL B 101 -18.66 -39.52 -42.14
N PHE B 102 -19.20 -38.33 -42.44
CA PHE B 102 -19.49 -37.38 -41.39
C PHE B 102 -20.99 -37.19 -41.30
N VAL B 103 -21.62 -38.18 -40.67
CA VAL B 103 -23.08 -38.28 -40.65
C VAL B 103 -23.69 -38.02 -39.26
N THR B 104 -22.83 -37.89 -38.25
CA THR B 104 -23.30 -37.37 -36.95
C THR B 104 -23.23 -35.86 -36.86
N ALA B 105 -24.00 -35.29 -35.95
CA ALA B 105 -23.95 -33.86 -35.70
C ALA B 105 -22.49 -33.41 -35.50
N GLU B 106 -21.73 -34.20 -34.77
CA GLU B 106 -20.37 -33.85 -34.44
C GLU B 106 -19.39 -34.04 -35.59
N GLY B 107 -19.51 -35.17 -36.29
CA GLY B 107 -18.64 -35.44 -37.42
C GLY B 107 -18.81 -34.31 -38.41
N ALA B 108 -20.05 -34.06 -38.82
CA ALA B 108 -20.33 -33.05 -39.81
C ALA B 108 -20.00 -31.61 -39.35
N SER B 109 -20.10 -31.34 -38.06
CA SER B 109 -19.79 -30.00 -37.55
C SER B 109 -18.28 -29.70 -37.60
N LYS B 110 -17.47 -30.69 -37.96
CA LYS B 110 -16.09 -30.43 -38.26
C LYS B 110 -16.01 -29.30 -39.28
N HIS B 111 -16.97 -29.28 -40.21
CA HIS B 111 -16.99 -28.27 -41.27
C HIS B 111 -17.33 -26.88 -40.69
N ILE B 112 -18.08 -26.88 -39.61
CA ILE B 112 -18.48 -25.65 -38.95
C ILE B 112 -17.26 -25.13 -38.18
N GLN B 113 -16.57 -26.03 -37.48
CA GLN B 113 -15.34 -25.66 -36.80
C GLN B 113 -14.31 -25.07 -37.78
N ALA B 114 -14.31 -25.56 -39.02
CA ALA B 114 -13.37 -25.06 -40.02
C ALA B 114 -13.88 -23.81 -40.73
N GLY B 115 -15.05 -23.30 -40.34
CA GLY B 115 -15.47 -22.02 -40.88
C GLY B 115 -16.80 -21.95 -41.62
N ALA B 116 -17.42 -23.08 -41.91
CA ALA B 116 -18.70 -23.05 -42.63
C ALA B 116 -19.82 -22.73 -41.65
N LYS B 117 -20.95 -22.25 -42.15
CA LYS B 117 -22.02 -21.87 -41.26
C LYS B 117 -23.14 -22.91 -41.20
N LYS B 118 -23.19 -23.77 -42.20
CA LYS B 118 -24.24 -24.77 -42.24
C LYS B 118 -23.74 -25.95 -43.06
N VAL B 119 -24.06 -27.16 -42.63
CA VAL B 119 -23.73 -28.31 -43.43
C VAL B 119 -24.96 -29.18 -43.72
N LEU B 120 -24.97 -29.75 -44.92
CA LEU B 120 -26.11 -30.55 -45.40
C LEU B 120 -25.58 -31.96 -45.72
N ILE B 121 -25.87 -32.89 -44.83
CA ILE B 121 -25.51 -34.30 -45.00
C ILE B 121 -26.41 -34.90 -46.08
N THR B 122 -25.81 -35.44 -47.14
CA THR B 122 -26.62 -36.06 -48.18
C THR B 122 -26.93 -37.50 -47.80
N ALA B 123 -27.39 -37.71 -46.58
CA ALA B 123 -27.73 -39.03 -46.07
C ALA B 123 -28.46 -38.86 -44.75
N PRO B 124 -28.99 -39.95 -44.17
CA PRO B 124 -29.63 -39.73 -42.87
C PRO B 124 -28.64 -39.24 -41.81
N GLY B 125 -29.14 -38.56 -40.78
CA GLY B 125 -28.29 -38.19 -39.67
C GLY B 125 -28.09 -39.33 -38.67
N LYS B 126 -26.85 -39.56 -38.24
CA LYS B 126 -26.62 -40.54 -37.19
C LYS B 126 -26.63 -39.84 -35.81
N GLY B 127 -27.47 -40.31 -34.90
CA GLY B 127 -27.53 -39.75 -33.55
C GLY B 127 -28.45 -38.55 -33.41
N GLU B 128 -28.34 -37.85 -32.28
CA GLU B 128 -29.17 -36.68 -32.02
C GLU B 128 -28.60 -35.43 -32.69
N GLY B 129 -29.44 -34.41 -32.90
CA GLY B 129 -28.93 -33.07 -33.19
C GLY B 129 -28.85 -32.62 -34.65
N VAL B 130 -29.17 -33.49 -35.60
CA VAL B 130 -29.30 -33.00 -36.97
C VAL B 130 -30.76 -32.78 -37.34
N GLY B 131 -31.02 -31.74 -38.14
CA GLY B 131 -32.37 -31.44 -38.61
C GLY B 131 -32.62 -32.06 -39.98
N THR B 132 -33.78 -32.71 -40.14
CA THR B 132 -34.03 -33.49 -41.35
C THR B 132 -35.24 -32.98 -42.15
N TYR B 133 -35.07 -32.83 -43.46
CA TYR B 133 -36.16 -32.30 -44.29
C TYR B 133 -36.35 -33.10 -45.57
N VAL B 134 -37.61 -33.31 -45.90
CA VAL B 134 -37.93 -33.96 -47.13
C VAL B 134 -38.77 -32.98 -47.93
N ILE B 135 -38.16 -32.37 -48.96
CA ILE B 135 -38.88 -31.43 -49.83
C ILE B 135 -40.24 -32.02 -50.15
N GLY B 136 -41.28 -31.20 -50.14
CA GLY B 136 -42.63 -31.65 -50.38
C GLY B 136 -43.35 -32.24 -49.17
N VAL B 137 -42.61 -32.47 -48.08
CA VAL B 137 -43.22 -33.10 -46.91
C VAL B 137 -43.23 -32.20 -45.66
N ASN B 138 -42.07 -31.67 -45.28
CA ASN B 138 -42.02 -30.74 -44.15
C ASN B 138 -41.13 -29.51 -44.40
N ASP B 139 -40.80 -29.25 -45.66
CA ASP B 139 -39.91 -28.13 -45.94
C ASP B 139 -40.41 -26.78 -45.40
N SER B 140 -41.73 -26.65 -45.20
CA SER B 140 -42.29 -25.46 -44.55
C SER B 140 -41.86 -25.31 -43.08
N GLU B 141 -41.28 -26.35 -42.51
CA GLU B 141 -40.79 -26.28 -41.13
C GLU B 141 -39.30 -25.89 -41.12
N TYR B 142 -38.75 -25.64 -42.30
CA TYR B 142 -37.36 -25.21 -42.34
C TYR B 142 -37.16 -23.81 -41.75
N ARG B 143 -36.29 -23.73 -40.76
CA ARG B 143 -35.92 -22.45 -40.15
C ARG B 143 -34.39 -22.35 -40.09
N HIS B 144 -33.84 -21.27 -40.64
CA HIS B 144 -32.38 -21.13 -40.72
C HIS B 144 -31.66 -21.51 -39.45
N GLU B 145 -32.17 -20.99 -38.33
CA GLU B 145 -31.43 -21.06 -37.07
C GLU B 145 -31.56 -22.40 -36.33
N ASP B 146 -32.52 -23.24 -36.72
CA ASP B 146 -32.74 -24.51 -35.99
C ASP B 146 -31.52 -25.42 -35.85
N PHE B 147 -30.78 -25.66 -36.93
CA PHE B 147 -29.67 -26.59 -36.86
C PHE B 147 -28.52 -26.16 -37.76
N ALA B 148 -27.29 -26.37 -37.27
CA ALA B 148 -26.10 -26.06 -38.04
C ALA B 148 -25.89 -27.19 -39.04
N VAL B 149 -26.31 -28.39 -38.61
CA VAL B 149 -26.18 -29.60 -39.40
C VAL B 149 -27.56 -30.13 -39.84
N ILE B 150 -27.76 -30.20 -41.14
CA ILE B 150 -29.04 -30.66 -41.69
C ILE B 150 -28.92 -31.85 -42.64
N SER B 151 -30.04 -32.54 -42.83
CA SER B 151 -30.02 -33.79 -43.58
C SER B 151 -31.15 -33.84 -44.59
N ASN B 152 -30.87 -34.48 -45.73
CA ASN B 152 -31.90 -34.68 -46.73
C ASN B 152 -32.50 -36.09 -46.62
N ALA B 153 -32.17 -36.80 -45.53
CA ALA B 153 -32.61 -38.18 -45.33
C ALA B 153 -32.05 -39.05 -46.45
N SER B 154 -32.57 -40.26 -46.59
CA SER B 154 -32.07 -41.19 -47.60
C SER B 154 -32.93 -41.15 -48.88
N CYS B 155 -32.42 -41.73 -49.96
CA CYS B 155 -33.24 -41.86 -51.16
C CYS B 155 -34.55 -42.61 -50.86
N THR B 156 -34.45 -43.68 -50.09
CA THR B 156 -35.63 -44.45 -49.77
C THR B 156 -36.67 -43.59 -49.05
N THR B 157 -36.26 -42.90 -47.98
CA THR B 157 -37.18 -42.04 -47.26
C THR B 157 -37.79 -40.97 -48.19
N ASN B 158 -36.95 -40.39 -49.05
CA ASN B 158 -37.45 -39.38 -49.99
C ASN B 158 -38.50 -39.95 -50.93
N CYS B 159 -38.40 -41.25 -51.20
CA CYS B 159 -39.44 -41.91 -51.98
C CYS B 159 -40.66 -42.22 -51.11
N LEU B 160 -40.43 -42.73 -49.91
CA LEU B 160 -41.52 -43.09 -49.01
C LEU B 160 -42.33 -41.89 -48.50
N ALA B 161 -41.64 -40.88 -47.98
CA ALA B 161 -42.34 -39.78 -47.28
C ALA B 161 -43.48 -39.15 -48.06
N PRO B 162 -43.24 -38.78 -49.33
CA PRO B 162 -44.32 -38.12 -50.08
C PRO B 162 -45.55 -39.02 -50.20
N VAL B 163 -45.38 -40.25 -50.65
CA VAL B 163 -46.49 -41.23 -50.72
C VAL B 163 -47.21 -41.42 -49.38
N ALA B 164 -46.40 -41.52 -48.31
CA ALA B 164 -46.93 -41.70 -46.95
C ALA B 164 -47.78 -40.52 -46.53
N LYS B 165 -47.32 -39.33 -46.89
CA LYS B 165 -47.98 -38.06 -46.55
C LYS B 165 -49.37 -38.04 -47.16
N VAL B 166 -49.43 -38.29 -48.47
CA VAL B 166 -50.71 -38.28 -49.19
C VAL B 166 -51.64 -39.41 -48.73
N LEU B 167 -51.11 -40.62 -48.59
CA LEU B 167 -51.90 -41.72 -48.06
C LEU B 167 -52.47 -41.36 -46.67
N HIS B 168 -51.58 -40.91 -45.76
CA HIS B 168 -52.02 -40.58 -44.42
C HIS B 168 -52.98 -39.40 -44.36
N ASP B 169 -52.74 -38.38 -45.19
CA ASP B 169 -53.59 -37.18 -45.19
C ASP B 169 -55.00 -37.49 -45.64
N ASN B 170 -55.14 -38.51 -46.48
CA ASN B 170 -56.42 -38.82 -47.13
C ASN B 170 -57.18 -39.99 -46.50
N PHE B 171 -56.47 -40.94 -45.89
CA PHE B 171 -57.12 -42.12 -45.32
C PHE B 171 -56.80 -42.39 -43.87
N GLY B 172 -55.69 -41.82 -43.39
CA GLY B 172 -55.27 -42.04 -42.00
C GLY B 172 -54.55 -43.35 -41.84
N ILE B 173 -53.23 -43.32 -41.80
CA ILE B 173 -52.45 -44.54 -41.60
C ILE B 173 -52.52 -44.93 -40.13
N ILE B 174 -52.74 -46.21 -39.84
CA ILE B 174 -52.76 -46.68 -38.46
C ILE B 174 -51.42 -47.32 -38.09
N LYS B 175 -50.93 -48.17 -38.99
CA LYS B 175 -49.67 -48.89 -38.86
C LYS B 175 -49.42 -49.45 -40.26
N GLY B 176 -48.17 -49.82 -40.54
CA GLY B 176 -47.80 -50.29 -41.85
C GLY B 176 -46.40 -50.82 -41.90
N THR B 177 -46.02 -51.34 -43.06
CA THR B 177 -44.75 -52.04 -43.20
C THR B 177 -44.23 -51.67 -44.58
N MET B 178 -42.92 -51.75 -44.78
CA MET B 178 -42.41 -51.46 -46.12
C MET B 178 -41.17 -52.27 -46.39
N THR B 179 -41.02 -52.60 -47.66
CA THR B 179 -39.85 -53.24 -48.19
C THR B 179 -39.33 -52.41 -49.37
N THR B 180 -38.01 -52.25 -49.44
CA THR B 180 -37.43 -51.51 -50.55
C THR B 180 -36.54 -52.45 -51.33
N THR B 181 -36.86 -52.60 -52.60
CA THR B 181 -36.04 -53.39 -53.52
C THR B 181 -35.09 -52.39 -54.17
N HIS B 182 -33.86 -52.41 -53.71
CA HIS B 182 -32.94 -51.33 -53.97
C HIS B 182 -31.81 -51.76 -54.89
N SER B 183 -31.52 -50.97 -55.92
CA SER B 183 -30.28 -51.20 -56.64
C SER B 183 -29.12 -51.25 -55.63
N TYR B 184 -28.05 -51.93 -55.98
CA TYR B 184 -26.92 -51.95 -55.07
C TYR B 184 -26.25 -50.57 -55.04
N THR B 185 -25.55 -50.29 -53.96
CA THR B 185 -24.79 -49.06 -53.89
C THR B 185 -23.34 -49.33 -53.50
N LEU B 186 -22.54 -48.26 -53.48
CA LEU B 186 -21.12 -48.34 -53.14
C LEU B 186 -20.85 -48.84 -51.70
N ASP B 187 -21.84 -48.74 -50.81
CA ASP B 187 -21.73 -49.33 -49.49
C ASP B 187 -21.80 -50.87 -49.53
N GLN B 188 -22.28 -51.41 -50.65
CA GLN B 188 -22.32 -52.87 -50.86
C GLN B 188 -21.02 -53.38 -51.49
N ARG B 189 -20.57 -54.57 -51.06
CA ARG B 189 -19.27 -55.11 -51.46
C ARG B 189 -19.26 -55.80 -52.86
N ILE B 190 -18.21 -55.51 -53.63
CA ILE B 190 -18.04 -56.02 -55.01
C ILE B 190 -18.17 -57.55 -55.14
N LEU B 191 -17.29 -58.30 -54.47
CA LEU B 191 -17.42 -59.76 -54.29
C LEU B 191 -17.44 -60.09 -52.78
N ASP B 192 -17.68 -61.34 -52.40
CA ASP B 192 -17.68 -61.70 -50.98
C ASP B 192 -16.45 -61.12 -50.23
N ALA B 193 -16.68 -60.13 -49.36
CA ALA B 193 -15.63 -59.40 -48.63
C ALA B 193 -16.17 -58.84 -47.30
N SER B 194 -15.30 -58.61 -46.31
CA SER B 194 -15.74 -58.23 -44.94
C SER B 194 -16.51 -56.89 -44.84
N HIS B 195 -17.43 -56.85 -43.86
CA HIS B 195 -18.40 -55.76 -43.69
C HIS B 195 -19.08 -55.96 -42.32
N ARG B 196 -19.60 -54.88 -41.75
CA ARG B 196 -20.26 -54.94 -40.44
C ARG B 196 -21.59 -55.67 -40.56
N ASP B 197 -22.18 -55.58 -41.75
CA ASP B 197 -23.39 -56.31 -42.14
C ASP B 197 -22.95 -57.55 -42.97
N LEU B 198 -22.92 -58.73 -42.35
CA LEU B 198 -22.51 -59.97 -43.06
C LEU B 198 -23.26 -60.19 -44.37
N ARG B 199 -24.47 -59.62 -44.47
CA ARG B 199 -25.24 -59.65 -45.70
C ARG B 199 -24.71 -58.63 -46.75
N ARG B 200 -24.33 -57.43 -46.29
CA ARG B 200 -23.68 -56.44 -47.16
C ARG B 200 -22.26 -56.87 -47.56
N ALA B 201 -21.70 -57.80 -46.78
CA ALA B 201 -20.44 -58.47 -47.12
C ALA B 201 -20.44 -59.32 -48.41
N ARG B 202 -21.58 -59.49 -49.08
CA ARG B 202 -21.67 -60.48 -50.18
C ARG B 202 -21.90 -59.86 -51.57
N ALA B 203 -21.28 -60.46 -52.58
CA ALA B 203 -21.33 -59.97 -53.98
C ALA B 203 -22.69 -59.40 -54.46
N ALA B 204 -22.76 -58.07 -54.61
CA ALA B 204 -24.02 -57.37 -54.88
C ALA B 204 -24.71 -57.65 -56.22
N ALA B 205 -23.96 -58.11 -57.21
CA ALA B 205 -24.52 -58.29 -58.54
C ALA B 205 -24.86 -59.74 -58.85
N VAL B 206 -24.77 -60.62 -57.84
CA VAL B 206 -25.18 -62.02 -58.02
C VAL B 206 -26.10 -62.50 -56.87
N ASN B 207 -26.52 -61.55 -56.03
CA ASN B 207 -27.33 -61.85 -54.85
C ASN B 207 -28.50 -60.91 -54.68
N ILE B 208 -29.63 -61.45 -54.24
CA ILE B 208 -30.63 -60.65 -53.58
C ILE B 208 -30.14 -60.61 -52.15
N VAL B 209 -29.96 -59.41 -51.60
CA VAL B 209 -29.37 -59.29 -50.28
C VAL B 209 -30.15 -58.42 -49.29
N PRO B 210 -30.57 -59.06 -48.18
CA PRO B 210 -31.44 -58.42 -47.20
C PRO B 210 -30.59 -57.60 -46.23
N THR B 211 -30.97 -56.34 -46.03
CA THR B 211 -30.28 -55.47 -45.07
C THR B 211 -31.30 -54.61 -44.32
N THR B 212 -30.93 -54.12 -43.14
CA THR B 212 -31.86 -53.23 -42.44
C THR B 212 -31.90 -51.84 -43.09
N THR B 213 -32.99 -51.12 -42.85
CA THR B 213 -33.15 -49.77 -43.36
C THR B 213 -33.78 -48.92 -42.28
N GLY B 214 -33.33 -47.66 -42.15
CA GLY B 214 -33.91 -46.74 -41.18
C GLY B 214 -35.04 -45.98 -41.85
N ALA B 215 -35.21 -46.22 -43.15
CA ALA B 215 -36.10 -45.37 -43.93
C ALA B 215 -37.50 -45.26 -43.34
N ALA B 216 -38.08 -46.37 -42.90
CA ALA B 216 -39.47 -46.31 -42.43
C ALA B 216 -39.64 -45.59 -41.07
N LYS B 217 -38.68 -45.74 -40.15
CA LYS B 217 -38.69 -44.95 -38.92
C LYS B 217 -38.45 -43.46 -39.25
N ALA B 218 -37.51 -43.21 -40.14
CA ALA B 218 -37.19 -41.86 -40.56
C ALA B 218 -38.40 -41.04 -41.02
N VAL B 219 -39.40 -41.66 -41.65
CA VAL B 219 -40.44 -40.79 -42.21
C VAL B 219 -41.11 -40.01 -41.09
N ALA B 220 -41.00 -40.51 -39.86
CA ALA B 220 -41.56 -39.84 -38.69
C ALA B 220 -40.86 -38.50 -38.38
N LEU B 221 -39.59 -38.38 -38.76
CA LEU B 221 -38.88 -37.12 -38.58
C LEU B 221 -39.58 -36.04 -39.35
N VAL B 222 -40.18 -36.41 -40.48
CA VAL B 222 -40.79 -35.42 -41.40
C VAL B 222 -42.32 -35.47 -41.41
N ILE B 223 -42.85 -36.58 -40.89
CA ILE B 223 -44.30 -36.72 -40.61
C ILE B 223 -44.49 -37.35 -39.24
N PRO B 224 -44.43 -36.51 -38.20
CA PRO B 224 -44.38 -36.94 -36.79
C PRO B 224 -45.57 -37.78 -36.39
N GLU B 225 -46.74 -37.49 -36.95
CA GLU B 225 -47.93 -38.30 -36.70
C GLU B 225 -47.70 -39.80 -37.00
N LEU B 226 -46.70 -40.11 -37.84
CA LEU B 226 -46.41 -41.51 -38.17
C LEU B 226 -45.39 -42.17 -37.23
N LYS B 227 -44.97 -41.44 -36.20
CA LYS B 227 -44.03 -41.99 -35.20
C LYS B 227 -44.53 -43.35 -34.71
N GLY B 228 -43.62 -44.32 -34.60
CA GLY B 228 -43.94 -45.65 -34.11
C GLY B 228 -44.84 -46.49 -35.04
N LYS B 229 -45.34 -45.89 -36.11
CA LYS B 229 -46.30 -46.59 -36.99
C LYS B 229 -45.77 -47.38 -38.20
N LEU B 230 -44.50 -47.23 -38.55
CA LEU B 230 -43.93 -47.93 -39.73
C LEU B 230 -42.62 -48.63 -39.46
N ASN B 231 -42.46 -49.84 -39.99
CA ASN B 231 -41.17 -50.52 -39.98
C ASN B 231 -40.94 -51.04 -41.37
N GLY B 232 -39.72 -51.49 -41.63
CA GLY B 232 -39.37 -51.89 -42.96
C GLY B 232 -38.12 -52.72 -43.00
N ILE B 233 -37.84 -53.30 -44.16
CA ILE B 233 -36.59 -53.99 -44.38
C ILE B 233 -36.15 -53.61 -45.77
N ALA B 234 -34.89 -53.88 -46.09
CA ALA B 234 -34.45 -53.62 -47.45
C ALA B 234 -33.89 -54.88 -48.08
N LEU B 235 -34.07 -55.00 -49.38
CA LEU B 235 -33.52 -56.11 -50.15
C LEU B 235 -32.70 -55.55 -51.32
N ARG B 236 -31.38 -55.71 -51.24
CA ARG B 236 -30.50 -55.21 -52.29
C ARG B 236 -30.41 -56.21 -53.48
N VAL B 237 -30.77 -55.72 -54.67
CA VAL B 237 -30.76 -56.51 -55.89
C VAL B 237 -29.79 -55.94 -56.94
N PRO B 238 -29.35 -56.78 -57.90
CA PRO B 238 -28.34 -56.38 -58.90
C PRO B 238 -28.86 -55.50 -60.02
N THR B 239 -29.20 -54.26 -59.71
CA THR B 239 -29.23 -53.21 -60.72
C THR B 239 -28.39 -52.09 -60.15
N PRO B 240 -27.86 -51.22 -61.03
CA PRO B 240 -26.94 -50.20 -60.56
C PRO B 240 -27.66 -48.90 -60.19
N ASN B 241 -28.84 -48.65 -60.78
CA ASN B 241 -29.69 -47.50 -60.38
C ASN B 241 -31.21 -47.72 -60.54
N VAL B 242 -31.98 -46.88 -59.84
CA VAL B 242 -33.45 -46.98 -59.66
C VAL B 242 -33.96 -48.13 -58.79
N SER B 243 -34.73 -47.75 -57.78
CA SER B 243 -35.22 -48.69 -56.83
C SER B 243 -36.71 -48.53 -56.77
N VAL B 244 -37.33 -49.28 -55.88
CA VAL B 244 -38.77 -49.22 -55.76
C VAL B 244 -39.08 -49.49 -54.32
N VAL B 245 -40.14 -48.83 -53.84
CA VAL B 245 -40.64 -49.03 -52.49
C VAL B 245 -41.96 -49.75 -52.59
N ASP B 246 -42.18 -50.72 -51.71
CA ASP B 246 -43.42 -51.47 -51.68
C ASP B 246 -44.01 -51.22 -50.31
N LEU B 247 -45.07 -50.41 -50.29
CA LEU B 247 -45.62 -49.93 -49.02
C LEU B 247 -46.96 -50.56 -48.70
N VAL B 248 -47.06 -51.12 -47.50
CA VAL B 248 -48.32 -51.68 -47.05
C VAL B 248 -48.75 -51.01 -45.77
N VAL B 249 -49.88 -50.31 -45.84
CA VAL B 249 -50.39 -49.61 -44.65
C VAL B 249 -51.82 -50.07 -44.36
N GLN B 250 -52.14 -50.22 -43.08
CA GLN B 250 -53.52 -50.39 -42.66
C GLN B 250 -54.05 -48.98 -42.38
N VAL B 251 -55.28 -48.72 -42.82
CA VAL B 251 -55.76 -47.36 -43.02
C VAL B 251 -57.11 -47.16 -42.30
N GLU B 252 -57.38 -45.92 -41.88
CA GLU B 252 -58.55 -45.62 -41.05
C GLU B 252 -59.83 -45.56 -41.87
N LYS B 253 -59.82 -44.77 -42.95
CA LYS B 253 -60.97 -44.69 -43.84
C LYS B 253 -60.88 -45.75 -44.95
N PRO B 254 -61.84 -46.69 -44.97
CA PRO B 254 -61.86 -47.71 -46.03
C PRO B 254 -61.98 -47.06 -47.41
N THR B 255 -61.37 -47.70 -48.40
CA THR B 255 -61.18 -47.07 -49.70
C THR B 255 -61.10 -48.13 -50.79
N ILE B 256 -60.91 -47.67 -52.02
CA ILE B 256 -60.78 -48.58 -53.14
C ILE B 256 -59.58 -48.20 -53.98
N THR B 257 -59.11 -49.16 -54.78
CA THR B 257 -57.96 -48.94 -55.62
C THR B 257 -58.13 -47.67 -56.46
N GLU B 258 -59.30 -47.50 -57.05
CA GLU B 258 -59.57 -46.36 -57.91
C GLU B 258 -59.33 -45.04 -57.17
N GLN B 259 -59.69 -45.02 -55.89
CA GLN B 259 -59.70 -43.78 -55.15
C GLN B 259 -58.30 -43.40 -54.65
N VAL B 260 -57.53 -44.37 -54.17
CA VAL B 260 -56.17 -44.03 -53.77
C VAL B 260 -55.32 -43.61 -54.96
N ASN B 261 -55.47 -44.28 -56.10
CA ASN B 261 -54.79 -43.84 -57.31
C ASN B 261 -55.22 -42.44 -57.70
N GLU B 262 -56.50 -42.14 -57.44
CA GLU B 262 -57.07 -40.83 -57.71
C GLU B 262 -56.41 -39.76 -56.86
N VAL B 263 -56.31 -39.98 -55.54
CA VAL B 263 -55.64 -39.01 -54.68
C VAL B 263 -54.14 -38.89 -54.96
N LEU B 264 -53.48 -40.02 -55.24
CA LEU B 264 -52.05 -39.95 -55.58
C LEU B 264 -51.89 -39.12 -56.84
N GLN B 265 -52.76 -39.34 -57.82
CA GLN B 265 -52.75 -38.56 -59.06
C GLN B 265 -52.99 -37.06 -58.80
N LYS B 266 -54.14 -36.72 -58.21
CA LYS B 266 -54.43 -35.35 -57.84
C LYS B 266 -53.19 -34.72 -57.23
N ALA B 267 -52.57 -35.41 -56.28
CA ALA B 267 -51.39 -34.85 -55.62
C ALA B 267 -50.31 -34.51 -56.65
N SER B 268 -49.98 -35.48 -57.50
CA SER B 268 -48.96 -35.31 -58.53
C SER B 268 -49.21 -34.12 -59.47
N GLN B 269 -50.45 -33.64 -59.52
CA GLN B 269 -50.79 -32.49 -60.36
C GLN B 269 -50.81 -31.17 -59.57
N THR B 270 -50.87 -31.28 -58.24
CA THR B 270 -51.09 -30.11 -57.39
C THR B 270 -50.09 -30.07 -56.24
N THR B 271 -50.53 -30.47 -55.06
CA THR B 271 -49.71 -30.40 -53.83
C THR B 271 -48.36 -31.11 -53.88
N MET B 272 -48.14 -32.00 -54.85
CA MET B 272 -46.87 -32.73 -54.93
C MET B 272 -46.24 -32.71 -56.32
N LYS B 273 -46.63 -31.71 -57.12
CA LYS B 273 -46.02 -31.54 -58.44
C LYS B 273 -44.50 -31.49 -58.25
N GLY B 274 -43.78 -32.18 -59.13
CA GLY B 274 -42.34 -32.24 -59.08
C GLY B 274 -41.82 -33.20 -58.04
N ILE B 275 -42.69 -33.66 -57.14
CA ILE B 275 -42.24 -34.56 -56.06
C ILE B 275 -42.73 -35.99 -56.30
N ILE B 276 -44.03 -36.12 -56.57
CA ILE B 276 -44.62 -37.39 -56.99
C ILE B 276 -44.99 -37.40 -58.46
N LYS B 277 -44.33 -38.28 -59.23
CA LYS B 277 -44.76 -38.62 -60.59
C LYS B 277 -45.82 -39.74 -60.54
N TYR B 278 -46.84 -39.63 -61.38
CA TYR B 278 -47.94 -40.59 -61.39
C TYR B 278 -47.91 -41.41 -62.68
N SER B 279 -47.43 -42.65 -62.61
CA SER B 279 -47.29 -43.44 -63.85
C SER B 279 -48.35 -44.52 -64.00
N ASP B 280 -49.17 -44.39 -65.04
CA ASP B 280 -50.22 -45.37 -65.31
C ASP B 280 -49.90 -46.29 -66.51
N LEU B 281 -48.64 -46.24 -66.96
CA LEU B 281 -48.16 -47.07 -68.06
C LEU B 281 -47.48 -48.32 -67.53
N PRO B 282 -47.54 -49.42 -68.30
CA PRO B 282 -46.90 -50.68 -67.92
C PRO B 282 -45.38 -50.59 -68.14
N LEU B 283 -44.69 -49.88 -67.24
CA LEU B 283 -43.27 -49.59 -67.40
C LEU B 283 -42.41 -50.51 -66.54
N VAL B 284 -41.08 -50.38 -66.68
CA VAL B 284 -40.11 -51.13 -65.87
C VAL B 284 -39.00 -50.19 -65.36
N SER B 285 -38.07 -50.71 -64.57
CA SER B 285 -37.17 -49.85 -63.84
C SER B 285 -36.38 -48.85 -64.71
N SER B 286 -35.78 -49.33 -65.78
CA SER B 286 -34.92 -48.45 -66.58
C SER B 286 -35.64 -47.22 -67.13
N ASP B 287 -36.96 -47.27 -67.20
CA ASP B 287 -37.70 -46.15 -67.78
C ASP B 287 -37.71 -44.93 -66.85
N PHE B 288 -37.24 -45.12 -65.62
CA PHE B 288 -37.29 -44.03 -64.67
C PHE B 288 -35.92 -43.40 -64.44
N ARG B 289 -34.89 -43.96 -65.07
CA ARG B 289 -33.56 -43.31 -65.17
C ARG B 289 -33.68 -41.86 -65.61
N GLY B 290 -33.22 -40.93 -64.79
CA GLY B 290 -33.24 -39.52 -65.13
C GLY B 290 -34.51 -38.78 -64.70
N THR B 291 -35.39 -39.44 -63.94
CA THR B 291 -36.66 -38.83 -63.55
C THR B 291 -36.45 -37.87 -62.40
N ASP B 292 -36.86 -36.62 -62.58
CA ASP B 292 -36.62 -35.60 -61.56
C ASP B 292 -37.38 -35.85 -60.27
N GLU B 293 -38.51 -36.58 -60.36
CA GLU B 293 -39.39 -36.74 -59.20
C GLU B 293 -38.77 -37.55 -58.03
N SER B 294 -39.45 -37.57 -56.88
CA SER B 294 -38.95 -38.31 -55.73
C SER B 294 -39.60 -39.70 -55.66
N SER B 295 -40.93 -39.71 -55.70
CA SER B 295 -41.71 -40.93 -55.83
C SER B 295 -42.37 -40.98 -57.20
N ILE B 296 -42.31 -42.15 -57.85
CA ILE B 296 -43.10 -42.42 -59.06
C ILE B 296 -44.12 -43.54 -58.79
N VAL B 297 -45.37 -43.17 -58.51
CA VAL B 297 -46.42 -44.14 -58.24
C VAL B 297 -46.75 -44.98 -59.48
N ASP B 298 -46.56 -46.29 -59.39
CA ASP B 298 -46.96 -47.20 -60.46
C ASP B 298 -48.43 -47.56 -60.22
N SER B 299 -49.32 -46.86 -60.92
CA SER B 299 -50.73 -46.85 -60.54
C SER B 299 -51.42 -48.20 -60.68
N SER B 300 -50.99 -49.02 -61.64
CA SER B 300 -51.69 -50.28 -61.89
C SER B 300 -51.20 -51.37 -60.93
N LEU B 301 -50.20 -51.04 -60.11
CA LEU B 301 -49.73 -51.95 -59.08
C LEU B 301 -50.45 -51.72 -57.74
N THR B 302 -51.30 -50.70 -57.67
CA THR B 302 -51.99 -50.39 -56.40
C THR B 302 -53.00 -51.48 -56.04
N LEU B 303 -52.93 -51.98 -54.81
CA LEU B 303 -53.88 -52.96 -54.32
C LEU B 303 -54.57 -52.43 -53.05
N VAL B 304 -55.87 -52.71 -52.95
CA VAL B 304 -56.62 -52.54 -51.71
C VAL B 304 -57.38 -53.82 -51.37
N MET B 305 -56.90 -54.53 -50.34
CA MET B 305 -57.53 -55.74 -49.87
C MET B 305 -58.55 -55.44 -48.77
N ASP B 306 -59.82 -55.69 -49.06
CA ASP B 306 -60.88 -55.63 -48.06
C ASP B 306 -60.97 -54.26 -47.37
N GLY B 307 -60.87 -53.19 -48.17
CA GLY B 307 -61.17 -51.85 -47.69
C GLY B 307 -60.08 -51.00 -47.05
N ASP B 308 -59.18 -51.60 -46.26
CA ASP B 308 -58.33 -50.81 -45.39
C ASP B 308 -56.87 -51.29 -45.33
N LEU B 309 -56.51 -52.16 -46.26
CA LEU B 309 -55.15 -52.67 -46.28
C LEU B 309 -54.57 -52.29 -47.63
N VAL B 310 -53.96 -51.10 -47.73
CA VAL B 310 -53.52 -50.66 -49.04
C VAL B 310 -52.01 -50.86 -49.29
N LYS B 311 -51.71 -51.20 -50.53
CA LYS B 311 -50.35 -51.42 -51.02
C LYS B 311 -50.08 -50.43 -52.14
N VAL B 312 -49.03 -49.63 -51.99
CA VAL B 312 -48.57 -48.85 -53.14
C VAL B 312 -47.12 -49.12 -53.48
N ILE B 313 -46.89 -49.35 -54.78
CA ILE B 313 -45.57 -49.52 -55.34
C ILE B 313 -45.17 -48.19 -55.97
N ALA B 314 -43.98 -47.69 -55.60
CA ALA B 314 -43.46 -46.44 -56.14
C ALA B 314 -41.98 -46.58 -56.41
N TRP B 315 -41.56 -46.16 -57.61
CA TRP B 315 -40.16 -46.24 -58.02
C TRP B 315 -39.40 -45.00 -57.59
N TYR B 316 -38.08 -45.08 -57.60
CA TYR B 316 -37.30 -43.85 -57.58
C TYR B 316 -35.93 -44.04 -58.19
N ASP B 317 -35.52 -43.03 -58.95
CA ASP B 317 -34.12 -42.91 -59.34
C ASP B 317 -33.33 -42.49 -58.08
N ASN B 318 -32.68 -43.47 -57.46
CA ASN B 318 -32.18 -43.29 -56.09
C ASN B 318 -31.00 -42.32 -55.96
N GLU B 319 -30.35 -42.03 -57.08
CA GLU B 319 -29.27 -41.04 -57.08
C GLU B 319 -29.76 -39.70 -57.64
N TRP B 320 -30.30 -39.75 -58.85
CA TRP B 320 -30.64 -38.54 -59.57
C TRP B 320 -31.80 -37.78 -58.92
N GLY B 321 -32.89 -38.48 -58.61
CA GLY B 321 -34.03 -37.83 -58.01
C GLY B 321 -33.65 -37.26 -56.67
N TYR B 322 -32.95 -38.06 -55.88
CA TYR B 322 -32.54 -37.67 -54.57
C TYR B 322 -31.64 -36.41 -54.64
N SER B 323 -30.77 -36.37 -55.64
CA SER B 323 -29.84 -35.26 -55.79
C SER B 323 -30.55 -33.99 -56.21
N GLN B 324 -31.64 -34.11 -56.95
CA GLN B 324 -32.45 -32.93 -57.26
C GLN B 324 -33.04 -32.40 -55.98
N ARG B 325 -33.33 -33.30 -55.05
CA ARG B 325 -33.84 -32.87 -53.75
C ARG B 325 -32.75 -32.24 -52.88
N VAL B 326 -31.51 -32.70 -52.97
CA VAL B 326 -30.52 -31.99 -52.17
C VAL B 326 -30.30 -30.57 -52.74
N VAL B 327 -30.22 -30.44 -54.06
CA VAL B 327 -30.31 -29.11 -54.62
C VAL B 327 -31.46 -28.30 -54.01
N ASP B 328 -32.68 -28.82 -54.11
CA ASP B 328 -33.85 -28.15 -53.55
C ASP B 328 -33.63 -27.72 -52.09
N LEU B 329 -33.03 -28.61 -51.31
CA LEU B 329 -32.83 -28.33 -49.91
C LEU B 329 -31.78 -27.25 -49.74
N ALA B 330 -30.76 -27.27 -50.60
CA ALA B 330 -29.74 -26.22 -50.56
C ALA B 330 -30.32 -24.87 -51.02
N GLU B 331 -31.09 -24.87 -52.11
CA GLU B 331 -31.77 -23.65 -52.53
C GLU B 331 -32.66 -23.10 -51.40
N LEU B 332 -33.39 -24.01 -50.75
CA LEU B 332 -34.27 -23.65 -49.64
C LEU B 332 -33.48 -22.96 -48.54
N ALA B 333 -32.35 -23.57 -48.12
CA ALA B 333 -31.55 -22.98 -47.05
C ALA B 333 -31.07 -21.59 -47.49
N ALA B 334 -30.71 -21.47 -48.76
CA ALA B 334 -30.32 -20.20 -49.37
C ALA B 334 -31.39 -19.11 -49.26
N ARG B 335 -32.63 -19.45 -49.54
CA ARG B 335 -33.76 -18.52 -49.50
C ARG B 335 -34.18 -18.18 -48.05
N LYS B 336 -33.93 -19.07 -47.12
CA LYS B 336 -34.34 -18.84 -45.74
C LYS B 336 -33.17 -18.35 -44.91
N TRP B 337 -32.06 -18.14 -45.59
CA TRP B 337 -30.82 -17.83 -44.93
C TRP B 337 -30.96 -16.50 -44.18
N ALA B 338 -30.37 -16.39 -43.00
CA ALA B 338 -30.51 -15.16 -42.23
C ALA B 338 -29.19 -14.42 -42.05
N THR C 2 -18.29 17.88 1.95
CA THR C 2 -16.92 18.05 2.44
C THR C 2 -16.01 16.99 1.82
N ILE C 3 -14.73 16.97 2.21
CA ILE C 3 -13.83 15.89 1.81
C ILE C 3 -13.24 15.22 3.05
N ARG C 4 -12.90 13.95 2.93
CA ARG C 4 -12.40 13.17 4.05
C ARG C 4 -10.88 13.24 4.18
N VAL C 5 -10.41 13.60 5.37
CA VAL C 5 -8.99 13.84 5.60
C VAL C 5 -8.40 12.90 6.65
N ALA C 6 -7.16 12.47 6.41
CA ALA C 6 -6.42 11.69 7.39
C ALA C 6 -5.10 12.42 7.64
N ILE C 7 -4.66 12.45 8.89
CA ILE C 7 -3.39 13.05 9.23
C ILE C 7 -2.36 11.95 9.38
N ASN C 8 -1.33 11.97 8.54
CA ASN C 8 -0.23 11.03 8.74
C ASN C 8 0.88 11.68 9.56
N GLY C 9 1.02 11.25 10.81
CA GLY C 9 2.06 11.79 11.69
C GLY C 9 1.54 12.91 12.58
N PHE C 10 1.56 12.67 13.89
CA PHE C 10 0.94 13.58 14.85
C PHE C 10 2.01 14.22 15.70
N GLY C 11 2.83 15.05 15.08
CA GLY C 11 3.85 15.78 15.81
C GLY C 11 3.49 17.25 15.82
N ARG C 12 4.50 18.12 15.79
CA ARG C 12 4.26 19.56 15.87
C ARG C 12 3.19 19.96 14.87
N ILE C 13 3.47 19.75 13.58
CA ILE C 13 2.60 20.19 12.52
C ILE C 13 1.25 19.53 12.59
N GLY C 14 1.27 18.23 12.86
CA GLY C 14 0.05 17.46 12.89
C GLY C 14 -0.86 17.99 13.97
N ARG C 15 -0.35 18.08 15.18
CA ARG C 15 -1.14 18.60 16.30
C ARG C 15 -1.49 20.07 16.06
N ASN C 16 -0.52 20.85 15.62
CA ASN C 16 -0.80 22.25 15.31
C ASN C 16 -1.95 22.34 14.31
N PHE C 17 -1.91 21.50 13.27
CA PHE C 17 -2.95 21.46 12.25
C PHE C 17 -4.33 21.10 12.79
N LEU C 18 -4.37 20.09 13.66
CA LEU C 18 -5.63 19.71 14.31
C LEU C 18 -6.20 20.93 15.03
N ARG C 19 -5.45 21.50 15.97
CA ARG C 19 -5.89 22.69 16.70
C ARG C 19 -6.41 23.79 15.77
N CYS C 20 -5.59 24.16 14.78
CA CYS C 20 -6.02 25.17 13.81
C CYS C 20 -7.37 24.83 13.19
N TRP C 21 -7.55 23.57 12.81
CA TRP C 21 -8.78 23.18 12.15
C TRP C 21 -9.98 23.30 13.10
N PHE C 22 -9.80 22.84 14.33
CA PHE C 22 -10.89 22.95 15.30
C PHE C 22 -11.24 24.40 15.61
N GLY C 23 -10.26 25.29 15.55
CA GLY C 23 -10.51 26.70 15.81
C GLY C 23 -11.24 27.44 14.71
N ARG C 24 -11.61 26.74 13.64
CA ARG C 24 -12.06 27.44 12.45
C ARG C 24 -13.55 27.69 12.42
N GLN C 25 -13.92 28.91 12.04
CA GLN C 25 -15.31 29.28 11.82
C GLN C 25 -16.03 28.18 11.05
N ASN C 26 -15.69 28.03 9.78
CA ASN C 26 -16.27 27.00 8.93
C ASN C 26 -15.20 26.05 8.38
N THR C 27 -15.62 24.94 7.78
CA THR C 27 -14.66 24.00 7.19
C THR C 27 -15.26 23.11 6.11
N ASP C 28 -14.40 22.64 5.22
CA ASP C 28 -14.84 21.78 4.14
C ASP C 28 -14.12 20.44 4.25
N LEU C 29 -13.46 20.28 5.40
CA LEU C 29 -12.68 19.10 5.70
C LEU C 29 -13.32 18.35 6.86
N GLU C 30 -13.33 17.02 6.78
CA GLU C 30 -13.65 16.23 7.97
C GLU C 30 -12.47 15.32 8.30
N VAL C 31 -11.78 15.63 9.38
CA VAL C 31 -10.65 14.81 9.81
C VAL C 31 -11.15 13.54 10.47
N VAL C 32 -11.08 12.43 9.73
CA VAL C 32 -11.69 11.19 10.18
C VAL C 32 -10.72 10.17 10.77
N ALA C 33 -9.42 10.34 10.51
CA ALA C 33 -8.45 9.36 11.00
C ALA C 33 -7.07 9.97 11.19
N ILE C 34 -6.28 9.32 12.05
CA ILE C 34 -4.94 9.76 12.36
C ILE C 34 -4.00 8.57 12.55
N ASN C 35 -2.90 8.60 11.83
CA ASN C 35 -1.83 7.62 11.99
C ASN C 35 -0.69 8.30 12.74
N ASN C 36 -0.25 7.68 13.84
CA ASN C 36 0.97 8.11 14.53
C ASN C 36 1.63 6.98 15.30
N THR C 37 2.93 7.12 15.50
CA THR C 37 3.77 6.03 15.98
C THR C 37 3.67 5.67 17.48
N SER C 38 2.82 6.35 18.23
CA SER C 38 2.72 6.06 19.65
C SER C 38 1.48 5.25 20.01
N ASP C 39 0.52 5.92 20.67
CA ASP C 39 -0.78 5.35 21.01
C ASP C 39 -1.79 6.48 21.17
N ALA C 40 -3.06 6.14 21.39
CA ALA C 40 -4.08 7.18 21.54
C ALA C 40 -3.90 7.99 22.85
N ARG C 41 -3.18 7.42 23.81
CA ARG C 41 -2.97 8.08 25.11
C ARG C 41 -1.97 9.22 24.97
N THR C 42 -0.78 8.88 24.50
CA THR C 42 0.26 9.88 24.25
C THR C 42 -0.21 10.95 23.27
N ALA C 43 -1.17 10.61 22.42
CA ALA C 43 -1.68 11.52 21.40
C ALA C 43 -2.72 12.50 21.96
N ALA C 44 -3.58 11.98 22.83
CA ALA C 44 -4.63 12.78 23.43
C ALA C 44 -4.02 13.78 24.40
N HIS C 45 -2.89 13.40 24.98
CA HIS C 45 -2.22 14.17 26.04
C HIS C 45 -1.27 15.22 25.48
N LEU C 46 -0.60 14.87 24.38
CA LEU C 46 0.31 15.81 23.72
C LEU C 46 -0.52 16.81 22.93
N LEU C 47 -1.79 16.47 22.71
CA LEU C 47 -2.70 17.37 22.01
C LEU C 47 -3.25 18.44 22.95
N GLU C 48 -3.47 18.04 24.21
CA GLU C 48 -4.02 18.93 25.22
C GLU C 48 -2.96 19.86 25.80
N TYR C 49 -1.79 19.32 26.12
CA TYR C 49 -0.73 20.08 26.76
C TYR C 49 0.46 20.38 25.85
N ASP C 50 0.48 21.61 25.31
CA ASP C 50 1.57 22.08 24.47
C ASP C 50 2.49 23.08 25.20
N SER C 51 3.77 22.73 25.32
CA SER C 51 4.79 23.60 25.93
C SER C 51 4.83 25.00 25.32
N VAL C 52 4.47 25.12 24.05
CA VAL C 52 4.55 26.39 23.30
C VAL C 52 3.19 27.08 23.14
N LEU C 53 2.15 26.29 22.91
CA LEU C 53 0.82 26.82 22.62
C LEU C 53 -0.02 26.94 23.87
N GLY C 54 0.44 26.29 24.92
CA GLY C 54 -0.26 26.29 26.19
C GLY C 54 -1.69 25.81 26.11
N ARG C 55 -1.85 24.49 26.26
CA ARG C 55 -3.14 23.91 26.66
C ARG C 55 -4.29 24.12 25.67
N PHE C 56 -4.82 23.02 25.15
CA PHE C 56 -5.95 23.11 24.24
C PHE C 56 -7.26 23.10 25.02
N ASN C 57 -7.95 24.23 25.02
CA ASN C 57 -9.24 24.32 25.70
C ASN C 57 -10.34 23.63 24.88
N ALA C 58 -10.64 22.39 25.24
CA ALA C 58 -11.58 21.56 24.49
C ALA C 58 -11.83 20.24 25.24
N ASP C 59 -12.93 19.55 24.89
CA ASP C 59 -13.19 18.21 25.45
C ASP C 59 -12.38 17.14 24.72
N ILE C 60 -11.50 16.46 25.45
CA ILE C 60 -10.53 15.56 24.84
C ILE C 60 -10.53 14.18 25.50
N SER C 61 -11.21 13.22 24.86
CA SER C 61 -11.30 11.86 25.40
C SER C 61 -10.60 10.88 24.47
N TYR C 62 -10.21 9.72 25.01
CA TYR C 62 -9.54 8.72 24.19
C TYR C 62 -9.79 7.29 24.66
N ASP C 63 -10.04 6.39 23.73
CA ASP C 63 -9.99 4.96 24.06
C ASP C 63 -8.73 4.35 23.44
N GLU C 64 -8.66 3.03 23.36
CA GLU C 64 -7.43 2.37 22.93
C GLU C 64 -7.04 2.68 21.46
N ASN C 65 -8.02 3.06 20.64
CA ASN C 65 -7.74 3.32 19.22
C ASN C 65 -8.56 4.41 18.51
N SER C 66 -9.08 5.36 19.27
CA SER C 66 -9.63 6.58 18.69
C SER C 66 -9.29 7.77 19.58
N ILE C 67 -9.91 8.89 19.25
CA ILE C 67 -9.66 10.13 19.94
C ILE C 67 -10.85 11.00 19.66
N THR C 68 -11.36 11.66 20.68
CA THR C 68 -12.57 12.44 20.51
C THR C 68 -12.33 13.86 20.99
N VAL C 69 -12.61 14.83 20.11
CA VAL C 69 -12.39 16.24 20.38
C VAL C 69 -13.67 16.98 20.08
N ASN C 70 -14.29 17.55 21.10
CA ASN C 70 -15.53 18.31 20.92
C ASN C 70 -16.53 17.60 20.02
N GLY C 71 -16.91 16.38 20.39
CA GLY C 71 -17.89 15.64 19.62
C GLY C 71 -17.34 14.75 18.50
N LYS C 72 -16.36 15.23 17.75
CA LYS C 72 -15.88 14.48 16.59
C LYS C 72 -14.87 13.40 16.97
N THR C 73 -15.20 12.15 16.64
CA THR C 73 -14.30 11.03 16.90
C THR C 73 -13.38 10.81 15.70
N MET C 74 -12.10 10.66 15.98
CA MET C 74 -11.13 10.45 14.93
C MET C 74 -10.43 9.13 15.21
N LYS C 75 -10.32 8.29 14.18
CA LYS C 75 -9.76 6.97 14.38
C LYS C 75 -8.26 7.08 14.53
N ILE C 76 -7.68 6.25 15.37
CA ILE C 76 -6.24 6.28 15.62
C ILE C 76 -5.67 4.99 15.09
N VAL C 77 -4.56 5.09 14.37
CA VAL C 77 -3.89 3.88 13.91
C VAL C 77 -2.41 4.12 13.97
N CYS C 78 -1.64 3.04 14.05
CA CYS C 78 -0.23 3.14 14.29
C CYS C 78 0.51 2.23 13.32
N ASP C 79 1.00 2.80 12.21
CA ASP C 79 1.54 1.99 11.10
C ASP C 79 2.62 2.75 10.34
N ARG C 80 3.88 2.36 10.52
CA ARG C 80 5.01 3.05 9.90
C ARG C 80 5.04 2.99 8.37
N ASN C 81 4.41 1.97 7.80
CA ASN C 81 4.41 1.79 6.34
C ASN C 81 3.13 2.29 5.67
N PRO C 82 3.21 3.44 5.00
CA PRO C 82 1.98 4.02 4.44
C PRO C 82 1.29 3.09 3.45
N LEU C 83 2.04 2.14 2.88
CA LEU C 83 1.47 1.16 1.96
C LEU C 83 0.40 0.29 2.63
N ASN C 84 0.50 0.15 3.95
CA ASN C 84 -0.43 -0.67 4.73
C ASN C 84 -1.78 0.00 5.01
N LEU C 85 -1.82 1.32 4.92
CA LEU C 85 -2.93 2.08 5.51
C LEU C 85 -4.26 1.84 4.77
N PRO C 86 -5.34 1.68 5.54
CA PRO C 86 -6.67 1.38 4.98
C PRO C 86 -7.36 2.59 4.39
N TRP C 87 -6.61 3.41 3.64
CA TRP C 87 -7.18 4.66 3.15
C TRP C 87 -8.33 4.38 2.22
N LYS C 88 -8.17 3.33 1.41
CA LYS C 88 -9.18 2.94 0.45
C LYS C 88 -10.42 2.47 1.20
N GLU C 89 -10.23 1.58 2.17
CA GLU C 89 -11.34 1.16 3.03
C GLU C 89 -12.09 2.35 3.66
N TRP C 90 -11.35 3.33 4.20
CA TRP C 90 -11.97 4.49 4.87
C TRP C 90 -12.39 5.69 4.02
N ASP C 91 -12.26 5.57 2.69
CA ASP C 91 -12.77 6.60 1.80
C ASP C 91 -12.03 7.91 2.07
N ILE C 92 -10.71 7.82 2.24
CA ILE C 92 -9.88 8.97 2.51
C ILE C 92 -9.58 9.73 1.24
N ASP C 93 -10.01 10.98 1.21
CA ASP C 93 -9.76 11.83 0.05
C ASP C 93 -8.34 12.39 0.05
N LEU C 94 -7.94 12.94 1.19
CA LEU C 94 -6.75 13.75 1.30
C LEU C 94 -6.00 13.38 2.56
N VAL C 95 -4.72 13.06 2.46
CA VAL C 95 -3.94 12.90 3.69
C VAL C 95 -2.98 14.09 3.92
N ILE C 96 -2.88 14.54 5.16
CA ILE C 96 -1.86 15.52 5.49
C ILE C 96 -0.57 14.77 5.85
N GLU C 97 0.44 14.91 4.99
CA GLU C 97 1.72 14.26 5.25
C GLU C 97 2.65 15.10 6.16
N SER C 98 2.52 14.84 7.45
CA SER C 98 3.32 15.59 8.42
C SER C 98 4.22 14.67 9.22
N THR C 99 4.89 13.74 8.53
CA THR C 99 5.84 12.86 9.19
C THR C 99 7.26 13.34 8.97
N GLY C 100 7.46 14.14 7.93
CA GLY C 100 8.79 14.57 7.54
C GLY C 100 9.62 13.46 6.90
N VAL C 101 8.99 12.32 6.58
CA VAL C 101 9.74 11.22 5.99
C VAL C 101 9.26 10.77 4.58
N PHE C 102 8.12 11.27 4.13
CA PHE C 102 7.67 10.96 2.77
C PHE C 102 7.50 12.24 1.95
N VAL C 103 8.63 12.85 1.57
CA VAL C 103 8.61 14.17 0.95
C VAL C 103 8.90 14.16 -0.54
N THR C 104 9.16 12.97 -1.10
CA THR C 104 9.27 12.84 -2.55
C THR C 104 7.91 12.48 -3.14
N ALA C 105 7.66 12.87 -4.38
CA ALA C 105 6.41 12.51 -5.03
C ALA C 105 6.17 11.01 -4.88
N GLU C 106 7.22 10.22 -5.09
CA GLU C 106 7.03 8.78 -5.02
C GLU C 106 6.66 8.28 -3.63
N GLY C 107 7.42 8.68 -2.63
CA GLY C 107 7.16 8.28 -1.25
C GLY C 107 5.79 8.68 -0.75
N ALA C 108 5.39 9.94 -0.98
CA ALA C 108 4.13 10.44 -0.47
C ALA C 108 3.03 9.73 -1.24
N SER C 109 3.39 9.27 -2.43
CA SER C 109 2.45 8.57 -3.30
C SER C 109 2.06 7.20 -2.74
N LYS C 110 2.84 6.69 -1.79
CA LYS C 110 2.42 5.50 -1.10
C LYS C 110 0.96 5.65 -0.62
N HIS C 111 0.61 6.83 -0.09
CA HIS C 111 -0.75 7.07 0.39
C HIS C 111 -1.80 6.92 -0.72
N ILE C 112 -1.42 7.32 -1.94
CA ILE C 112 -2.29 7.17 -3.10
C ILE C 112 -2.43 5.70 -3.49
N GLN C 113 -1.32 4.96 -3.44
CA GLN C 113 -1.33 3.54 -3.77
C GLN C 113 -2.25 2.81 -2.80
N ALA C 114 -2.33 3.36 -1.58
CA ALA C 114 -3.11 2.78 -0.50
C ALA C 114 -4.55 3.27 -0.50
N GLY C 115 -4.90 4.15 -1.43
CA GLY C 115 -6.30 4.47 -1.61
C GLY C 115 -6.73 5.93 -1.47
N ALA C 116 -5.81 6.78 -1.06
CA ALA C 116 -6.13 8.21 -0.95
C ALA C 116 -6.07 8.85 -2.32
N LYS C 117 -6.82 9.92 -2.52
CA LYS C 117 -6.77 10.62 -3.79
C LYS C 117 -5.68 11.71 -3.86
N LYS C 118 -5.39 12.37 -2.75
CA LYS C 118 -4.38 13.43 -2.79
C LYS C 118 -3.59 13.52 -1.49
N VAL C 119 -2.29 13.77 -1.60
CA VAL C 119 -1.51 14.01 -0.39
C VAL C 119 -0.90 15.43 -0.31
N LEU C 120 -1.02 16.04 0.86
CA LEU C 120 -0.50 17.37 1.10
C LEU C 120 0.63 17.26 2.11
N ILE C 121 1.86 17.25 1.59
CA ILE C 121 3.10 17.18 2.36
C ILE C 121 3.28 18.50 3.09
N THR C 122 3.54 18.47 4.41
CA THR C 122 3.71 19.71 5.18
C THR C 122 5.19 20.08 5.24
N ALA C 123 5.85 20.05 4.09
CA ALA C 123 7.29 20.31 4.03
C ALA C 123 7.59 20.51 2.57
N PRO C 124 8.78 21.00 2.26
CA PRO C 124 9.09 21.06 0.83
C PRO C 124 9.04 19.66 0.17
N GLY C 125 8.67 19.62 -1.10
CA GLY C 125 8.78 18.39 -1.86
C GLY C 125 10.21 18.16 -2.28
N LYS C 126 10.69 16.94 -2.13
CA LYS C 126 12.01 16.56 -2.62
C LYS C 126 11.90 15.99 -4.04
N GLY C 127 12.65 16.56 -4.97
CA GLY C 127 12.67 16.07 -6.33
C GLY C 127 11.54 16.62 -7.18
N GLU C 128 11.30 16.01 -8.34
CA GLU C 128 10.32 16.53 -9.29
C GLU C 128 8.95 15.93 -9.00
N GLY C 129 7.90 16.46 -9.64
CA GLY C 129 6.59 15.85 -9.62
C GLY C 129 5.62 16.39 -8.57
N VAL C 130 6.12 17.18 -7.62
CA VAL C 130 5.26 17.76 -6.60
C VAL C 130 4.74 19.14 -6.96
N GLY C 131 3.46 19.40 -6.71
CA GLY C 131 2.89 20.72 -6.93
C GLY C 131 2.97 21.59 -5.67
N THR C 132 3.72 22.69 -5.75
CA THR C 132 3.88 23.55 -4.58
C THR C 132 3.04 24.83 -4.64
N TYR C 133 2.41 25.15 -3.52
CA TYR C 133 1.55 26.33 -3.44
C TYR C 133 1.87 27.07 -2.16
N VAL C 134 1.94 28.40 -2.25
CA VAL C 134 1.98 29.22 -1.05
C VAL C 134 0.74 30.10 -1.04
N ILE C 135 -0.04 30.00 0.04
CA ILE C 135 -1.29 30.75 0.13
C ILE C 135 -1.01 32.26 0.14
N GLY C 136 -1.61 32.97 -0.81
CA GLY C 136 -1.38 34.40 -0.98
C GLY C 136 -0.42 34.76 -2.10
N VAL C 137 0.14 33.74 -2.74
CA VAL C 137 1.22 33.96 -3.68
C VAL C 137 0.95 33.32 -5.01
N ASN C 138 0.50 32.06 -5.01
CA ASN C 138 0.16 31.36 -6.25
C ASN C 138 -1.05 30.42 -6.12
N ASP C 139 -1.83 30.57 -5.05
CA ASP C 139 -2.99 29.71 -4.87
C ASP C 139 -3.95 29.76 -6.06
N SER C 140 -4.09 30.93 -6.67
CA SER C 140 -4.98 31.03 -7.84
C SER C 140 -4.52 30.06 -8.93
N GLU C 141 -3.30 29.55 -8.83
CA GLU C 141 -2.81 28.55 -9.77
C GLU C 141 -3.23 27.12 -9.40
N TYR C 142 -3.86 26.95 -8.24
CA TYR C 142 -4.27 25.59 -7.84
C TYR C 142 -5.29 24.96 -8.78
N ARG C 143 -5.05 23.72 -9.19
CA ARG C 143 -6.01 22.96 -10.01
C ARG C 143 -6.05 21.51 -9.52
N HIS C 144 -7.24 20.99 -9.23
CA HIS C 144 -7.35 19.64 -8.69
C HIS C 144 -6.53 18.61 -9.48
N GLU C 145 -6.65 18.64 -10.81
CA GLU C 145 -6.07 17.63 -11.69
C GLU C 145 -4.55 17.63 -11.84
N ASP C 146 -3.88 18.71 -11.47
CA ASP C 146 -2.44 18.82 -11.78
C ASP C 146 -1.54 17.84 -11.03
N PHE C 147 -1.74 17.71 -9.74
CA PHE C 147 -0.81 16.96 -8.88
C PHE C 147 -1.53 16.20 -7.78
N ALA C 148 -1.29 14.89 -7.75
CA ALA C 148 -1.89 14.05 -6.72
C ALA C 148 -1.16 14.32 -5.44
N VAL C 149 0.12 14.71 -5.58
CA VAL C 149 0.96 15.11 -4.45
C VAL C 149 1.29 16.61 -4.47
N ILE C 150 0.87 17.31 -3.43
CA ILE C 150 1.09 18.73 -3.31
C ILE C 150 1.83 19.10 -2.02
N SER C 151 2.47 20.27 -2.05
CA SER C 151 3.28 20.76 -0.95
C SER C 151 2.90 22.19 -0.61
N ASN C 152 2.99 22.51 0.67
CA ASN C 152 2.71 23.83 1.19
C ASN C 152 4.04 24.56 1.44
N ALA C 153 5.13 24.01 0.87
CA ALA C 153 6.50 24.51 1.05
C ALA C 153 6.91 24.46 2.50
N SER C 154 7.93 25.23 2.86
CA SER C 154 8.40 25.25 4.25
C SER C 154 7.87 26.47 4.96
N CYS C 155 8.02 26.51 6.28
CA CYS C 155 7.62 27.67 7.07
C CYS C 155 8.39 28.92 6.61
N THR C 156 9.69 28.75 6.40
CA THR C 156 10.51 29.86 5.96
C THR C 156 10.00 30.40 4.62
N THR C 157 9.73 29.51 3.67
CA THR C 157 9.31 29.94 2.36
C THR C 157 7.97 30.68 2.45
N ASN C 158 7.12 30.26 3.38
CA ASN C 158 5.82 30.92 3.54
C ASN C 158 5.94 32.32 4.14
N CYS C 159 6.98 32.52 4.94
CA CYS C 159 7.26 33.87 5.41
C CYS C 159 7.85 34.66 4.27
N LEU C 160 8.82 34.06 3.58
CA LEU C 160 9.58 34.79 2.58
C LEU C 160 8.74 35.24 1.37
N ALA C 161 7.96 34.30 0.82
CA ALA C 161 7.29 34.50 -0.45
C ALA C 161 6.32 35.71 -0.49
N PRO C 162 5.41 35.79 0.48
CA PRO C 162 4.50 36.94 0.38
C PRO C 162 5.26 38.27 0.27
N VAL C 163 6.26 38.46 1.14
CA VAL C 163 7.07 39.67 1.10
C VAL C 163 7.85 39.84 -0.21
N ALA C 164 8.57 38.80 -0.61
CA ALA C 164 9.27 38.82 -1.90
C ALA C 164 8.33 39.21 -3.04
N LYS C 165 7.07 38.80 -2.96
CA LYS C 165 6.16 39.10 -4.06
C LYS C 165 5.77 40.58 -4.10
N VAL C 166 5.31 41.13 -2.97
CA VAL C 166 4.98 42.56 -2.90
C VAL C 166 6.16 43.41 -3.35
N LEU C 167 7.35 43.07 -2.86
CA LEU C 167 8.57 43.76 -3.27
C LEU C 167 8.74 43.70 -4.76
N HIS C 168 8.60 42.50 -5.32
CA HIS C 168 8.88 42.31 -6.73
C HIS C 168 7.81 42.99 -7.57
N ASP C 169 6.56 42.89 -7.11
CA ASP C 169 5.43 43.53 -7.78
C ASP C 169 5.59 45.06 -7.83
N ASN C 170 6.24 45.65 -6.84
CA ASN C 170 6.33 47.12 -6.83
C ASN C 170 7.66 47.69 -7.31
N PHE C 171 8.76 47.03 -6.99
CA PHE C 171 10.08 47.58 -7.34
C PHE C 171 10.90 46.69 -8.29
N GLY C 172 10.45 45.45 -8.48
CA GLY C 172 11.17 44.49 -9.31
C GLY C 172 12.51 44.01 -8.72
N ILE C 173 12.50 42.86 -8.05
CA ILE C 173 13.74 42.23 -7.60
C ILE C 173 14.62 41.77 -8.76
N ILE C 174 15.89 42.16 -8.74
CA ILE C 174 16.87 41.74 -9.73
C ILE C 174 17.63 40.50 -9.24
N LYS C 175 17.99 40.53 -7.98
CA LYS C 175 18.73 39.46 -7.32
C LYS C 175 18.68 39.81 -5.85
N GLY C 176 18.97 38.85 -4.97
CA GLY C 176 18.84 39.06 -3.55
C GLY C 176 19.35 37.86 -2.80
N THR C 177 19.37 37.97 -1.47
CA THR C 177 19.97 36.99 -0.60
C THR C 177 19.15 37.01 0.68
N MET C 178 19.23 35.98 1.50
CA MET C 178 18.42 35.95 2.70
C MET C 178 19.06 35.06 3.74
N THR C 179 18.89 35.44 5.00
CA THR C 179 19.30 34.63 6.12
C THR C 179 18.10 34.44 7.06
N THR C 180 17.83 33.18 7.41
CA THR C 180 16.76 32.89 8.36
C THR C 180 17.35 32.47 9.69
N THR C 181 17.02 33.22 10.74
CA THR C 181 17.40 32.91 12.12
C THR C 181 16.23 32.13 12.70
N HIS C 182 16.40 30.83 12.78
CA HIS C 182 15.31 29.90 13.05
C HIS C 182 15.42 29.36 14.47
N SER C 183 14.29 29.27 15.17
CA SER C 183 14.25 28.49 16.40
C SER C 183 14.61 27.02 16.08
N TYR C 184 15.13 26.30 17.05
CA TYR C 184 15.51 24.91 16.79
C TYR C 184 14.29 24.05 16.46
N THR C 185 14.53 22.89 15.84
CA THR C 185 13.47 21.92 15.56
C THR C 185 13.96 20.51 15.88
N LEU C 186 13.04 19.55 15.83
CA LEU C 186 13.32 18.17 16.21
C LEU C 186 14.36 17.45 15.34
N ASP C 187 14.76 18.08 14.23
CA ASP C 187 15.79 17.51 13.38
C ASP C 187 17.20 17.77 13.91
N GLN C 188 17.34 18.83 14.72
CA GLN C 188 18.61 19.13 15.36
C GLN C 188 18.81 18.27 16.59
N ARG C 189 20.05 17.87 16.85
CA ARG C 189 20.36 17.05 18.03
C ARG C 189 20.43 17.88 19.31
N ILE C 190 19.69 17.46 20.34
CA ILE C 190 19.67 18.15 21.63
C ILE C 190 21.06 18.30 22.29
N LEU C 191 21.84 17.21 22.32
CA LEU C 191 23.26 17.26 22.74
C LEU C 191 24.09 16.84 21.52
N ASP C 192 25.42 17.00 21.57
CA ASP C 192 26.27 16.58 20.43
C ASP C 192 26.03 15.12 20.04
N ALA C 193 25.23 14.89 19.00
CA ALA C 193 24.87 13.53 18.53
C ALA C 193 25.05 13.40 17.01
N SER C 194 25.34 12.18 16.55
CA SER C 194 25.57 11.95 15.12
C SER C 194 24.41 12.45 14.24
N HIS C 195 24.75 13.08 13.12
CA HIS C 195 23.75 13.64 12.18
C HIS C 195 24.39 13.75 10.78
N ARG C 196 23.57 13.66 9.73
CA ARG C 196 24.08 13.85 8.38
C ARG C 196 24.72 15.22 8.26
N ASP C 197 23.93 16.25 8.54
CA ASP C 197 24.41 17.61 8.72
C ASP C 197 25.43 17.61 9.87
N LEU C 198 26.71 17.66 9.54
CA LEU C 198 27.75 17.63 10.57
C LEU C 198 27.63 18.81 11.53
N ARG C 199 26.75 19.77 11.20
CA ARG C 199 26.49 20.93 12.05
C ARG C 199 25.19 20.75 12.87
N ARG C 200 24.10 20.36 12.20
CA ARG C 200 22.87 20.01 12.91
C ARG C 200 23.11 18.85 13.87
N ALA C 201 24.28 18.22 13.76
CA ALA C 201 24.71 17.22 14.74
C ALA C 201 25.07 17.83 16.11
N ARG C 202 24.96 19.15 16.24
CA ARG C 202 25.48 19.81 17.44
C ARG C 202 24.39 20.38 18.36
N ALA C 203 24.66 20.33 19.66
CA ALA C 203 23.70 20.76 20.70
C ALA C 203 22.94 22.05 20.40
N ALA C 204 21.68 21.92 19.94
CA ALA C 204 20.88 23.06 19.49
C ALA C 204 20.57 24.17 20.52
N ALA C 205 20.52 23.82 21.81
CA ALA C 205 20.13 24.79 22.81
C ALA C 205 21.32 25.59 23.34
N VAL C 206 22.54 25.23 22.93
CA VAL C 206 23.73 25.99 23.33
C VAL C 206 24.64 26.40 22.15
N ASN C 207 24.08 26.47 20.94
CA ASN C 207 24.85 26.83 19.77
C ASN C 207 24.08 27.73 18.79
N ILE C 208 24.83 28.55 18.06
CA ILE C 208 24.30 29.14 16.85
C ILE C 208 24.79 28.19 15.77
N VAL C 209 23.86 27.73 14.94
CA VAL C 209 24.23 26.67 14.01
C VAL C 209 23.80 26.94 12.56
N PRO C 210 24.80 27.11 11.68
CA PRO C 210 24.49 27.36 10.27
C PRO C 210 24.04 26.07 9.63
N THR C 211 23.02 26.12 8.78
CA THR C 211 22.58 24.95 8.03
C THR C 211 22.09 25.37 6.65
N THR C 212 21.94 24.39 5.75
CA THR C 212 21.46 24.68 4.41
C THR C 212 20.00 25.11 4.44
N THR C 213 19.55 25.82 3.41
CA THR C 213 18.12 26.06 3.24
C THR C 213 17.74 26.17 1.77
N GLY C 214 16.61 25.56 1.40
CA GLY C 214 16.11 25.64 0.04
C GLY C 214 15.01 26.68 -0.06
N ALA C 215 14.74 27.36 1.06
CA ALA C 215 13.65 28.32 1.10
C ALA C 215 13.79 29.38 0.02
N ALA C 216 15.02 29.81 -0.25
CA ALA C 216 15.24 30.90 -1.21
C ALA C 216 14.99 30.47 -2.65
N LYS C 217 15.56 29.34 -3.05
CA LYS C 217 15.29 28.83 -4.40
C LYS C 217 13.82 28.42 -4.50
N ALA C 218 13.29 27.87 -3.41
CA ALA C 218 11.88 27.49 -3.35
C ALA C 218 10.93 28.63 -3.70
N VAL C 219 11.36 29.87 -3.58
CA VAL C 219 10.43 30.96 -3.85
C VAL C 219 10.05 30.94 -5.30
N ALA C 220 10.98 30.41 -6.11
CA ALA C 220 10.77 30.37 -7.55
C ALA C 220 9.61 29.46 -7.95
N LEU C 221 9.35 28.42 -7.16
CA LEU C 221 8.23 27.53 -7.45
C LEU C 221 6.93 28.31 -7.44
N VAL C 222 6.84 29.33 -6.59
CA VAL C 222 5.57 30.09 -6.48
C VAL C 222 5.61 31.50 -7.11
N ILE C 223 6.82 32.03 -7.28
CA ILE C 223 7.00 33.23 -8.11
C ILE C 223 8.09 32.90 -9.14
N PRO C 224 7.69 32.29 -10.27
CA PRO C 224 8.69 31.86 -11.27
C PRO C 224 9.62 32.99 -11.65
N GLU C 225 9.10 34.22 -11.74
CA GLU C 225 9.93 35.36 -12.14
C GLU C 225 11.17 35.47 -11.25
N LEU C 226 11.11 34.91 -10.05
CA LEU C 226 12.23 34.95 -9.12
C LEU C 226 13.24 33.81 -9.30
N LYS C 227 13.03 32.98 -10.32
CA LYS C 227 13.96 31.91 -10.66
C LYS C 227 15.40 32.42 -10.73
N GLY C 228 16.33 31.76 -10.05
CA GLY C 228 17.74 32.10 -10.15
C GLY C 228 18.15 33.36 -9.38
N LYS C 229 17.17 34.10 -8.88
CA LYS C 229 17.48 35.40 -8.31
C LYS C 229 17.77 35.44 -6.80
N LEU C 230 17.47 34.35 -6.07
CA LEU C 230 17.64 34.34 -4.60
C LEU C 230 18.38 33.14 -4.08
N ASN C 231 19.32 33.39 -3.18
CA ASN C 231 19.94 32.34 -2.38
C ASN C 231 19.84 32.73 -0.92
N GLY C 232 20.22 31.83 -0.02
CA GLY C 232 19.93 32.01 1.37
C GLY C 232 20.72 31.04 2.22
N ILE C 233 20.75 31.27 3.53
CA ILE C 233 21.32 30.30 4.44
C ILE C 233 20.44 30.32 5.68
N ALA C 234 20.72 29.43 6.63
CA ALA C 234 19.98 29.48 7.89
C ALA C 234 20.93 29.50 9.08
N LEU C 235 20.47 30.16 10.14
CA LEU C 235 21.18 30.13 11.40
C LEU C 235 20.19 29.65 12.44
N ARG C 236 20.44 28.46 12.97
CA ARG C 236 19.60 27.90 14.03
C ARG C 236 20.09 28.40 15.38
N VAL C 237 19.16 28.81 16.24
CA VAL C 237 19.48 29.34 17.54
C VAL C 237 18.54 28.79 18.61
N PRO C 238 18.99 28.74 19.87
CA PRO C 238 18.18 28.25 21.01
C PRO C 238 17.00 29.11 21.41
N THR C 239 16.00 29.20 20.53
CA THR C 239 14.64 29.54 20.93
C THR C 239 13.78 28.34 20.55
N PRO C 240 12.59 28.18 21.17
CA PRO C 240 11.74 27.00 20.93
C PRO C 240 10.77 27.16 19.74
N ASN C 241 10.39 28.40 19.46
CA ASN C 241 9.48 28.73 18.35
C ASN C 241 9.55 30.24 18.05
N VAL C 242 9.13 30.61 16.83
CA VAL C 242 9.28 31.99 16.30
C VAL C 242 10.65 32.28 15.65
N SER C 243 10.61 32.56 14.35
CA SER C 243 11.84 32.70 13.59
C SER C 243 11.79 34.01 12.84
N VAL C 244 12.85 34.34 12.11
CA VAL C 244 12.88 35.62 11.39
C VAL C 244 13.62 35.44 10.09
N VAL C 245 13.08 36.03 9.02
CA VAL C 245 13.87 36.13 7.80
C VAL C 245 14.41 37.53 7.65
N ASP C 246 15.64 37.56 7.20
CA ASP C 246 16.35 38.79 6.91
C ASP C 246 16.65 38.72 5.41
N LEU C 247 15.88 39.49 4.63
CA LEU C 247 15.93 39.48 3.16
C LEU C 247 16.57 40.77 2.60
N VAL C 248 17.63 40.61 1.83
CA VAL C 248 18.25 41.73 1.10
C VAL C 248 18.08 41.51 -0.40
N VAL C 249 17.38 42.43 -1.04
CA VAL C 249 17.25 42.37 -2.50
C VAL C 249 17.73 43.67 -3.13
N GLN C 250 18.35 43.54 -4.30
CA GLN C 250 18.61 44.70 -5.13
C GLN C 250 17.42 44.85 -6.05
N VAL C 251 16.78 46.02 -6.02
CA VAL C 251 15.59 46.25 -6.82
C VAL C 251 15.93 47.08 -8.05
N GLU C 252 15.10 46.97 -9.08
CA GLU C 252 15.27 47.70 -10.34
C GLU C 252 14.74 49.16 -10.27
N LYS C 253 13.60 49.33 -9.61
CA LYS C 253 12.95 50.64 -9.51
C LYS C 253 13.28 51.26 -8.16
N PRO C 254 14.27 52.17 -8.14
CA PRO C 254 14.82 52.75 -6.89
C PRO C 254 13.72 53.33 -6.02
N THR C 255 13.98 53.41 -4.72
CA THR C 255 12.92 53.71 -3.79
C THR C 255 13.52 54.15 -2.47
N ILE C 256 12.69 54.30 -1.46
CA ILE C 256 13.14 54.72 -0.14
C ILE C 256 12.44 53.90 0.92
N THR C 257 12.97 53.95 2.15
CA THR C 257 12.49 53.12 3.23
C THR C 257 11.00 53.21 3.49
N GLU C 258 10.42 54.39 3.33
CA GLU C 258 9.02 54.59 3.68
C GLU C 258 8.08 54.12 2.57
N GLN C 259 8.61 54.04 1.37
CA GLN C 259 7.83 53.55 0.23
C GLN C 259 7.63 52.03 0.31
N VAL C 260 8.69 51.29 0.62
CA VAL C 260 8.54 49.85 0.79
C VAL C 260 7.62 49.51 1.96
N ASN C 261 7.69 50.28 3.04
CA ASN C 261 6.80 50.03 4.18
C ASN C 261 5.35 50.33 3.82
N GLU C 262 5.16 51.35 2.99
CA GLU C 262 3.84 51.72 2.50
C GLU C 262 3.24 50.51 1.79
N VAL C 263 3.91 50.04 0.75
CA VAL C 263 3.39 48.92 -0.04
C VAL C 263 3.11 47.70 0.85
N LEU C 264 4.09 47.30 1.66
CA LEU C 264 3.90 46.18 2.56
C LEU C 264 2.61 46.34 3.37
N GLN C 265 2.51 47.44 4.11
CA GLN C 265 1.30 47.78 4.86
C GLN C 265 0.03 47.74 4.00
N LYS C 266 0.06 48.39 2.85
CA LYS C 266 -1.06 48.33 1.91
C LYS C 266 -1.49 46.87 1.72
N ALA C 267 -0.54 46.02 1.34
CA ALA C 267 -0.82 44.61 1.09
C ALA C 267 -1.42 43.90 2.31
N SER C 268 -0.89 44.18 3.49
CA SER C 268 -1.43 43.60 4.72
C SER C 268 -2.89 44.02 4.95
N GLN C 269 -3.28 45.12 4.32
CA GLN C 269 -4.66 45.60 4.43
C GLN C 269 -5.51 45.08 3.26
N THR C 270 -4.89 44.86 2.10
CA THR C 270 -5.63 44.41 0.93
C THR C 270 -5.28 42.99 0.46
N THR C 271 -4.42 42.90 -0.55
CA THR C 271 -4.09 41.65 -1.24
C THR C 271 -3.44 40.58 -0.38
N MET C 272 -2.91 40.95 0.79
CA MET C 272 -2.26 39.98 1.65
C MET C 272 -2.89 39.92 3.04
N LYS C 273 -4.12 40.44 3.13
CA LYS C 273 -4.86 40.40 4.39
C LYS C 273 -4.90 38.94 4.84
N GLY C 274 -4.45 38.69 6.06
CA GLY C 274 -4.35 37.34 6.59
C GLY C 274 -2.99 36.69 6.37
N ILE C 275 -2.30 37.11 5.32
CA ILE C 275 -1.02 36.50 4.99
C ILE C 275 0.12 37.29 5.60
N ILE C 276 0.28 38.52 5.14
CA ILE C 276 1.24 39.43 5.78
C ILE C 276 0.63 40.24 6.94
N LYS C 277 1.35 40.28 8.06
CA LYS C 277 1.01 41.18 9.17
C LYS C 277 2.00 42.35 9.22
N TYR C 278 1.49 43.57 9.29
CA TYR C 278 2.33 44.77 9.32
C TYR C 278 2.49 45.29 10.74
N SER C 279 3.69 45.17 11.28
CA SER C 279 3.94 45.51 12.68
C SER C 279 4.84 46.74 12.77
N ASP C 280 4.28 47.87 13.25
CA ASP C 280 5.06 49.10 13.43
C ASP C 280 5.60 49.31 14.84
N LEU C 281 5.48 48.29 15.68
CA LEU C 281 5.89 48.42 17.07
C LEU C 281 7.29 47.86 17.33
N PRO C 282 7.87 48.22 18.48
CA PRO C 282 9.15 47.65 18.94
C PRO C 282 8.94 46.34 19.70
N LEU C 283 8.62 45.26 18.98
CA LEU C 283 8.36 43.98 19.61
C LEU C 283 9.56 43.02 19.55
N VAL C 284 9.44 41.89 20.22
CA VAL C 284 10.48 40.86 20.20
C VAL C 284 9.85 39.50 19.85
N SER C 285 10.69 38.49 19.60
CA SER C 285 10.19 37.22 19.07
C SER C 285 8.95 36.68 19.80
N SER C 286 9.03 36.56 21.12
CA SER C 286 7.94 35.94 21.87
C SER C 286 6.53 36.51 21.63
N ASP C 287 6.46 37.79 21.25
CA ASP C 287 5.19 38.47 21.00
C ASP C 287 4.51 38.02 19.73
N PHE C 288 5.15 37.16 18.96
CA PHE C 288 4.53 36.71 17.72
C PHE C 288 3.98 35.29 17.81
N ARG C 289 4.24 34.62 18.93
CA ARG C 289 3.63 33.32 19.20
C ARG C 289 2.12 33.41 18.97
N GLY C 290 1.60 32.49 18.15
CA GLY C 290 0.16 32.37 17.95
C GLY C 290 -0.42 33.37 16.97
N THR C 291 0.43 34.14 16.33
CA THR C 291 -0.02 35.01 15.24
C THR C 291 -0.40 34.15 14.03
N ASP C 292 -1.61 34.37 13.51
CA ASP C 292 -2.15 33.60 12.39
C ASP C 292 -1.44 33.91 11.06
N GLU C 293 -0.80 35.07 10.96
CA GLU C 293 -0.19 35.51 9.70
C GLU C 293 1.09 34.70 9.40
N SER C 294 1.50 34.61 8.13
CA SER C 294 2.71 33.84 7.82
C SER C 294 3.97 34.67 7.68
N SER C 295 3.83 35.94 7.31
CA SER C 295 4.96 36.87 7.42
C SER C 295 4.61 38.14 8.23
N ILE C 296 5.42 38.41 9.25
CA ILE C 296 5.17 39.60 10.07
C ILE C 296 6.25 40.65 9.89
N VAL C 297 6.00 41.58 8.97
CA VAL C 297 6.97 42.62 8.65
C VAL C 297 7.16 43.57 9.83
N ASP C 298 8.40 43.65 10.31
CA ASP C 298 8.79 44.63 11.34
C ASP C 298 9.15 45.95 10.66
N SER C 299 8.19 46.88 10.59
CA SER C 299 8.36 48.09 9.78
C SER C 299 9.60 48.85 10.18
N SER C 300 9.84 48.90 11.49
CA SER C 300 10.94 49.68 12.05
C SER C 300 12.29 49.27 11.47
N LEU C 301 12.44 48.01 11.10
CA LEU C 301 13.74 47.50 10.67
C LEU C 301 14.03 47.67 9.18
N THR C 302 13.02 48.10 8.42
CA THR C 302 13.23 48.31 6.98
C THR C 302 14.34 49.34 6.69
N LEU C 303 15.14 49.06 5.66
CA LEU C 303 16.31 49.86 5.33
C LEU C 303 16.50 49.87 3.82
N VAL C 304 16.88 51.02 3.27
CA VAL C 304 17.21 51.12 1.85
C VAL C 304 18.52 51.87 1.68
N MET C 305 19.58 51.12 1.38
CA MET C 305 20.89 51.71 1.13
C MET C 305 20.97 52.18 -0.32
N ASP C 306 21.12 53.49 -0.50
CA ASP C 306 21.44 54.04 -1.82
C ASP C 306 20.36 53.69 -2.87
N GLY C 307 19.10 53.71 -2.45
CA GLY C 307 18.00 53.68 -3.40
C GLY C 307 17.54 52.36 -4.02
N ASP C 308 18.43 51.37 -4.14
CA ASP C 308 18.02 50.12 -4.82
C ASP C 308 18.39 48.86 -4.02
N LEU C 309 18.87 49.05 -2.80
CA LEU C 309 19.33 47.93 -1.99
C LEU C 309 18.49 47.88 -0.72
N VAL C 310 17.46 47.04 -0.70
CA VAL C 310 16.51 47.02 0.41
C VAL C 310 16.51 45.75 1.21
N LYS C 311 16.31 45.92 2.51
CA LYS C 311 16.37 44.87 3.49
C LYS C 311 15.06 44.89 4.25
N VAL C 312 14.33 43.78 4.21
CA VAL C 312 13.12 43.68 5.01
C VAL C 312 13.32 42.54 5.96
N ILE C 313 12.89 42.76 7.20
CA ILE C 313 12.96 41.78 8.27
C ILE C 313 11.55 41.33 8.54
N ALA C 314 11.33 40.01 8.55
CA ALA C 314 9.99 39.48 8.81
C ALA C 314 10.03 38.33 9.80
N TRP C 315 9.09 38.38 10.74
CA TRP C 315 8.97 37.31 11.73
C TRP C 315 7.98 36.27 11.21
N TYR C 316 8.07 35.07 11.75
CA TYR C 316 6.98 34.13 11.58
C TYR C 316 7.01 33.14 12.72
N ASP C 317 5.82 32.76 13.17
CA ASP C 317 5.69 31.68 14.11
C ASP C 317 5.78 30.39 13.29
N ASN C 318 6.97 29.79 13.28
CA ASN C 318 7.31 28.76 12.31
C ASN C 318 6.46 27.50 12.36
N GLU C 319 5.68 27.36 13.41
CA GLU C 319 4.83 26.18 13.54
C GLU C 319 3.37 26.56 13.37
N TRP C 320 2.92 27.48 14.20
CA TRP C 320 1.51 27.86 14.20
C TRP C 320 1.03 28.59 12.93
N GLY C 321 1.80 29.55 12.43
CA GLY C 321 1.34 30.29 11.27
C GLY C 321 1.38 29.41 10.02
N TYR C 322 2.37 28.52 9.99
CA TYR C 322 2.52 27.60 8.88
C TYR C 322 1.34 26.59 8.87
N SER C 323 1.09 25.98 10.02
CA SER C 323 -0.02 25.03 10.14
C SER C 323 -1.37 25.66 9.78
N GLN C 324 -1.50 26.97 9.97
CA GLN C 324 -2.71 27.66 9.57
C GLN C 324 -2.79 27.70 8.04
N ARG C 325 -1.63 27.74 7.39
CA ARG C 325 -1.59 27.74 5.92
C ARG C 325 -1.94 26.34 5.40
N VAL C 326 -1.40 25.29 6.02
CA VAL C 326 -1.71 23.96 5.53
C VAL C 326 -3.20 23.69 5.67
N VAL C 327 -3.83 24.19 6.73
CA VAL C 327 -5.28 24.15 6.81
C VAL C 327 -5.90 24.87 5.60
N ASP C 328 -5.39 26.07 5.31
CA ASP C 328 -5.88 26.86 4.17
C ASP C 328 -5.71 26.15 2.83
N LEU C 329 -4.69 25.31 2.71
CA LEU C 329 -4.38 24.68 1.44
C LEU C 329 -5.22 23.41 1.28
N ALA C 330 -5.42 22.69 2.38
CA ALA C 330 -6.36 21.59 2.43
C ALA C 330 -7.76 22.10 2.08
N GLU C 331 -8.13 23.24 2.68
CA GLU C 331 -9.44 23.87 2.39
C GLU C 331 -9.58 24.27 0.92
N LEU C 332 -8.51 24.83 0.36
CA LEU C 332 -8.45 25.18 -1.06
C LEU C 332 -8.67 23.91 -1.89
N ALA C 333 -8.02 22.82 -1.47
CA ALA C 333 -8.14 21.56 -2.21
C ALA C 333 -9.59 21.07 -2.18
N ALA C 334 -10.20 21.08 -0.99
CA ALA C 334 -11.62 20.73 -0.86
C ALA C 334 -12.54 21.54 -1.80
N ARG C 335 -12.36 22.86 -1.83
CA ARG C 335 -13.24 23.70 -2.64
C ARG C 335 -13.05 23.45 -4.14
N LYS C 336 -11.81 23.17 -4.54
CA LYS C 336 -11.50 22.93 -5.94
C LYS C 336 -11.60 21.45 -6.34
N TRP C 337 -12.00 20.60 -5.39
CA TRP C 337 -12.02 19.17 -5.61
C TRP C 337 -12.93 18.75 -6.76
N ALA C 338 -12.44 17.88 -7.64
CA ALA C 338 -13.26 17.25 -8.66
C ALA C 338 -14.09 16.15 -8.04
N MET D 1 61.14 51.39 29.35
CA MET D 1 60.05 52.31 29.04
C MET D 1 58.68 51.62 29.00
N THR D 2 58.66 50.31 29.23
CA THR D 2 57.42 49.57 29.47
C THR D 2 56.43 50.43 30.26
N ILE D 3 55.37 50.88 29.59
CA ILE D 3 54.42 51.84 30.16
C ILE D 3 53.56 51.22 31.26
N ARG D 4 53.06 52.07 32.15
CA ARG D 4 52.35 51.60 33.33
C ARG D 4 50.86 51.66 33.07
N VAL D 5 50.14 50.58 33.40
CA VAL D 5 48.74 50.46 33.01
C VAL D 5 47.82 50.25 34.20
N ALA D 6 46.68 50.95 34.19
CA ALA D 6 45.62 50.75 35.17
C ALA D 6 44.28 50.44 34.51
N ILE D 7 43.53 49.52 35.10
CA ILE D 7 42.24 49.12 34.55
C ILE D 7 41.02 49.71 35.30
N ASN D 8 40.14 50.40 34.58
CA ASN D 8 38.86 50.89 35.15
C ASN D 8 37.61 50.10 34.76
N GLY D 9 36.99 49.44 35.74
CA GLY D 9 35.83 48.61 35.47
C GLY D 9 36.29 47.20 35.16
N PHE D 10 36.15 46.31 36.14
CA PHE D 10 36.68 44.96 36.02
C PHE D 10 35.60 43.96 35.62
N GLY D 11 34.74 44.35 34.68
CA GLY D 11 33.67 43.48 34.21
C GLY D 11 34.15 42.41 33.24
N ARG D 12 33.33 42.11 32.24
CA ARG D 12 33.73 41.13 31.25
C ARG D 12 35.05 41.55 30.59
N ILE D 13 35.06 42.74 30.00
CA ILE D 13 36.19 43.17 29.18
C ILE D 13 37.49 43.34 29.96
N GLY D 14 37.39 43.98 31.14
CA GLY D 14 38.56 44.24 31.94
C GLY D 14 39.25 42.97 32.40
N ARG D 15 38.45 42.01 32.86
CA ARG D 15 38.99 40.71 33.28
C ARG D 15 39.50 39.94 32.06
N ASN D 16 38.69 39.89 31.01
CA ASN D 16 39.16 39.28 29.77
C ASN D 16 40.50 39.90 29.37
N PHE D 17 40.56 41.24 29.34
CA PHE D 17 41.80 41.96 29.04
C PHE D 17 42.98 41.47 29.86
N LEU D 18 42.80 41.38 31.18
CA LEU D 18 43.87 40.90 32.05
C LEU D 18 44.32 39.49 31.62
N ARG D 19 43.38 38.55 31.57
CA ARG D 19 43.73 37.19 31.15
C ARG D 19 44.53 37.23 29.85
N CYS D 20 43.97 37.87 28.83
CA CYS D 20 44.68 38.01 27.56
C CYS D 20 46.13 38.43 27.77
N TRP D 21 46.33 39.51 28.54
CA TRP D 21 47.67 40.06 28.74
C TRP D 21 48.65 39.10 29.43
N PHE D 22 48.21 38.42 30.49
CA PHE D 22 49.05 37.39 31.08
C PHE D 22 49.43 36.31 30.05
N GLY D 23 48.52 36.06 29.10
CA GLY D 23 48.77 35.08 28.06
C GLY D 23 49.87 35.43 27.07
N ARG D 24 50.27 36.70 27.06
CA ARG D 24 51.18 37.18 26.02
C ARG D 24 52.63 36.67 26.16
N GLN D 25 53.28 36.48 25.01
CA GLN D 25 54.71 36.18 24.93
C GLN D 25 55.49 37.29 25.61
N ASN D 26 55.84 38.29 24.81
CA ASN D 26 56.40 39.54 25.30
C ASN D 26 55.30 40.58 25.47
N THR D 27 55.60 41.61 26.26
CA THR D 27 54.73 42.77 26.42
C THR D 27 55.57 44.04 26.50
N ASP D 28 54.89 45.18 26.49
CA ASP D 28 55.51 46.47 26.70
C ASP D 28 54.69 47.26 27.70
N LEU D 29 53.85 46.54 28.45
CA LEU D 29 53.00 47.14 29.46
C LEU D 29 53.24 46.50 30.83
N GLU D 30 52.92 47.24 31.88
CA GLU D 30 52.82 46.65 33.21
C GLU D 30 51.52 47.08 33.89
N VAL D 31 50.62 46.13 34.10
CA VAL D 31 49.38 46.43 34.80
C VAL D 31 49.72 46.53 36.29
N VAL D 32 49.34 47.65 36.89
CA VAL D 32 49.77 47.94 38.26
C VAL D 32 48.59 48.25 39.18
N ALA D 33 47.43 48.50 38.58
CA ALA D 33 46.27 48.93 39.36
C ALA D 33 44.95 48.56 38.71
N ILE D 34 43.92 48.42 39.54
CA ILE D 34 42.57 48.16 39.08
C ILE D 34 41.59 48.90 39.95
N ASN D 35 40.68 49.65 39.32
CA ASN D 35 39.58 50.32 40.02
C ASN D 35 38.27 49.56 39.75
N ASN D 36 37.55 49.21 40.82
CA ASN D 36 36.37 48.33 40.75
C ASN D 36 35.21 48.81 41.64
N THR D 37 33.97 48.42 41.32
CA THR D 37 32.81 48.76 42.16
C THR D 37 32.70 47.84 43.38
N SER D 38 33.43 46.74 43.35
CA SER D 38 33.38 45.76 44.43
C SER D 38 34.71 45.73 45.17
N ASP D 39 34.89 44.74 46.04
CA ASP D 39 36.11 44.60 46.82
C ASP D 39 37.18 43.92 45.99
N ALA D 40 38.37 43.78 46.55
CA ALA D 40 39.36 42.89 45.97
C ALA D 40 38.78 41.48 46.02
N ARG D 41 38.00 41.20 47.06
CA ARG D 41 37.35 39.90 47.25
C ARG D 41 36.60 39.42 45.99
N THR D 42 35.49 40.10 45.67
CA THR D 42 34.67 39.75 44.51
C THR D 42 35.47 39.66 43.21
N ALA D 43 36.62 40.33 43.18
CA ALA D 43 37.42 40.46 41.95
C ALA D 43 38.50 39.38 41.78
N ALA D 44 39.15 39.00 42.88
CA ALA D 44 40.01 37.83 42.87
C ALA D 44 39.18 36.63 42.36
N HIS D 45 37.96 36.54 42.85
CA HIS D 45 37.07 35.43 42.58
C HIS D 45 36.65 35.39 41.10
N LEU D 46 36.23 36.53 40.56
CA LEU D 46 35.71 36.61 39.20
C LEU D 46 36.79 36.44 38.13
N LEU D 47 38.02 36.82 38.48
CA LEU D 47 39.17 36.58 37.62
C LEU D 47 39.49 35.09 37.54
N GLU D 48 39.17 34.37 38.60
CA GLU D 48 39.50 32.94 38.67
C GLU D 48 38.40 32.05 38.09
N TYR D 49 37.15 32.37 38.40
CA TYR D 49 36.01 31.55 37.98
C TYR D 49 35.08 32.24 36.97
N ASP D 50 35.16 31.80 35.71
CA ASP D 50 34.41 32.39 34.60
C ASP D 50 33.51 31.35 33.90
N SER D 51 32.19 31.53 34.00
CA SER D 51 31.22 30.67 33.32
C SER D 51 31.54 30.41 31.85
N VAL D 52 32.29 31.32 31.22
CA VAL D 52 32.53 31.22 29.79
C VAL D 52 33.99 30.93 29.45
N LEU D 53 34.91 31.48 30.25
CA LEU D 53 36.32 31.25 30.01
C LEU D 53 36.81 29.98 30.71
N GLY D 54 35.98 29.46 31.61
CA GLY D 54 36.43 28.41 32.51
C GLY D 54 37.44 28.99 33.50
N ARG D 55 38.06 28.11 34.29
CA ARG D 55 38.95 28.56 35.36
C ARG D 55 40.28 29.13 34.83
N PHE D 56 40.75 30.22 35.43
CA PHE D 56 42.05 30.78 35.07
C PHE D 56 43.16 29.96 35.76
N ASN D 57 44.00 29.31 34.97
CA ASN D 57 45.10 28.54 35.50
C ASN D 57 46.19 29.47 36.03
N ALA D 58 46.05 29.88 37.28
CA ALA D 58 46.98 30.87 37.83
C ALA D 58 47.12 30.77 39.34
N ASP D 59 48.15 31.44 39.84
CA ASP D 59 48.30 31.64 41.27
C ASP D 59 47.81 33.05 41.62
N ILE D 60 46.57 33.13 42.08
CA ILE D 60 45.94 34.41 42.32
C ILE D 60 45.51 34.60 43.80
N SER D 61 45.80 35.78 44.34
CA SER D 61 45.64 36.08 45.75
C SER D 61 45.00 37.45 45.97
N TYR D 62 44.55 37.72 47.19
CA TYR D 62 43.99 39.03 47.51
C TYR D 62 44.08 39.34 49.00
N ASP D 63 44.59 40.52 49.32
CA ASP D 63 44.39 41.09 50.65
C ASP D 63 43.26 42.12 50.53
N GLU D 64 43.22 43.09 51.44
CA GLU D 64 42.11 44.03 51.44
C GLU D 64 42.19 45.02 50.28
N ASN D 65 43.39 45.18 49.73
CA ASN D 65 43.61 46.22 48.71
C ASN D 65 44.49 45.82 47.52
N SER D 66 45.08 44.62 47.57
CA SER D 66 45.97 44.19 46.49
C SER D 66 45.73 42.76 46.00
N ILE D 67 45.50 42.65 44.70
CA ILE D 67 45.41 41.36 44.05
C ILE D 67 46.79 41.00 43.48
N THR D 68 47.15 39.72 43.55
CA THR D 68 48.46 39.28 43.09
C THR D 68 48.29 38.04 42.22
N VAL D 69 48.80 38.11 40.98
CA VAL D 69 48.69 37.02 40.02
C VAL D 69 50.06 36.66 39.43
N ASN D 70 50.61 35.52 39.83
CA ASN D 70 51.90 35.04 39.28
C ASN D 70 53.13 35.86 39.70
N GLY D 71 53.06 36.52 40.85
CA GLY D 71 54.15 37.37 41.29
C GLY D 71 53.89 38.82 40.98
N LYS D 72 53.33 39.09 39.80
CA LYS D 72 52.86 40.42 39.46
C LYS D 72 51.76 40.83 40.44
N THR D 73 51.91 42.01 41.04
CA THR D 73 50.98 42.46 42.06
C THR D 73 50.25 43.71 41.59
N MET D 74 48.99 43.87 42.01
CA MET D 74 48.13 44.94 41.48
C MET D 74 47.20 45.58 42.53
N LYS D 75 47.38 46.89 42.71
CA LYS D 75 46.58 47.64 43.67
C LYS D 75 45.11 47.64 43.29
N ILE D 76 44.23 47.72 44.28
CA ILE D 76 42.81 47.82 43.99
C ILE D 76 42.34 49.23 44.38
N VAL D 77 41.12 49.59 43.99
CA VAL D 77 40.52 50.85 44.43
C VAL D 77 39.04 50.85 44.09
N CYS D 78 38.25 51.56 44.88
CA CYS D 78 36.80 51.52 44.71
C CYS D 78 36.20 52.92 44.65
N ASP D 79 36.55 53.66 43.61
CA ASP D 79 36.00 55.00 43.42
C ASP D 79 35.16 55.08 42.17
N ARG D 80 33.86 55.21 42.35
CA ARG D 80 32.93 55.44 41.24
C ARG D 80 33.31 56.66 40.38
N ASN D 81 34.06 57.58 40.97
CA ASN D 81 34.47 58.82 40.32
C ASN D 81 35.99 58.80 40.04
N PRO D 82 36.36 58.77 38.74
CA PRO D 82 37.76 58.73 38.31
C PRO D 82 38.55 59.94 38.79
N LEU D 83 37.88 61.08 38.98
CA LEU D 83 38.55 62.26 39.54
C LEU D 83 39.28 61.94 40.85
N ASN D 84 38.64 61.16 41.73
CA ASN D 84 39.22 60.84 43.05
C ASN D 84 40.30 59.74 43.00
N LEU D 85 40.56 59.19 41.81
CA LEU D 85 41.54 58.11 41.66
C LEU D 85 42.97 58.65 41.69
N PRO D 86 43.91 57.85 42.21
CA PRO D 86 45.33 58.17 42.44
C PRO D 86 46.29 57.93 41.27
N TRP D 87 45.94 58.41 40.09
CA TRP D 87 46.75 58.14 38.91
C TRP D 87 48.11 58.87 38.93
N LYS D 88 48.03 60.18 39.21
CA LYS D 88 49.20 61.04 39.42
C LYS D 88 50.26 60.40 40.31
N GLU D 89 49.88 60.10 41.55
CA GLU D 89 50.80 59.52 42.52
C GLU D 89 51.26 58.13 42.08
N TRP D 90 50.34 57.38 41.48
CA TRP D 90 50.67 56.04 41.03
C TRP D 90 51.36 55.96 39.67
N ASP D 91 51.65 57.11 39.07
CA ASP D 91 52.47 57.15 37.87
C ASP D 91 51.85 56.32 36.73
N ILE D 92 50.54 56.45 36.57
CA ILE D 92 49.78 55.77 35.52
C ILE D 92 49.90 56.48 34.17
N ASP D 93 50.60 55.83 33.23
CA ASP D 93 50.61 56.31 31.85
C ASP D 93 49.23 56.09 31.21
N LEU D 94 48.85 54.83 31.00
CA LEU D 94 47.63 54.47 30.26
C LEU D 94 46.57 53.76 31.09
N VAL D 95 45.33 54.22 30.98
CA VAL D 95 44.20 53.52 31.60
C VAL D 95 43.22 52.88 30.60
N ILE D 96 42.93 51.60 30.82
CA ILE D 96 41.90 50.89 30.09
C ILE D 96 40.51 51.17 30.69
N GLU D 97 39.69 51.90 29.96
CA GLU D 97 38.39 52.36 30.44
C GLU D 97 37.33 51.36 30.00
N SER D 98 36.97 50.45 30.90
CA SER D 98 36.05 49.36 30.58
C SER D 98 34.84 49.30 31.50
N THR D 99 34.26 50.46 31.78
CA THR D 99 33.08 50.57 32.62
C THR D 99 31.84 50.72 31.76
N GLY D 100 32.04 51.13 30.51
CA GLY D 100 30.93 51.47 29.65
C GLY D 100 30.24 52.74 30.14
N VAL D 101 30.82 53.36 31.16
CA VAL D 101 30.19 54.56 31.73
C VAL D 101 30.86 55.89 31.31
N PHE D 102 32.15 55.84 31.00
CA PHE D 102 32.91 57.03 30.60
C PHE D 102 33.45 56.88 29.19
N VAL D 103 32.59 57.10 28.21
CA VAL D 103 32.94 56.84 26.82
C VAL D 103 32.94 58.13 25.98
N THR D 104 32.51 59.24 26.59
CA THR D 104 32.79 60.55 26.00
C THR D 104 34.24 60.93 26.29
N ALA D 105 34.80 61.82 25.48
CA ALA D 105 36.16 62.26 25.70
C ALA D 105 36.24 63.04 27.00
N GLU D 106 35.19 63.80 27.27
CA GLU D 106 35.07 64.52 28.55
C GLU D 106 35.13 63.56 29.75
N GLY D 107 34.33 62.49 29.69
CA GLY D 107 34.25 61.53 30.78
C GLY D 107 35.55 60.79 30.99
N ALA D 108 36.10 60.24 29.91
CA ALA D 108 37.32 59.46 30.03
C ALA D 108 38.48 60.33 30.47
N SER D 109 38.45 61.60 30.05
CA SER D 109 39.52 62.54 30.43
C SER D 109 39.54 62.81 31.93
N LYS D 110 38.46 62.49 32.61
CA LYS D 110 38.51 62.57 34.07
C LYS D 110 39.67 61.73 34.60
N HIS D 111 40.09 60.70 33.86
CA HIS D 111 41.27 59.93 34.26
C HIS D 111 42.54 60.74 34.06
N ILE D 112 42.50 61.70 33.13
CA ILE D 112 43.69 62.51 32.89
C ILE D 112 43.85 63.60 33.96
N GLN D 113 42.76 64.26 34.34
CA GLN D 113 42.81 65.18 35.46
C GLN D 113 43.47 64.49 36.64
N ALA D 114 43.16 63.21 36.81
CA ALA D 114 43.62 62.44 37.97
C ALA D 114 45.08 62.01 37.85
N GLY D 115 45.66 62.19 36.67
CA GLY D 115 47.08 61.98 36.51
C GLY D 115 47.53 61.02 35.41
N ALA D 116 46.58 60.38 34.74
CA ALA D 116 46.94 59.54 33.59
C ALA D 116 47.21 60.38 32.33
N LYS D 117 48.04 59.84 31.46
CA LYS D 117 48.37 60.51 30.22
C LYS D 117 47.42 60.11 29.09
N LYS D 118 47.14 58.81 28.98
CA LYS D 118 46.27 58.31 27.91
C LYS D 118 45.22 57.32 28.41
N VAL D 119 44.00 57.45 27.88
CA VAL D 119 42.94 56.52 28.23
C VAL D 119 42.41 55.76 26.99
N LEU D 120 42.27 54.43 27.10
CA LEU D 120 41.77 53.56 26.03
C LEU D 120 40.37 53.04 26.33
N ILE D 121 39.36 53.58 25.67
CA ILE D 121 37.99 53.13 25.88
C ILE D 121 37.69 51.82 25.15
N THR D 122 37.43 50.76 25.91
CA THR D 122 37.04 49.45 25.34
C THR D 122 35.60 49.49 24.87
N ALA D 123 35.28 50.49 24.03
CA ALA D 123 33.91 50.69 23.57
C ALA D 123 33.92 51.79 22.54
N PRO D 124 32.83 51.90 21.78
CA PRO D 124 32.78 52.97 20.78
C PRO D 124 32.80 54.33 21.49
N GLY D 125 33.68 55.24 21.07
CA GLY D 125 33.63 56.61 21.55
C GLY D 125 32.25 57.20 21.32
N LYS D 126 31.80 58.05 22.25
CA LYS D 126 30.54 58.78 22.09
C LYS D 126 30.81 60.29 22.06
N GLY D 127 30.07 61.02 21.24
CA GLY D 127 30.32 62.44 21.05
C GLY D 127 31.56 62.72 20.21
N GLU D 128 32.17 63.89 20.43
CA GLU D 128 33.34 64.30 19.66
C GLU D 128 34.64 64.18 20.45
N GLY D 129 35.76 64.10 19.74
CA GLY D 129 37.07 64.18 20.37
C GLY D 129 37.71 62.87 20.82
N VAL D 130 37.28 61.76 20.21
CA VAL D 130 37.91 60.45 20.47
C VAL D 130 38.53 59.88 19.19
N GLY D 131 39.74 59.33 19.32
CA GLY D 131 40.32 58.64 18.18
C GLY D 131 39.98 57.16 18.19
N THR D 132 39.36 56.68 17.12
CA THR D 132 39.00 55.26 17.03
C THR D 132 39.93 54.48 16.11
N TYR D 133 40.51 53.41 16.62
CA TYR D 133 41.34 52.51 15.81
C TYR D 133 40.85 51.05 15.84
N VAL D 134 41.06 50.32 14.74
CA VAL D 134 40.89 48.88 14.71
C VAL D 134 42.19 48.27 14.20
N ILE D 135 42.77 47.31 14.95
CA ILE D 135 44.02 46.67 14.51
C ILE D 135 43.78 46.01 13.14
N GLY D 136 44.80 46.04 12.27
CA GLY D 136 44.65 45.57 10.91
C GLY D 136 43.87 46.44 9.94
N VAL D 137 43.22 47.50 10.42
CA VAL D 137 42.46 48.35 9.51
C VAL D 137 43.02 49.77 9.30
N ASN D 138 43.16 50.54 10.38
CA ASN D 138 43.70 51.92 10.35
C ASN D 138 44.72 52.14 11.45
N ASP D 139 45.37 51.09 11.91
CA ASP D 139 46.28 51.22 13.02
C ASP D 139 47.67 51.65 12.57
N SER D 140 47.96 51.57 11.28
CA SER D 140 49.25 52.08 10.83
C SER D 140 49.18 53.61 10.78
N GLU D 141 47.96 54.15 10.93
CA GLU D 141 47.73 55.58 10.94
C GLU D 141 47.76 56.19 12.35
N TYR D 142 48.52 55.56 13.24
CA TYR D 142 48.49 55.91 14.67
C TYR D 142 49.70 56.73 15.14
N ARG D 143 49.42 57.94 15.62
CA ARG D 143 50.40 58.80 16.30
C ARG D 143 49.96 59.08 17.74
N HIS D 144 50.89 58.94 18.69
CA HIS D 144 50.64 59.21 20.12
C HIS D 144 49.85 60.49 20.40
N GLU D 145 50.22 61.59 19.74
CA GLU D 145 49.75 62.92 20.17
C GLU D 145 48.39 63.32 19.62
N ASP D 146 47.87 62.48 18.72
CA ASP D 146 46.63 62.79 18.01
C ASP D 146 45.40 62.82 18.92
N PHE D 147 45.36 61.90 19.89
CA PHE D 147 44.25 61.88 20.84
C PHE D 147 44.73 61.39 22.18
N ALA D 148 44.26 62.04 23.25
CA ALA D 148 44.56 61.58 24.60
C ALA D 148 43.57 60.49 24.99
N VAL D 149 42.36 60.58 24.46
CA VAL D 149 41.34 59.54 24.67
C VAL D 149 41.11 58.68 23.39
N ILE D 150 41.55 57.42 23.41
CA ILE D 150 41.37 56.53 22.26
C ILE D 150 40.35 55.42 22.50
N SER D 151 39.83 54.88 21.40
CA SER D 151 38.74 53.91 21.44
C SER D 151 39.05 52.72 20.56
N ASN D 152 38.67 51.53 21.01
CA ASN D 152 38.96 50.33 20.21
C ASN D 152 37.73 49.82 19.45
N ALA D 153 36.77 50.72 19.21
CA ALA D 153 35.50 50.39 18.56
C ALA D 153 34.71 49.35 19.34
N SER D 154 33.72 48.73 18.72
CA SER D 154 32.98 47.67 19.39
C SER D 154 33.52 46.32 18.93
N CYS D 155 33.12 45.25 19.62
CA CYS D 155 33.41 43.87 19.19
C CYS D 155 32.89 43.62 17.77
N THR D 156 31.65 44.03 17.52
CA THR D 156 31.06 43.87 16.22
C THR D 156 31.91 44.56 15.17
N THR D 157 32.24 45.84 15.39
CA THR D 157 33.03 46.58 14.40
C THR D 157 34.35 45.89 14.14
N ASN D 158 34.93 45.34 15.20
CA ASN D 158 36.20 44.63 15.07
C ASN D 158 36.03 43.35 14.26
N CYS D 159 34.80 42.83 14.22
CA CYS D 159 34.42 41.78 13.29
C CYS D 159 33.51 42.34 12.18
N LEU D 160 34.03 43.28 11.43
CA LEU D 160 33.25 43.77 10.31
C LEU D 160 34.21 44.52 9.47
N ALA D 161 35.02 45.35 10.14
CA ALA D 161 35.94 46.25 9.48
C ALA D 161 36.98 45.50 8.63
N PRO D 162 37.70 44.54 9.26
CA PRO D 162 38.78 43.89 8.52
C PRO D 162 38.26 43.09 7.32
N VAL D 163 37.07 42.51 7.46
CA VAL D 163 36.46 41.81 6.33
C VAL D 163 36.00 42.84 5.31
N ALA D 164 35.33 43.89 5.79
CA ALA D 164 34.93 45.03 4.94
C ALA D 164 36.13 45.57 4.14
N LYS D 165 37.27 45.64 4.81
CA LYS D 165 38.47 46.20 4.20
C LYS D 165 38.96 45.33 3.05
N VAL D 166 39.11 44.04 3.30
CA VAL D 166 39.57 43.12 2.29
C VAL D 166 38.65 43.12 1.06
N LEU D 167 37.34 43.03 1.30
CA LEU D 167 36.36 43.14 0.23
C LEU D 167 36.55 44.45 -0.55
N HIS D 168 36.56 45.56 0.17
CA HIS D 168 36.72 46.84 -0.51
C HIS D 168 38.01 46.89 -1.33
N ASP D 169 39.13 46.52 -0.73
CA ASP D 169 40.41 46.57 -1.42
C ASP D 169 40.38 45.76 -2.71
N ASN D 170 39.78 44.57 -2.66
CA ASN D 170 39.81 43.68 -3.81
C ASN D 170 38.71 43.89 -4.86
N PHE D 171 37.52 44.31 -4.45
CA PHE D 171 36.40 44.34 -5.40
C PHE D 171 35.69 45.67 -5.47
N GLY D 172 35.94 46.52 -4.49
CA GLY D 172 35.30 47.82 -4.41
C GLY D 172 33.87 47.79 -3.90
N ILE D 173 33.67 48.14 -2.63
CA ILE D 173 32.33 48.19 -2.07
C ILE D 173 31.56 49.46 -2.50
N ILE D 174 30.42 49.26 -3.13
CA ILE D 174 29.56 50.38 -3.55
C ILE D 174 28.60 50.73 -2.42
N LYS D 175 27.99 49.70 -1.84
CA LYS D 175 27.06 49.86 -0.72
C LYS D 175 26.80 48.45 -0.19
N GLY D 176 26.23 48.38 1.00
CA GLY D 176 25.89 47.10 1.59
C GLY D 176 25.06 47.26 2.84
N THR D 177 24.86 46.13 3.53
CA THR D 177 24.06 46.08 4.74
C THR D 177 24.55 44.91 5.56
N MET D 178 24.18 44.86 6.83
CA MET D 178 24.65 43.78 7.69
C MET D 178 23.73 43.61 8.89
N THR D 179 23.64 42.35 9.30
CA THR D 179 22.96 42.00 10.51
C THR D 179 24.02 41.29 11.36
N THR D 180 24.04 41.59 12.65
CA THR D 180 24.89 40.85 13.58
C THR D 180 23.99 40.08 14.53
N THR D 181 24.18 38.77 14.55
CA THR D 181 23.43 37.89 15.45
C THR D 181 24.30 37.72 16.68
N HIS D 182 23.79 38.18 17.82
CA HIS D 182 24.65 38.54 18.92
C HIS D 182 24.25 37.91 20.25
N SER D 183 25.23 37.27 20.91
CA SER D 183 25.06 36.88 22.30
C SER D 183 24.57 38.09 23.10
N TYR D 184 23.55 37.87 23.93
CA TYR D 184 23.11 38.93 24.84
C TYR D 184 24.30 39.41 25.67
N THR D 185 24.23 40.64 26.16
CA THR D 185 25.33 41.26 26.89
C THR D 185 24.80 41.69 28.26
N LEU D 186 25.68 42.20 29.14
CA LEU D 186 25.22 42.71 30.43
C LEU D 186 24.35 43.99 30.31
N ASP D 187 24.21 44.49 29.07
CA ASP D 187 23.35 45.67 28.78
C ASP D 187 21.91 45.30 28.43
N GLN D 188 21.62 44.00 28.32
CA GLN D 188 20.24 43.53 28.17
C GLN D 188 19.65 43.18 29.55
N ARG D 189 18.33 43.02 29.63
CA ARG D 189 17.67 42.67 30.89
C ARG D 189 17.40 41.17 30.95
N ILE D 190 17.71 40.53 32.07
CA ILE D 190 17.51 39.08 32.18
C ILE D 190 16.03 38.69 32.09
N LEU D 191 15.16 39.54 32.63
CA LEU D 191 13.70 39.39 32.46
C LEU D 191 13.08 40.74 32.04
N ASP D 192 11.83 40.71 31.60
CA ASP D 192 11.12 41.92 31.16
C ASP D 192 11.27 43.11 32.15
N ALA D 193 12.28 43.97 31.93
CA ALA D 193 12.58 45.12 32.80
C ALA D 193 12.90 46.39 32.00
N SER D 194 12.62 47.55 32.59
CA SER D 194 12.78 48.85 31.93
C SER D 194 14.17 49.10 31.33
N HIS D 195 14.16 49.85 30.22
CA HIS D 195 15.33 50.07 29.37
C HIS D 195 14.91 51.10 28.32
N ARG D 196 15.81 52.02 27.96
CA ARG D 196 15.50 53.03 26.93
C ARG D 196 15.12 52.41 25.56
N ASP D 197 15.79 51.32 25.20
CA ASP D 197 15.41 50.54 24.02
C ASP D 197 14.31 49.57 24.46
N LEU D 198 13.08 49.80 23.97
CA LEU D 198 11.93 48.99 24.39
C LEU D 198 12.08 47.52 23.98
N ARG D 199 13.11 47.22 23.19
CA ARG D 199 13.41 45.86 22.82
C ARG D 199 14.45 45.26 23.77
N ARG D 200 15.55 45.97 23.98
CA ARG D 200 16.57 45.55 24.95
C ARG D 200 15.98 45.42 26.36
N ALA D 201 14.78 45.94 26.55
CA ALA D 201 14.03 45.82 27.80
C ALA D 201 13.53 44.40 28.12
N ARG D 202 13.65 43.48 27.15
CA ARG D 202 12.94 42.19 27.21
C ARG D 202 13.84 40.97 27.55
N ALA D 203 13.26 39.97 28.22
CA ALA D 203 13.98 38.73 28.62
C ALA D 203 14.97 38.20 27.57
N ALA D 204 16.24 38.55 27.73
CA ALA D 204 17.26 38.23 26.73
C ALA D 204 17.42 36.73 26.37
N ALA D 205 17.06 35.84 27.31
CA ALA D 205 17.35 34.42 27.12
C ALA D 205 16.19 33.62 26.54
N VAL D 206 15.03 34.26 26.36
CA VAL D 206 13.86 33.61 25.76
C VAL D 206 13.31 34.45 24.61
N ASN D 207 14.17 35.25 24.00
CA ASN D 207 13.77 36.09 22.87
C ASN D 207 14.85 36.18 21.81
N ILE D 208 14.45 36.31 20.54
CA ILE D 208 15.33 36.93 19.57
C ILE D 208 14.98 38.42 19.65
N VAL D 209 15.95 39.26 20.01
CA VAL D 209 15.64 40.67 20.25
C VAL D 209 16.37 41.60 19.30
N PRO D 210 15.61 42.33 18.48
CA PRO D 210 16.27 43.19 17.49
C PRO D 210 16.66 44.49 18.16
N THR D 211 17.80 45.05 17.76
CA THR D 211 18.30 46.29 18.35
C THR D 211 19.19 47.06 17.38
N THR D 212 19.43 48.34 17.66
CA THR D 212 20.33 49.15 16.83
C THR D 212 21.80 48.77 17.06
N THR D 213 22.63 49.20 16.11
CA THR D 213 24.06 48.94 16.15
C THR D 213 24.76 50.11 15.46
N GLY D 214 25.86 50.58 16.02
CA GLY D 214 26.63 51.60 15.34
C GLY D 214 27.66 50.98 14.43
N ALA D 215 27.77 49.66 14.49
CA ALA D 215 28.90 48.95 13.92
C ALA D 215 29.13 49.29 12.44
N ALA D 216 28.04 49.39 11.69
CA ALA D 216 28.13 49.63 10.25
C ALA D 216 28.77 50.97 10.00
N LYS D 217 28.30 51.96 10.74
CA LYS D 217 28.76 53.33 10.61
C LYS D 217 30.16 53.56 11.19
N ALA D 218 30.50 52.82 12.24
CA ALA D 218 31.83 52.93 12.83
C ALA D 218 32.91 52.52 11.83
N VAL D 219 32.57 51.68 10.87
CA VAL D 219 33.54 51.25 9.88
C VAL D 219 34.06 52.49 9.12
N ALA D 220 33.19 53.50 8.97
CA ALA D 220 33.56 54.73 8.27
C ALA D 220 34.70 55.50 8.94
N LEU D 221 34.80 55.34 10.26
CA LEU D 221 35.86 55.90 11.08
C LEU D 221 37.21 55.23 10.89
N VAL D 222 37.21 53.96 10.51
CA VAL D 222 38.48 53.26 10.26
C VAL D 222 38.74 52.97 8.79
N ILE D 223 37.68 53.04 7.98
CA ILE D 223 37.80 53.00 6.51
C ILE D 223 36.88 54.09 5.95
N PRO D 224 37.37 55.34 5.86
CA PRO D 224 36.56 56.52 5.54
C PRO D 224 35.94 56.40 4.15
N GLU D 225 36.67 55.75 3.24
CA GLU D 225 36.16 55.36 1.93
C GLU D 225 34.79 54.66 2.00
N LEU D 226 34.45 54.10 3.16
CA LEU D 226 33.17 53.38 3.27
C LEU D 226 32.10 54.18 3.97
N LYS D 227 32.39 55.44 4.24
CA LYS D 227 31.44 56.30 4.92
C LYS D 227 30.14 56.37 4.11
N GLY D 228 29.02 56.15 4.79
CA GLY D 228 27.69 56.28 4.20
C GLY D 228 27.28 55.02 3.46
N LYS D 229 28.23 54.11 3.30
CA LYS D 229 27.99 52.96 2.44
C LYS D 229 27.39 51.74 3.15
N LEU D 230 27.54 51.67 4.47
CA LEU D 230 27.01 50.51 5.23
C LEU D 230 25.97 50.89 6.28
N ASN D 231 24.91 50.10 6.35
CA ASN D 231 23.93 50.20 7.42
C ASN D 231 23.82 48.82 8.11
N GLY D 232 23.22 48.78 9.30
CA GLY D 232 23.23 47.55 10.04
C GLY D 232 22.15 47.48 11.09
N ILE D 233 21.62 46.28 11.32
CA ILE D 233 20.78 46.01 12.49
C ILE D 233 21.46 44.92 13.32
N ALA D 234 20.90 44.63 14.48
CA ALA D 234 21.44 43.56 15.31
C ALA D 234 20.31 42.66 15.77
N LEU D 235 20.59 41.36 15.90
CA LEU D 235 19.66 40.46 16.60
C LEU D 235 20.35 39.81 17.81
N ARG D 236 19.86 40.09 19.03
CA ARG D 236 20.41 39.42 20.21
C ARG D 236 19.69 38.08 20.45
N VAL D 237 20.48 37.05 20.69
CA VAL D 237 19.96 35.70 20.86
C VAL D 237 20.48 35.06 22.15
N PRO D 238 19.77 34.02 22.64
CA PRO D 238 20.09 33.33 23.90
C PRO D 238 21.33 32.44 23.86
N THR D 239 22.47 33.07 23.59
CA THR D 239 23.77 32.47 23.82
C THR D 239 24.57 33.50 24.59
N PRO D 240 25.52 33.05 25.44
CA PRO D 240 26.24 33.89 26.40
C PRO D 240 27.56 34.45 25.84
N ASN D 241 27.96 33.92 24.68
CA ASN D 241 29.18 34.35 23.99
C ASN D 241 29.28 33.74 22.59
N VAL D 242 30.21 34.30 21.80
CA VAL D 242 30.29 34.09 20.35
C VAL D 242 29.11 34.67 19.56
N SER D 243 29.46 35.49 18.58
CA SER D 243 28.48 36.17 17.76
C SER D 243 28.88 36.03 16.31
N VAL D 244 28.01 36.48 15.43
CA VAL D 244 28.24 36.29 14.01
C VAL D 244 27.80 37.52 13.25
N VAL D 245 28.59 37.90 12.27
CA VAL D 245 28.21 38.98 11.37
C VAL D 245 27.88 38.44 9.97
N ASP D 246 26.73 38.88 9.47
CA ASP D 246 26.26 38.58 8.12
C ASP D 246 26.29 39.87 7.29
N LEU D 247 27.23 39.93 6.35
CA LEU D 247 27.48 41.12 5.56
C LEU D 247 27.04 40.93 4.12
N VAL D 248 26.21 41.82 3.61
CA VAL D 248 25.86 41.75 2.19
C VAL D 248 26.27 43.05 1.50
N VAL D 249 27.23 42.97 0.58
CA VAL D 249 27.61 44.14 -0.20
C VAL D 249 27.45 43.99 -1.72
N GLN D 250 27.09 45.09 -2.37
CA GLN D 250 27.28 45.18 -3.81
C GLN D 250 28.72 45.60 -4.09
N VAL D 251 29.35 45.03 -5.12
CA VAL D 251 30.75 45.36 -5.39
C VAL D 251 30.93 45.86 -6.81
N GLU D 252 32.10 46.44 -7.09
CA GLU D 252 32.37 47.01 -8.40
C GLU D 252 32.85 45.98 -9.40
N LYS D 253 33.71 45.08 -8.93
CA LYS D 253 34.36 44.09 -9.77
C LYS D 253 33.63 42.76 -9.76
N PRO D 254 33.22 42.26 -10.94
CA PRO D 254 32.56 40.93 -11.01
C PRO D 254 33.45 39.84 -10.42
N THR D 255 32.86 39.02 -9.57
CA THR D 255 33.61 37.97 -8.90
C THR D 255 32.77 36.71 -8.74
N ILE D 256 33.32 35.73 -8.04
CA ILE D 256 32.58 34.51 -7.74
C ILE D 256 32.94 34.02 -6.33
N THR D 257 32.07 33.20 -5.76
CA THR D 257 32.30 32.63 -4.44
C THR D 257 33.73 32.13 -4.24
N GLU D 258 34.20 31.26 -5.12
CA GLU D 258 35.55 30.73 -4.95
C GLU D 258 36.56 31.85 -4.77
N GLN D 259 36.37 32.93 -5.51
CA GLN D 259 37.36 34.00 -5.60
C GLN D 259 37.35 34.88 -4.35
N VAL D 260 36.16 35.29 -3.93
CA VAL D 260 36.06 36.07 -2.71
C VAL D 260 36.66 35.28 -1.56
N ASN D 261 36.32 34.00 -1.47
CA ASN D 261 36.90 33.13 -0.45
C ASN D 261 38.42 33.12 -0.53
N GLU D 262 38.93 33.10 -1.75
CA GLU D 262 40.37 33.14 -2.03
C GLU D 262 41.02 34.35 -1.35
N VAL D 263 40.56 35.56 -1.67
CA VAL D 263 41.24 36.73 -1.10
C VAL D 263 41.16 36.73 0.44
N LEU D 264 40.01 36.32 0.97
CA LEU D 264 39.84 36.27 2.42
C LEU D 264 40.86 35.32 3.05
N GLN D 265 41.03 34.15 2.43
CA GLN D 265 42.01 33.18 2.90
C GLN D 265 43.43 33.74 2.83
N LYS D 266 43.75 34.41 1.72
CA LYS D 266 45.08 34.97 1.53
C LYS D 266 45.33 35.98 2.63
N ALA D 267 44.38 36.88 2.85
CA ALA D 267 44.53 37.86 3.94
C ALA D 267 44.85 37.19 5.29
N SER D 268 44.04 36.21 5.68
CA SER D 268 44.21 35.54 6.96
C SER D 268 45.59 34.92 7.07
N GLN D 269 46.28 34.84 5.94
CA GLN D 269 47.63 34.26 5.90
C GLN D 269 48.70 35.35 5.89
N THR D 270 48.30 36.56 5.53
CA THR D 270 49.26 37.63 5.30
C THR D 270 48.89 38.94 6.00
N THR D 271 48.30 39.85 5.23
CA THR D 271 48.02 41.19 5.69
C THR D 271 47.04 41.21 6.84
N MET D 272 46.30 40.11 6.99
CA MET D 272 45.36 40.04 8.11
C MET D 272 45.70 38.95 9.13
N LYS D 273 46.96 38.50 9.11
CA LYS D 273 47.39 37.42 10.01
C LYS D 273 47.18 37.76 11.47
N GLY D 274 46.36 36.96 12.14
CA GLY D 274 46.07 37.16 13.54
C GLY D 274 44.81 37.97 13.74
N ILE D 275 44.29 38.53 12.65
CA ILE D 275 43.06 39.33 12.76
C ILE D 275 41.89 38.55 12.19
N ILE D 276 42.01 38.13 10.94
CA ILE D 276 41.00 37.29 10.29
C ILE D 276 41.43 35.84 10.34
N LYS D 277 40.54 34.96 10.81
CA LYS D 277 40.74 33.51 10.67
C LYS D 277 39.92 33.00 9.47
N TYR D 278 40.49 32.07 8.70
CA TYR D 278 39.75 31.43 7.62
C TYR D 278 39.33 30.02 8.03
N SER D 279 38.04 29.83 8.19
CA SER D 279 37.53 28.54 8.63
C SER D 279 36.72 27.90 7.50
N ASP D 280 37.27 26.83 6.94
CA ASP D 280 36.56 26.05 5.94
C ASP D 280 36.10 24.72 6.54
N LEU D 281 35.50 24.79 7.73
CA LEU D 281 35.05 23.58 8.41
C LEU D 281 33.60 23.75 8.83
N PRO D 282 32.88 22.63 8.91
CA PRO D 282 31.46 22.60 9.29
C PRO D 282 31.38 22.74 10.80
N LEU D 283 31.50 23.98 11.28
CA LEU D 283 31.59 24.25 12.70
C LEU D 283 30.41 25.07 13.19
N VAL D 284 30.30 25.17 14.51
CA VAL D 284 29.18 25.87 15.14
C VAL D 284 29.68 26.82 16.22
N SER D 285 28.78 27.67 16.71
CA SER D 285 29.18 28.81 17.53
C SER D 285 30.15 28.51 18.69
N SER D 286 29.98 27.37 19.37
CA SER D 286 30.79 27.07 20.56
C SER D 286 32.24 26.73 20.23
N ASP D 287 32.55 26.53 18.95
CA ASP D 287 33.87 26.09 18.55
C ASP D 287 34.80 27.28 18.31
N PHE D 288 34.27 28.48 18.47
CA PHE D 288 35.11 29.66 18.38
C PHE D 288 35.34 30.37 19.71
N ARG D 289 34.84 29.80 20.81
CA ARG D 289 35.29 30.22 22.14
C ARG D 289 36.82 30.15 22.20
N GLY D 290 37.43 31.16 22.80
CA GLY D 290 38.88 31.19 22.94
C GLY D 290 39.65 31.54 21.69
N THR D 291 38.95 31.80 20.59
CA THR D 291 39.65 32.13 19.33
C THR D 291 40.23 33.55 19.35
N ASP D 292 41.54 33.67 19.10
CA ASP D 292 42.26 34.95 19.18
C ASP D 292 41.91 35.96 18.08
N GLU D 293 41.64 35.48 16.87
CA GLU D 293 41.32 36.38 15.75
C GLU D 293 40.05 37.19 16.09
N SER D 294 39.80 38.29 15.40
CA SER D 294 38.57 39.05 15.67
C SER D 294 37.49 38.94 14.58
N SER D 295 37.82 38.24 13.48
CA SER D 295 36.81 37.81 12.52
C SER D 295 37.14 36.42 12.04
N ILE D 296 36.17 35.52 12.14
CA ILE D 296 36.40 34.15 11.68
C ILE D 296 35.46 33.89 10.51
N VAL D 297 36.00 33.93 9.29
CA VAL D 297 35.19 33.80 8.10
C VAL D 297 34.77 32.34 7.90
N ASP D 298 33.49 32.12 7.71
CA ASP D 298 32.99 30.77 7.49
C ASP D 298 32.88 30.53 6.00
N SER D 299 33.96 30.06 5.37
CA SER D 299 34.01 30.03 3.89
C SER D 299 32.85 29.28 3.24
N SER D 300 32.38 28.21 3.88
CA SER D 300 31.26 27.44 3.34
C SER D 300 30.03 28.29 3.17
N LEU D 301 29.94 29.41 3.89
CA LEU D 301 28.73 30.21 3.87
C LEU D 301 28.80 31.35 2.86
N THR D 302 29.98 31.53 2.28
CA THR D 302 30.19 32.58 1.30
C THR D 302 29.24 32.37 0.11
N LEU D 303 28.86 33.47 -0.54
CA LEU D 303 27.78 33.45 -1.52
C LEU D 303 27.82 34.63 -2.49
N VAL D 304 27.86 34.36 -3.80
CA VAL D 304 27.83 35.44 -4.78
C VAL D 304 26.66 35.36 -5.77
N MET D 305 25.86 36.42 -5.85
CA MET D 305 24.74 36.46 -6.79
C MET D 305 25.00 37.38 -7.99
N ASP D 306 24.96 36.77 -9.17
CA ASP D 306 25.11 37.50 -10.44
C ASP D 306 26.35 38.37 -10.44
N GLY D 307 27.45 37.87 -9.84
CA GLY D 307 28.78 38.44 -10.02
C GLY D 307 29.21 39.64 -9.18
N ASP D 308 28.27 40.36 -8.58
CA ASP D 308 28.65 41.52 -7.78
C ASP D 308 27.85 41.73 -6.49
N LEU D 309 27.05 40.74 -6.08
CA LEU D 309 26.33 40.87 -4.80
C LEU D 309 26.83 39.79 -3.85
N VAL D 310 27.74 40.15 -2.93
CA VAL D 310 28.41 39.11 -2.17
C VAL D 310 28.01 39.07 -0.72
N LYS D 311 27.76 37.86 -0.23
CA LYS D 311 27.45 37.67 1.17
C LYS D 311 28.63 36.95 1.85
N VAL D 312 29.04 37.51 2.98
CA VAL D 312 30.04 36.85 3.81
C VAL D 312 29.61 36.71 5.27
N ILE D 313 29.94 35.56 5.86
CA ILE D 313 29.56 35.28 7.22
C ILE D 313 30.82 35.15 8.08
N ALA D 314 30.83 35.83 9.22
CA ALA D 314 32.03 35.79 10.05
C ALA D 314 31.71 35.77 11.53
N TRP D 315 32.29 34.78 12.21
CA TRP D 315 32.12 34.61 13.64
C TRP D 315 33.09 35.50 14.41
N TYR D 316 32.70 35.87 15.62
CA TYR D 316 33.65 36.44 16.52
C TYR D 316 33.29 36.10 17.97
N ASP D 317 34.29 35.69 18.73
CA ASP D 317 34.17 35.67 20.19
C ASP D 317 34.04 37.11 20.67
N ASN D 318 32.82 37.55 20.92
CA ASN D 318 32.52 38.98 21.19
C ASN D 318 33.25 39.60 22.40
N GLU D 319 33.96 38.78 23.14
CA GLU D 319 34.62 39.22 24.35
C GLU D 319 36.10 38.92 24.28
N TRP D 320 36.45 37.70 23.93
CA TRP D 320 37.85 37.31 24.01
C TRP D 320 38.75 37.86 22.89
N GLY D 321 38.31 37.72 21.64
CA GLY D 321 39.04 38.27 20.50
C GLY D 321 39.12 39.79 20.59
N TYR D 322 38.03 40.42 21.01
CA TYR D 322 38.01 41.87 21.15
C TYR D 322 38.99 42.30 22.24
N SER D 323 39.07 41.52 23.31
CA SER D 323 40.01 41.82 24.39
C SER D 323 41.45 41.57 23.97
N GLN D 324 41.67 40.70 22.99
CA GLN D 324 43.01 40.50 22.47
C GLN D 324 43.41 41.72 21.65
N ARG D 325 42.40 42.38 21.08
CA ARG D 325 42.65 43.60 20.28
C ARG D 325 42.90 44.81 21.16
N VAL D 326 42.12 44.96 22.23
CA VAL D 326 42.40 46.07 23.17
C VAL D 326 43.84 45.95 23.66
N VAL D 327 44.25 44.75 24.07
CA VAL D 327 45.65 44.49 24.40
C VAL D 327 46.60 44.92 23.27
N ASP D 328 46.33 44.47 22.05
CA ASP D 328 47.12 44.86 20.86
C ASP D 328 47.26 46.38 20.72
N LEU D 329 46.14 47.09 20.90
CA LEU D 329 46.08 48.53 20.83
C LEU D 329 46.86 49.20 21.98
N ALA D 330 46.75 48.62 23.18
CA ALA D 330 47.50 49.11 24.34
C ALA D 330 48.98 48.92 24.11
N GLU D 331 49.33 47.70 23.71
CA GLU D 331 50.70 47.37 23.35
C GLU D 331 51.18 48.39 22.32
N LEU D 332 50.35 48.66 21.31
CA LEU D 332 50.70 49.60 20.24
C LEU D 332 51.05 50.97 20.79
N ALA D 333 50.15 51.54 21.59
CA ALA D 333 50.34 52.89 22.12
C ALA D 333 51.65 52.98 22.89
N ALA D 334 52.12 51.86 23.39
CA ALA D 334 53.35 51.85 24.16
C ALA D 334 54.55 52.04 23.24
N ARG D 335 54.67 51.14 22.26
CA ARG D 335 55.76 51.16 21.30
C ARG D 335 55.84 52.48 20.56
N LYS D 336 54.71 53.13 20.35
CA LYS D 336 54.70 54.41 19.65
C LYS D 336 54.49 55.61 20.60
N TRP D 337 54.73 55.37 21.90
CA TRP D 337 54.55 56.42 22.92
C TRP D 337 55.58 57.56 22.75
N ALA D 338 55.06 58.75 22.48
CA ALA D 338 55.89 59.89 22.08
C ALA D 338 56.12 60.84 23.26
N MET E 1 -17.13 52.43 49.43
CA MET E 1 -16.13 52.46 50.50
C MET E 1 -14.80 51.81 50.08
N THR E 2 -14.49 51.90 48.78
CA THR E 2 -13.22 51.39 48.27
C THR E 2 -12.03 52.17 48.85
N ILE E 3 -10.87 51.52 48.93
CA ILE E 3 -9.64 52.22 49.30
C ILE E 3 -8.80 52.56 48.08
N ARG E 4 -8.12 53.69 48.13
CA ARG E 4 -7.35 54.19 47.00
C ARG E 4 -5.90 53.68 47.01
N VAL E 5 -5.42 53.19 45.86
CA VAL E 5 -4.15 52.45 45.79
C VAL E 5 -3.11 53.04 44.82
N ALA E 6 -1.84 52.87 45.15
CA ALA E 6 -0.73 53.33 44.31
C ALA E 6 0.32 52.23 44.16
N ILE E 7 0.85 52.06 42.96
CA ILE E 7 1.89 51.07 42.74
C ILE E 7 3.27 51.72 42.71
N ASN E 8 4.20 51.13 43.45
CA ASN E 8 5.58 51.61 43.43
C ASN E 8 6.54 50.54 42.90
N GLY E 9 7.09 50.80 41.72
CA GLY E 9 7.92 49.81 41.05
C GLY E 9 7.09 49.01 40.07
N PHE E 10 6.88 49.55 38.88
CA PHE E 10 6.07 48.87 37.87
C PHE E 10 6.92 47.79 37.18
N GLY E 11 7.28 46.76 37.94
CA GLY E 11 8.09 45.67 37.45
C GLY E 11 7.30 44.39 37.19
N ARG E 12 7.95 43.23 37.31
CA ARG E 12 7.26 41.97 37.06
C ARG E 12 6.03 41.92 37.96
N ILE E 13 6.27 42.01 39.27
CA ILE E 13 5.23 42.04 40.30
C ILE E 13 4.33 43.28 40.12
N GLY E 14 4.95 44.46 39.99
CA GLY E 14 4.20 45.66 39.68
C GLY E 14 3.11 45.39 38.66
N ARG E 15 3.52 45.03 37.44
CA ARG E 15 2.57 44.83 36.35
C ARG E 15 1.67 43.60 36.55
N ASN E 16 2.26 42.49 37.00
CA ASN E 16 1.45 41.31 37.27
C ASN E 16 0.23 41.65 38.14
N PHE E 17 0.47 42.40 39.21
CA PHE E 17 -0.57 42.88 40.10
C PHE E 17 -1.67 43.60 39.32
N LEU E 18 -1.27 44.62 38.57
CA LEU E 18 -2.24 45.40 37.81
C LEU E 18 -3.11 44.44 37.02
N ARG E 19 -2.46 43.48 36.37
CA ARG E 19 -3.19 42.49 35.57
C ARG E 19 -4.10 41.60 36.42
N CYS E 20 -3.53 40.95 37.43
CA CYS E 20 -4.31 40.11 38.35
C CYS E 20 -5.55 40.85 38.85
N TRP E 21 -5.43 42.15 39.04
CA TRP E 21 -6.51 42.97 39.57
C TRP E 21 -7.64 43.21 38.56
N PHE E 22 -7.27 43.58 37.34
CA PHE E 22 -8.27 43.85 36.29
C PHE E 22 -9.08 42.61 35.94
N GLY E 23 -8.53 41.42 36.20
CA GLY E 23 -9.22 40.18 35.92
C GLY E 23 -10.14 39.70 37.02
N ARG E 24 -10.38 40.58 37.99
CA ARG E 24 -11.18 40.22 39.15
C ARG E 24 -12.63 40.65 38.99
N GLN E 25 -13.54 39.69 39.15
CA GLN E 25 -14.97 39.99 39.21
C GLN E 25 -15.21 41.17 40.15
N ASN E 26 -14.63 41.06 41.34
CA ASN E 26 -14.96 41.98 42.44
C ASN E 26 -13.76 42.55 43.16
N THR E 27 -13.91 43.77 43.67
CA THR E 27 -12.83 44.48 44.33
C THR E 27 -13.29 45.65 45.21
N ASP E 28 -12.58 45.87 46.32
CA ASP E 28 -12.73 47.08 47.13
C ASP E 28 -11.52 47.98 46.90
N LEU E 29 -10.67 47.56 45.96
CA LEU E 29 -9.46 48.30 45.63
C LEU E 29 -9.71 49.27 44.49
N GLU E 30 -8.96 50.38 44.51
CA GLU E 30 -9.05 51.40 43.47
C GLU E 30 -7.64 51.92 43.19
N VAL E 31 -7.04 51.45 42.10
CA VAL E 31 -5.70 51.90 41.72
C VAL E 31 -5.81 53.26 41.05
N VAL E 32 -4.89 54.18 41.34
CA VAL E 32 -4.99 55.52 40.78
C VAL E 32 -3.65 56.11 40.34
N ALA E 33 -2.56 55.43 40.66
CA ALA E 33 -1.24 56.02 40.44
C ALA E 33 -0.14 54.98 40.41
N ILE E 34 0.92 55.27 39.67
CA ILE E 34 2.06 54.38 39.57
C ILE E 34 3.37 55.16 39.62
N ASN E 35 4.32 54.69 40.41
CA ASN E 35 5.64 55.31 40.42
C ASN E 35 6.72 54.46 39.74
N ASN E 36 7.56 55.14 38.95
CA ASN E 36 8.17 54.62 37.72
C ASN E 36 9.64 54.97 37.47
N THR E 37 10.56 54.00 37.56
CA THR E 37 11.92 54.31 37.13
C THR E 37 12.04 54.41 35.60
N SER E 38 10.94 54.79 34.94
CA SER E 38 10.96 55.16 33.52
C SER E 38 9.74 56.06 33.22
N ASP E 39 9.47 56.33 31.95
CA ASP E 39 8.34 57.19 31.57
C ASP E 39 7.01 56.43 31.48
N ALA E 40 5.96 57.11 31.04
CA ALA E 40 4.63 56.51 30.94
C ALA E 40 4.49 55.61 29.71
N ARG E 41 5.14 55.98 28.62
CA ARG E 41 5.09 55.21 27.38
C ARG E 41 5.59 53.81 27.68
N THR E 42 6.79 53.75 28.25
CA THR E 42 7.43 52.50 28.60
C THR E 42 6.51 51.61 29.45
N ALA E 43 5.53 52.23 30.10
CA ALA E 43 4.67 51.54 31.06
C ALA E 43 3.49 50.86 30.40
N ALA E 44 2.71 51.61 29.64
CA ALA E 44 1.60 51.03 28.90
C ALA E 44 2.12 50.01 27.88
N HIS E 45 3.41 50.09 27.54
CA HIS E 45 4.04 49.13 26.64
C HIS E 45 4.27 47.79 27.36
N LEU E 46 5.13 47.83 28.37
CA LEU E 46 5.46 46.62 29.13
C LEU E 46 4.23 46.08 29.84
N LEU E 47 3.18 46.90 29.89
CA LEU E 47 1.93 46.43 30.47
C LEU E 47 1.21 45.50 29.51
N GLU E 48 1.23 45.83 28.23
CA GLU E 48 0.54 45.03 27.22
C GLU E 48 1.36 43.84 26.72
N TYR E 49 2.65 44.07 26.45
CA TYR E 49 3.49 43.02 25.89
C TYR E 49 4.40 42.39 26.94
N ASP E 50 4.28 41.08 27.11
CA ASP E 50 5.00 40.34 28.14
C ASP E 50 5.60 39.04 27.60
N SER E 51 6.92 38.94 27.66
CA SER E 51 7.65 37.73 27.23
C SER E 51 7.11 36.43 27.84
N VAL E 52 6.36 36.53 28.93
CA VAL E 52 5.95 35.35 29.68
C VAL E 52 4.42 35.28 29.86
N LEU E 53 3.80 36.40 30.20
CA LEU E 53 2.35 36.45 30.29
C LEU E 53 1.70 36.50 28.91
N GLY E 54 2.46 36.96 27.92
CA GLY E 54 1.90 37.19 26.59
C GLY E 54 1.04 38.44 26.59
N ARG E 55 0.48 38.76 25.42
CA ARG E 55 -0.26 40.00 25.27
C ARG E 55 -1.42 40.14 26.27
N PHE E 56 -1.52 41.32 26.87
CA PHE E 56 -2.64 41.66 27.76
C PHE E 56 -3.79 42.28 26.97
N ASN E 57 -4.96 41.62 27.00
CA ASN E 57 -6.10 42.01 26.18
C ASN E 57 -6.94 43.15 26.78
N ALA E 58 -6.49 44.39 26.60
CA ALA E 58 -7.19 45.54 27.21
C ALA E 58 -7.10 46.83 26.38
N ASP E 59 -8.03 47.76 26.63
CA ASP E 59 -7.90 49.11 26.12
C ASP E 59 -6.71 49.76 26.82
N ILE E 60 -5.68 50.16 26.07
CA ILE E 60 -4.44 50.63 26.69
C ILE E 60 -3.90 51.96 26.15
N SER E 61 -4.56 53.06 26.50
CA SER E 61 -4.09 54.40 26.15
C SER E 61 -3.06 54.89 27.16
N TYR E 62 -2.35 55.96 26.82
CA TYR E 62 -1.46 56.66 27.76
C TYR E 62 -1.17 58.08 27.29
N ASP E 63 -1.05 59.01 28.24
CA ASP E 63 -0.53 60.35 27.97
C ASP E 63 0.89 60.44 28.52
N GLU E 64 1.33 61.64 28.89
CA GLU E 64 2.65 61.79 29.47
C GLU E 64 2.57 61.69 30.99
N ASN E 65 1.39 62.00 31.53
CA ASN E 65 1.13 61.98 32.96
C ASN E 65 0.22 60.82 33.33
N SER E 66 -0.18 60.04 32.33
CA SER E 66 -1.27 59.09 32.53
C SER E 66 -1.11 57.76 31.79
N ILE E 67 -1.78 56.74 32.32
CA ILE E 67 -2.05 55.49 31.64
C ILE E 67 -3.54 55.24 31.88
N THR E 68 -4.26 54.87 30.83
CA THR E 68 -5.65 54.46 31.02
C THR E 68 -5.80 53.01 30.58
N VAL E 69 -6.52 52.23 31.37
CA VAL E 69 -6.85 50.87 30.97
C VAL E 69 -8.33 50.61 31.19
N ASN E 70 -9.02 50.30 30.10
CA ASN E 70 -10.43 49.90 30.17
C ASN E 70 -11.31 50.89 30.93
N GLY E 71 -11.05 52.18 30.75
CA GLY E 71 -11.87 53.21 31.36
C GLY E 71 -11.45 53.56 32.77
N LYS E 72 -10.39 52.92 33.24
CA LYS E 72 -9.83 53.21 34.56
C LYS E 72 -8.45 53.85 34.43
N THR E 73 -8.38 55.13 34.73
CA THR E 73 -7.16 55.91 34.50
C THR E 73 -6.23 55.90 35.71
N MET E 74 -4.94 56.14 35.47
CA MET E 74 -3.92 56.04 36.52
C MET E 74 -2.80 57.07 36.32
N LYS E 75 -2.70 58.05 37.21
CA LYS E 75 -1.68 59.08 37.09
C LYS E 75 -0.29 58.44 37.11
N ILE E 76 0.65 59.05 36.38
CA ILE E 76 2.01 58.52 36.28
C ILE E 76 3.01 59.49 36.93
N VAL E 77 3.91 58.96 37.74
CA VAL E 77 4.92 59.79 38.41
C VAL E 77 6.28 59.10 38.43
N CYS E 78 7.35 59.89 38.54
CA CYS E 78 8.70 59.37 38.45
C CYS E 78 9.66 60.04 39.46
N ASP E 79 9.74 59.50 40.67
CA ASP E 79 10.80 59.85 41.62
C ASP E 79 11.34 58.61 42.35
N ARG E 80 12.65 58.51 42.51
CA ARG E 80 13.25 57.40 43.25
C ARG E 80 13.05 57.54 44.76
N ASN E 81 12.88 58.78 45.21
CA ASN E 81 12.70 59.10 46.62
C ASN E 81 11.23 59.25 46.93
N PRO E 82 10.67 58.29 47.68
CA PRO E 82 9.24 58.26 48.04
C PRO E 82 8.79 59.54 48.78
N LEU E 83 9.70 60.20 49.48
CA LEU E 83 9.33 61.44 50.16
C LEU E 83 8.71 62.44 49.20
N ASN E 84 9.01 62.32 47.91
CA ASN E 84 8.53 63.26 46.89
C ASN E 84 7.11 62.98 46.39
N LEU E 85 6.63 61.77 46.67
CA LEU E 85 5.38 61.26 46.10
C LEU E 85 4.15 61.91 46.72
N PRO E 86 3.25 62.43 45.87
CA PRO E 86 2.03 63.17 46.25
C PRO E 86 0.93 62.33 46.91
N TRP E 87 1.29 61.44 47.85
CA TRP E 87 0.32 60.51 48.43
C TRP E 87 -0.78 61.21 49.23
N LYS E 88 -0.37 62.18 50.05
CA LYS E 88 -1.31 63.01 50.80
C LYS E 88 -2.27 63.71 49.84
N GLU E 89 -1.70 64.47 48.89
CA GLU E 89 -2.48 65.17 47.88
C GLU E 89 -3.46 64.24 47.17
N TRP E 90 -3.02 63.01 46.94
CA TRP E 90 -3.82 62.05 46.15
C TRP E 90 -4.64 61.09 47.01
N ASP E 91 -4.75 61.39 48.30
CA ASP E 91 -5.70 60.68 49.16
C ASP E 91 -5.40 59.18 49.14
N ILE E 92 -4.11 58.82 49.14
CA ILE E 92 -3.71 57.43 48.97
C ILE E 92 -3.79 56.64 50.28
N ASP E 93 -4.65 55.63 50.30
CA ASP E 93 -4.82 54.77 51.47
C ASP E 93 -3.66 53.78 51.63
N LEU E 94 -3.35 53.07 50.55
CA LEU E 94 -2.35 52.01 50.57
C LEU E 94 -1.52 52.00 49.29
N VAL E 95 -0.20 51.96 49.45
CA VAL E 95 0.70 51.78 48.31
C VAL E 95 1.22 50.35 48.28
N ILE E 96 1.17 49.76 47.09
CA ILE E 96 1.87 48.51 46.84
C ILE E 96 3.32 48.84 46.53
N GLU E 97 4.23 48.26 47.30
CA GLU E 97 5.65 48.55 47.18
C GLU E 97 6.40 47.33 46.64
N SER E 98 6.85 47.44 45.40
CA SER E 98 7.39 46.30 44.68
C SER E 98 8.70 46.64 43.98
N THR E 99 9.36 47.69 44.45
CA THR E 99 10.63 48.11 43.87
C THR E 99 11.74 47.17 44.31
N GLY E 100 11.60 46.61 45.51
CA GLY E 100 12.62 45.75 46.09
C GLY E 100 13.73 46.52 46.80
N VAL E 101 13.54 47.83 46.95
CA VAL E 101 14.54 48.67 47.62
C VAL E 101 14.06 49.27 48.94
N PHE E 102 12.78 49.08 49.26
CA PHE E 102 12.20 49.62 50.49
C PHE E 102 11.49 48.51 51.25
N VAL E 103 12.27 47.62 51.85
CA VAL E 103 11.74 46.43 52.47
C VAL E 103 12.08 46.36 53.96
N THR E 104 12.58 47.48 54.49
CA THR E 104 12.64 47.69 55.93
C THR E 104 11.39 48.46 56.35
N ALA E 105 11.00 48.31 57.61
CA ALA E 105 9.86 49.06 58.11
C ALA E 105 10.05 50.57 57.97
N GLU E 106 11.28 51.04 58.20
CA GLU E 106 11.59 52.48 58.16
C GLU E 106 11.66 53.03 56.74
N GLY E 107 12.40 52.34 55.88
CA GLY E 107 12.48 52.70 54.47
C GLY E 107 11.08 52.79 53.89
N ALA E 108 10.36 51.68 53.92
CA ALA E 108 8.99 51.65 53.40
C ALA E 108 8.16 52.80 53.99
N SER E 109 8.46 53.15 55.23
CA SER E 109 7.75 54.21 55.94
C SER E 109 7.79 55.58 55.26
N LYS E 110 8.67 55.76 54.28
CA LYS E 110 8.73 57.04 53.57
C LYS E 110 7.44 57.26 52.78
N HIS E 111 6.75 56.17 52.47
CA HIS E 111 5.45 56.29 51.82
C HIS E 111 4.39 56.81 52.80
N ILE E 112 4.62 56.58 54.08
CA ILE E 112 3.75 57.16 55.10
C ILE E 112 4.08 58.65 55.22
N GLN E 113 5.37 58.93 55.42
CA GLN E 113 5.90 60.30 55.47
C GLN E 113 5.34 61.13 54.34
N ALA E 114 5.14 60.50 53.20
CA ALA E 114 4.70 61.21 51.99
C ALA E 114 3.19 61.39 51.90
N GLY E 115 2.44 60.70 52.77
CA GLY E 115 1.00 60.92 52.81
C GLY E 115 0.14 59.67 52.89
N ALA E 116 0.74 58.51 52.68
CA ALA E 116 -0.04 57.27 52.64
C ALA E 116 -0.36 56.76 54.05
N LYS E 117 -1.39 55.91 54.14
CA LYS E 117 -1.79 55.33 55.41
C LYS E 117 -1.05 54.03 55.67
N LYS E 118 -1.21 53.06 54.78
CA LYS E 118 -0.56 51.76 54.92
C LYS E 118 0.31 51.48 53.67
N VAL E 119 1.27 50.56 53.81
CA VAL E 119 2.13 50.21 52.68
C VAL E 119 2.43 48.72 52.65
N LEU E 120 2.15 48.08 51.51
CA LEU E 120 2.29 46.63 51.34
C LEU E 120 3.49 46.22 50.49
N ILE E 121 4.51 45.67 51.14
CA ILE E 121 5.75 45.23 50.49
C ILE E 121 5.61 43.86 49.81
N THR E 122 5.82 43.83 48.50
CA THR E 122 5.74 42.58 47.73
C THR E 122 7.01 41.74 47.85
N ALA E 123 7.59 41.72 49.05
CA ALA E 123 8.80 40.94 49.33
C ALA E 123 8.87 40.64 50.83
N PRO E 124 9.74 39.68 51.22
CA PRO E 124 9.89 39.43 52.66
C PRO E 124 10.39 40.69 53.34
N GLY E 125 9.96 40.92 54.58
CA GLY E 125 10.40 42.09 55.31
C GLY E 125 11.79 41.93 55.88
N LYS E 126 12.64 42.92 55.64
CA LYS E 126 13.95 42.99 56.29
C LYS E 126 13.79 43.61 57.68
N GLY E 127 14.00 42.79 58.72
CA GLY E 127 13.76 43.23 60.09
C GLY E 127 12.31 42.97 60.47
N GLU E 128 12.05 42.86 61.78
CA GLU E 128 10.66 42.85 62.23
C GLU E 128 10.13 44.25 62.03
N GLY E 129 8.87 44.47 62.39
CA GLY E 129 8.31 45.79 62.19
C GLY E 129 7.77 45.91 60.78
N VAL E 130 8.12 44.94 59.94
CA VAL E 130 7.33 44.70 58.75
C VAL E 130 6.44 43.50 59.05
N GLY E 131 5.13 43.68 58.94
CA GLY E 131 4.20 42.63 59.31
C GLY E 131 4.06 41.65 58.17
N THR E 132 3.92 40.36 58.48
CA THR E 132 4.02 39.33 57.46
C THR E 132 2.78 38.43 57.40
N TYR E 133 2.27 38.22 56.18
CA TYR E 133 1.00 37.51 56.00
C TYR E 133 0.94 36.57 54.77
N VAL E 134 0.86 35.27 55.02
CA VAL E 134 0.62 34.29 53.96
C VAL E 134 -0.87 33.91 53.88
N ILE E 135 -1.53 34.32 52.80
CA ILE E 135 -2.96 34.09 52.65
C ILE E 135 -3.29 32.60 52.73
N GLY E 136 -4.28 32.26 53.55
CA GLY E 136 -4.67 30.86 53.74
C GLY E 136 -3.91 30.18 54.86
N VAL E 137 -2.91 30.88 55.41
CA VAL E 137 -2.10 30.34 56.49
C VAL E 137 -2.31 31.12 57.79
N ASN E 138 -2.21 32.44 57.73
CA ASN E 138 -2.33 33.25 58.92
C ASN E 138 -3.05 34.59 58.71
N ASP E 139 -3.89 34.65 57.68
CA ASP E 139 -4.61 35.88 57.41
C ASP E 139 -5.78 36.04 58.39
N SER E 140 -6.06 34.98 59.14
CA SER E 140 -7.03 35.06 60.24
C SER E 140 -6.52 36.04 61.30
N GLU E 141 -5.19 36.14 61.40
CA GLU E 141 -4.53 36.98 62.39
C GLU E 141 -4.28 38.41 61.91
N TYR E 142 -4.95 38.82 60.84
CA TYR E 142 -4.74 40.19 60.36
C TYR E 142 -5.58 41.20 61.14
N ARG E 143 -4.90 42.14 61.77
CA ARG E 143 -5.53 43.26 62.46
C ARG E 143 -5.09 44.57 61.80
N HIS E 144 -6.05 45.36 61.34
CA HIS E 144 -5.73 46.64 60.71
C HIS E 144 -4.66 47.43 61.48
N GLU E 145 -4.70 47.30 62.81
CA GLU E 145 -3.91 48.16 63.70
C GLU E 145 -2.45 47.71 63.86
N ASP E 146 -2.21 46.41 63.78
CA ASP E 146 -0.88 45.88 64.09
C ASP E 146 0.27 46.56 63.34
N PHE E 147 0.07 46.92 62.07
CA PHE E 147 1.18 47.49 61.31
C PHE E 147 0.73 48.58 60.35
N ALA E 148 1.67 49.44 59.98
CA ALA E 148 1.48 50.37 58.86
C ALA E 148 2.25 49.83 57.66
N VAL E 149 3.12 48.85 57.91
CA VAL E 149 3.93 48.22 56.88
C VAL E 149 3.77 46.69 56.94
N ILE E 150 3.33 46.10 55.84
CA ILE E 150 3.09 44.65 55.74
C ILE E 150 3.74 44.02 54.50
N SER E 151 3.69 42.69 54.43
CA SER E 151 4.42 41.95 53.41
C SER E 151 3.72 40.62 53.10
N ASN E 152 3.87 40.14 51.85
CA ASN E 152 3.33 38.84 51.45
C ASN E 152 4.40 37.76 51.51
N ALA E 153 5.54 38.07 52.13
CA ALA E 153 6.69 37.19 52.07
C ALA E 153 7.07 36.95 50.60
N SER E 154 7.98 36.01 50.36
CA SER E 154 8.46 35.75 49.01
C SER E 154 7.54 34.77 48.29
N CYS E 155 7.73 34.67 46.98
CA CYS E 155 7.03 33.68 46.17
C CYS E 155 7.18 32.30 46.80
N THR E 156 8.43 31.92 47.08
CA THR E 156 8.76 30.62 47.67
C THR E 156 8.01 30.39 48.99
N THR E 157 8.01 31.39 49.87
CA THR E 157 7.26 31.29 51.13
C THR E 157 5.80 30.98 50.86
N ASN E 158 5.19 31.73 49.96
CA ASN E 158 3.78 31.56 49.64
C ASN E 158 3.43 30.18 49.07
N CYS E 159 4.42 29.49 48.50
CA CYS E 159 4.18 28.15 48.00
C CYS E 159 4.42 27.13 49.11
N LEU E 160 5.47 27.36 49.90
CA LEU E 160 5.91 26.47 50.97
C LEU E 160 4.96 26.43 52.19
N ALA E 161 4.64 27.60 52.74
CA ALA E 161 3.83 27.69 53.97
C ALA E 161 2.45 27.01 53.90
N PRO E 162 1.68 27.22 52.82
CA PRO E 162 0.37 26.58 52.79
C PRO E 162 0.47 25.06 52.83
N VAL E 163 1.53 24.53 52.25
CA VAL E 163 1.81 23.08 52.29
C VAL E 163 2.22 22.61 53.69
N ALA E 164 3.13 23.34 54.32
CA ALA E 164 3.61 22.96 55.63
C ALA E 164 2.47 22.94 56.64
N LYS E 165 1.61 23.96 56.58
CA LYS E 165 0.46 24.07 57.47
C LYS E 165 -0.45 22.85 57.40
N VAL E 166 -0.61 22.28 56.21
CA VAL E 166 -1.43 21.08 56.03
C VAL E 166 -0.72 19.84 56.59
N LEU E 167 0.57 19.72 56.33
CA LEU E 167 1.34 18.60 56.86
C LEU E 167 1.49 18.68 58.39
N HIS E 168 1.68 19.89 58.92
CA HIS E 168 1.84 20.06 60.36
C HIS E 168 0.54 19.78 61.12
N ASP E 169 -0.57 20.33 60.62
CA ASP E 169 -1.88 20.18 61.25
C ASP E 169 -2.29 18.71 61.36
N ASN E 170 -2.01 17.94 60.32
CA ASN E 170 -2.48 16.56 60.25
C ASN E 170 -1.41 15.50 60.58
N PHE E 171 -0.16 15.93 60.75
CA PHE E 171 0.92 15.00 61.07
C PHE E 171 1.89 15.50 62.13
N GLY E 172 2.11 16.82 62.15
CA GLY E 172 3.02 17.42 63.11
C GLY E 172 4.46 17.28 62.65
N ILE E 173 5.18 18.39 62.64
CA ILE E 173 6.52 18.39 62.06
C ILE E 173 7.62 18.50 63.11
N ILE E 174 8.32 17.39 63.31
CA ILE E 174 9.51 17.36 64.14
C ILE E 174 10.50 18.39 63.57
N LYS E 175 11.30 17.93 62.60
CA LYS E 175 12.25 18.77 61.88
C LYS E 175 12.02 18.55 60.38
N GLY E 176 12.67 19.36 59.54
CA GLY E 176 12.46 19.29 58.10
C GLY E 176 13.29 20.28 57.31
N THR E 177 13.51 19.95 56.03
CA THR E 177 14.32 20.79 55.15
C THR E 177 13.66 21.00 53.77
N MET E 178 14.23 21.89 52.96
CA MET E 178 13.62 22.23 51.68
C MET E 178 14.61 22.85 50.70
N THR E 179 14.41 22.54 49.41
CA THR E 179 15.14 23.20 48.33
C THR E 179 14.14 23.75 47.32
N THR E 180 14.29 25.01 46.95
CA THR E 180 13.49 25.52 45.84
C THR E 180 14.36 25.57 44.58
N THR E 181 13.92 24.83 43.56
CA THR E 181 14.53 24.88 42.24
C THR E 181 13.84 26.04 41.49
N HIS E 182 14.49 27.19 41.50
CA HIS E 182 13.80 28.44 41.21
C HIS E 182 14.18 28.99 39.84
N SER E 183 13.16 29.37 39.05
CA SER E 183 13.41 30.20 37.88
C SER E 183 14.21 31.42 38.34
N TYR E 184 15.16 31.86 37.53
CA TYR E 184 15.95 33.04 37.84
C TYR E 184 15.05 34.29 37.90
N THR E 185 15.58 35.37 38.48
CA THR E 185 14.87 36.65 38.55
C THR E 185 15.83 37.81 38.29
N LEU E 186 15.36 39.04 38.46
CA LEU E 186 16.19 40.21 38.21
C LEU E 186 17.14 40.59 39.36
N ASP E 187 17.27 39.72 40.36
CA ASP E 187 18.34 39.88 41.35
C ASP E 187 19.53 38.97 41.01
N GLN E 188 19.44 38.32 39.85
CA GLN E 188 20.57 37.61 39.27
C GLN E 188 21.10 38.39 38.07
N ARG E 189 22.39 38.18 37.78
CA ARG E 189 23.05 38.84 36.64
C ARG E 189 22.97 37.98 35.37
N ILE E 190 22.46 38.57 34.29
CA ILE E 190 22.35 37.86 33.01
C ILE E 190 23.70 37.28 32.58
N LEU E 191 24.77 38.04 32.83
CA LEU E 191 26.13 37.55 32.59
C LEU E 191 26.99 37.83 33.83
N ASP E 192 28.08 37.09 33.98
CA ASP E 192 28.97 37.23 35.15
C ASP E 192 29.28 38.71 35.50
N ALA E 193 28.60 39.22 36.52
CA ALA E 193 28.76 40.60 36.99
C ALA E 193 28.76 40.65 38.52
N SER E 194 29.17 41.80 39.07
CA SER E 194 29.31 42.00 40.52
C SER E 194 27.97 41.92 41.29
N HIS E 195 28.00 41.36 42.51
CA HIS E 195 26.81 41.11 43.32
C HIS E 195 27.23 40.80 44.77
N ARG E 196 26.42 41.20 45.75
CA ARG E 196 26.69 40.91 47.16
C ARG E 196 26.75 39.38 47.40
N ASP E 197 25.92 38.65 46.67
CA ASP E 197 25.98 37.18 46.64
C ASP E 197 26.94 36.76 45.52
N LEU E 198 28.04 36.12 45.89
CA LEU E 198 29.05 35.71 44.93
C LEU E 198 28.53 34.67 43.92
N ARG E 199 27.38 34.06 44.22
CA ARG E 199 26.78 33.12 43.28
C ARG E 199 25.74 33.82 42.40
N ARG E 200 24.93 34.68 43.01
CA ARG E 200 23.92 35.45 42.27
C ARG E 200 24.61 36.36 41.27
N ALA E 201 25.89 36.62 41.52
CA ALA E 201 26.75 37.34 40.59
C ALA E 201 26.88 36.67 39.21
N ARG E 202 26.72 35.36 39.15
CA ARG E 202 27.07 34.58 37.96
C ARG E 202 25.92 34.39 36.95
N ALA E 203 26.26 34.33 35.65
CA ALA E 203 25.27 34.27 34.55
C ALA E 203 24.11 33.30 34.78
N ALA E 204 22.89 33.83 34.88
CA ALA E 204 21.75 33.03 35.35
C ALA E 204 21.15 32.01 34.36
N ALA E 205 21.24 32.29 33.06
CA ALA E 205 20.63 31.38 32.09
C ALA E 205 21.61 30.38 31.48
N VAL E 206 22.79 30.25 32.10
CA VAL E 206 23.78 29.24 31.71
C VAL E 206 24.46 28.61 32.94
N ASN E 207 23.72 28.55 34.04
CA ASN E 207 24.28 28.07 35.30
C ASN E 207 23.20 27.54 36.25
N ILE E 208 23.47 26.44 36.95
CA ILE E 208 22.68 26.10 38.12
C ILE E 208 23.33 26.90 39.25
N VAL E 209 22.58 27.84 39.81
CA VAL E 209 23.17 28.86 40.66
C VAL E 209 22.54 28.82 42.04
N PRO E 210 23.30 28.30 43.02
CA PRO E 210 22.77 28.10 44.37
C PRO E 210 22.84 29.39 45.20
N THR E 211 21.81 29.61 46.02
CA THR E 211 21.76 30.78 46.88
C THR E 211 20.85 30.55 48.10
N THR E 212 21.08 31.34 49.15
CA THR E 212 20.26 31.25 50.35
C THR E 212 18.85 31.79 50.09
N THR E 213 17.91 31.35 50.92
CA THR E 213 16.51 31.72 50.78
C THR E 213 15.96 31.89 52.18
N GLY E 214 15.23 32.97 52.42
CA GLY E 214 14.67 33.23 53.74
C GLY E 214 13.43 32.40 54.02
N ALA E 215 12.89 31.82 52.95
CA ALA E 215 11.57 31.17 52.93
C ALA E 215 11.27 30.17 54.05
N ALA E 216 12.17 29.22 54.29
CA ALA E 216 11.89 28.16 55.27
C ALA E 216 12.01 28.65 56.72
N LYS E 217 12.82 29.70 56.89
CA LYS E 217 12.90 30.40 58.16
C LYS E 217 11.67 31.29 58.30
N ALA E 218 11.32 31.96 57.21
CA ALA E 218 10.16 32.87 57.16
C ALA E 218 8.83 32.17 57.41
N VAL E 219 8.79 30.86 57.16
CA VAL E 219 7.58 30.11 57.43
C VAL E 219 7.15 30.35 58.87
N ALA E 220 8.11 30.28 59.80
CA ALA E 220 7.82 30.40 61.22
C ALA E 220 6.98 31.64 61.53
N LEU E 221 7.35 32.78 60.93
CA LEU E 221 6.62 34.03 61.12
C LEU E 221 5.10 33.86 61.05
N VAL E 222 4.63 32.92 60.25
CA VAL E 222 3.20 32.78 59.99
C VAL E 222 2.65 31.43 60.47
N ILE E 223 3.56 30.50 60.74
CA ILE E 223 3.25 29.27 61.47
C ILE E 223 4.25 29.18 62.62
N PRO E 224 3.92 29.82 63.76
CA PRO E 224 4.86 30.01 64.88
C PRO E 224 5.27 28.68 65.53
N GLU E 225 4.37 27.71 65.46
CA GLU E 225 4.63 26.37 65.96
C GLU E 225 5.82 25.70 65.25
N LEU E 226 6.32 26.33 64.18
CA LEU E 226 7.38 25.73 63.39
C LEU E 226 8.75 26.41 63.51
N LYS E 227 8.86 27.38 64.43
CA LYS E 227 10.15 28.04 64.65
C LYS E 227 11.20 27.02 65.10
N GLY E 228 12.37 27.08 64.47
CA GLY E 228 13.43 26.12 64.75
C GLY E 228 13.43 24.89 63.86
N LYS E 229 12.36 24.65 63.11
CA LYS E 229 12.20 23.34 62.46
C LYS E 229 12.45 23.26 60.95
N LEU E 230 12.46 24.40 60.26
CA LEU E 230 12.62 24.37 58.80
C LEU E 230 13.77 25.25 58.29
N ASN E 231 14.58 24.69 57.40
CA ASN E 231 15.59 25.49 56.70
C ASN E 231 15.71 25.07 55.23
N GLY E 232 16.27 25.93 54.40
CA GLY E 232 16.34 25.64 52.98
C GLY E 232 17.47 26.27 52.19
N ILE E 233 17.46 25.99 50.88
CA ILE E 233 18.36 26.59 49.91
C ILE E 233 17.64 26.72 48.57
N ALA E 234 18.05 27.72 47.78
CA ALA E 234 17.47 27.87 46.47
C ALA E 234 18.51 27.47 45.44
N LEU E 235 18.05 26.77 44.39
CA LEU E 235 18.88 26.48 43.24
C LEU E 235 18.26 27.22 42.08
N ARG E 236 18.91 28.30 41.67
CA ARG E 236 18.43 29.08 40.53
C ARG E 236 18.84 28.42 39.21
N VAL E 237 17.85 28.05 38.42
CA VAL E 237 18.07 27.37 37.15
C VAL E 237 17.47 28.17 35.98
N PRO E 238 18.03 27.96 34.78
CA PRO E 238 17.70 28.67 33.53
C PRO E 238 16.29 28.47 32.99
N THR E 239 15.26 28.72 33.77
CA THR E 239 13.93 28.96 33.22
C THR E 239 13.47 30.33 33.69
N PRO E 240 12.60 30.97 32.91
CA PRO E 240 12.29 32.37 33.19
C PRO E 240 11.10 32.57 34.13
N ASN E 241 10.23 31.55 34.22
CA ASN E 241 9.08 31.54 35.14
C ASN E 241 8.61 30.11 35.49
N VAL E 242 7.88 29.99 36.60
CA VAL E 242 7.55 28.71 37.23
C VAL E 242 8.75 28.11 37.97
N SER E 243 8.54 27.84 39.24
CA SER E 243 9.59 27.27 40.07
C SER E 243 8.94 26.13 40.86
N VAL E 244 9.75 25.39 41.60
CA VAL E 244 9.22 24.29 42.37
C VAL E 244 9.86 24.23 43.75
N VAL E 245 9.07 23.90 44.78
CA VAL E 245 9.65 23.64 46.10
C VAL E 245 9.76 22.15 46.33
N ASP E 246 10.85 21.75 46.98
CA ASP E 246 11.11 20.37 47.31
C ASP E 246 11.21 20.24 48.84
N LEU E 247 10.08 19.98 49.48
CA LEU E 247 10.00 19.95 50.94
C LEU E 247 10.17 18.55 51.53
N VAL E 248 11.15 18.38 52.42
CA VAL E 248 11.22 17.14 53.22
C VAL E 248 11.03 17.41 54.71
N VAL E 249 10.06 16.73 55.32
CA VAL E 249 9.86 16.86 56.76
C VAL E 249 9.71 15.53 57.48
N GLN E 250 10.32 15.42 58.66
CA GLN E 250 10.09 14.30 59.55
C GLN E 250 8.87 14.60 60.41
N VAL E 251 7.90 13.70 60.38
CA VAL E 251 6.68 13.90 61.15
C VAL E 251 6.64 12.95 62.37
N GLU E 252 5.76 13.26 63.33
CA GLU E 252 5.54 12.39 64.48
C GLU E 252 4.50 11.32 64.12
N LYS E 253 3.30 11.77 63.77
CA LYS E 253 2.26 10.85 63.34
C LYS E 253 2.71 10.16 62.04
N PRO E 254 2.90 8.84 62.09
CA PRO E 254 3.35 8.10 60.90
C PRO E 254 2.30 8.18 59.79
N THR E 255 2.65 7.65 58.62
CA THR E 255 1.82 7.83 57.43
C THR E 255 2.42 7.17 56.21
N ILE E 256 1.60 7.02 55.18
CA ILE E 256 2.10 6.58 53.87
C ILE E 256 1.63 7.49 52.74
N THR E 257 2.24 7.32 51.58
CA THR E 257 2.06 8.22 50.44
C THR E 257 0.60 8.50 50.08
N GLU E 258 -0.20 7.44 49.97
CA GLU E 258 -1.60 7.60 49.57
C GLU E 258 -2.35 8.61 50.45
N GLN E 259 -1.90 8.76 51.69
CA GLN E 259 -2.63 9.48 52.73
C GLN E 259 -2.28 10.97 52.82
N VAL E 260 -0.99 11.29 52.82
CA VAL E 260 -0.56 12.68 52.78
C VAL E 260 -1.09 13.33 51.50
N ASN E 261 -1.23 12.51 50.45
CA ASN E 261 -1.86 12.93 49.20
C ASN E 261 -3.36 13.16 49.34
N GLU E 262 -4.04 12.17 49.90
CA GLU E 262 -5.48 12.28 50.11
C GLU E 262 -5.82 13.46 51.02
N VAL E 263 -4.98 13.73 52.01
CA VAL E 263 -5.21 14.86 52.91
C VAL E 263 -4.80 16.19 52.26
N LEU E 264 -3.93 16.09 51.25
CA LEU E 264 -3.57 17.27 50.47
C LEU E 264 -4.67 17.62 49.48
N GLN E 265 -5.19 16.60 48.79
CA GLN E 265 -6.33 16.80 47.89
C GLN E 265 -7.52 17.37 48.67
N LYS E 266 -7.76 16.82 49.86
CA LYS E 266 -8.78 17.35 50.76
C LYS E 266 -8.55 18.84 51.02
N ALA E 267 -7.33 19.18 51.41
CA ALA E 267 -6.98 20.56 51.71
C ALA E 267 -7.27 21.48 50.53
N SER E 268 -6.98 21.01 49.32
CA SER E 268 -7.15 21.82 48.13
C SER E 268 -8.64 22.01 47.84
N GLN E 269 -9.41 20.97 48.13
CA GLN E 269 -10.85 20.95 47.88
C GLN E 269 -11.66 21.82 48.85
N THR E 270 -11.16 21.96 50.08
CA THR E 270 -11.91 22.63 51.13
C THR E 270 -11.16 23.80 51.79
N THR E 271 -10.21 23.45 52.66
CA THR E 271 -9.51 24.42 53.50
C THR E 271 -8.53 25.33 52.75
N MET E 272 -8.04 24.87 51.60
CA MET E 272 -7.08 25.64 50.80
C MET E 272 -7.56 25.87 49.38
N LYS E 273 -8.87 25.87 49.18
CA LYS E 273 -9.44 26.10 47.86
C LYS E 273 -9.01 27.48 47.39
N GLY E 274 -8.35 27.54 46.23
CA GLY E 274 -7.87 28.79 45.69
C GLY E 274 -6.45 29.13 46.11
N ILE E 275 -5.86 28.28 46.96
CA ILE E 275 -4.49 28.48 47.43
C ILE E 275 -3.61 27.30 47.02
N ILE E 276 -4.11 26.09 47.29
CA ILE E 276 -3.39 24.88 46.94
C ILE E 276 -4.08 24.16 45.79
N LYS E 277 -3.33 23.84 44.75
CA LYS E 277 -3.87 23.07 43.64
C LYS E 277 -3.41 21.64 43.84
N TYR E 278 -4.29 20.68 43.58
CA TYR E 278 -3.88 19.27 43.54
C TYR E 278 -3.75 18.86 42.08
N SER E 279 -2.59 18.31 41.73
CA SER E 279 -2.32 17.88 40.35
C SER E 279 -1.74 16.47 40.33
N ASP E 280 -2.38 15.57 39.59
CA ASP E 280 -1.91 14.20 39.52
C ASP E 280 -1.54 13.83 38.09
N LEU E 281 -1.76 14.77 37.17
CA LEU E 281 -1.35 14.61 35.79
C LEU E 281 0.17 14.63 35.68
N PRO E 282 0.72 13.89 34.71
CA PRO E 282 2.17 13.91 34.44
C PRO E 282 2.56 15.15 33.60
N LEU E 283 2.57 16.31 34.26
CA LEU E 283 2.80 17.59 33.60
C LEU E 283 4.19 18.14 33.87
N VAL E 284 4.52 19.24 33.19
CA VAL E 284 5.81 19.90 33.34
C VAL E 284 5.65 21.39 33.66
N SER E 285 6.75 22.07 33.97
CA SER E 285 6.69 23.46 34.46
C SER E 285 5.79 24.40 33.64
N SER E 286 5.95 24.36 32.32
CA SER E 286 5.18 25.26 31.44
C SER E 286 3.67 25.10 31.57
N ASP E 287 3.20 23.94 32.00
CA ASP E 287 1.77 23.74 32.12
C ASP E 287 1.17 24.50 33.31
N PHE E 288 2.01 25.11 34.14
CA PHE E 288 1.48 25.84 35.31
C PHE E 288 1.49 27.38 35.19
N ARG E 289 1.91 27.91 34.03
CA ARG E 289 1.83 29.34 33.75
C ARG E 289 0.40 29.88 33.85
N GLY E 290 0.19 30.87 34.73
CA GLY E 290 -1.12 31.49 34.85
C GLY E 290 -2.04 30.73 35.77
N THR E 291 -1.46 29.82 36.55
CA THR E 291 -2.20 29.15 37.61
C THR E 291 -2.39 30.09 38.81
N ASP E 292 -3.65 30.38 39.12
CA ASP E 292 -3.96 31.28 40.23
C ASP E 292 -3.44 30.82 41.60
N GLU E 293 -3.24 29.51 41.78
CA GLU E 293 -2.91 28.96 43.10
C GLU E 293 -1.44 29.18 43.52
N SER E 294 -1.24 29.28 44.84
CA SER E 294 0.08 29.49 45.45
C SER E 294 0.96 28.23 45.41
N SER E 295 0.39 27.11 45.83
CA SER E 295 1.13 25.85 45.74
C SER E 295 0.42 24.84 44.82
N ILE E 296 1.18 24.19 43.95
CA ILE E 296 0.63 23.22 43.03
C ILE E 296 1.24 21.83 43.26
N VAL E 297 0.53 21.02 44.02
CA VAL E 297 1.09 19.77 44.54
C VAL E 297 1.13 18.69 43.47
N ASP E 298 2.30 18.08 43.26
CA ASP E 298 2.42 17.01 42.28
C ASP E 298 2.30 15.64 42.97
N SER E 299 1.07 15.14 43.07
CA SER E 299 0.79 13.88 43.77
C SER E 299 1.81 12.78 43.43
N SER E 300 1.93 12.47 42.13
CA SER E 300 2.86 11.45 41.64
C SER E 300 4.25 11.48 42.29
N LEU E 301 4.68 12.66 42.72
CA LEU E 301 6.03 12.79 43.27
C LEU E 301 6.05 12.67 44.80
N THR E 302 4.87 12.70 45.41
CA THR E 302 4.76 12.51 46.85
C THR E 302 5.42 11.19 47.27
N LEU E 303 6.13 11.20 48.39
CA LEU E 303 6.86 10.00 48.82
C LEU E 303 7.07 9.90 50.32
N VAL E 304 6.85 8.70 50.85
CA VAL E 304 7.05 8.46 52.27
C VAL E 304 8.10 7.37 52.49
N MET E 305 8.93 7.56 53.50
CA MET E 305 9.92 6.56 53.88
C MET E 305 9.75 6.18 55.35
N ASP E 306 9.65 4.87 55.61
CA ASP E 306 9.57 4.38 56.98
C ASP E 306 8.48 5.13 57.76
N GLY E 307 7.39 5.46 57.08
CA GLY E 307 6.23 6.04 57.75
C GLY E 307 6.29 7.45 58.31
N ASP E 308 7.47 7.94 58.69
CA ASP E 308 7.57 9.26 59.34
C ASP E 308 8.43 10.30 58.59
N LEU E 309 8.82 10.00 57.35
CA LEU E 309 9.62 10.93 56.55
C LEU E 309 8.95 11.25 55.20
N VAL E 310 8.34 12.42 55.09
CA VAL E 310 7.62 12.80 53.88
C VAL E 310 8.42 13.71 52.94
N LYS E 311 8.38 13.39 51.64
CA LYS E 311 8.81 14.32 50.61
C LYS E 311 7.58 14.72 49.79
N VAL E 312 7.32 16.02 49.72
CA VAL E 312 6.29 16.52 48.84
C VAL E 312 6.88 17.52 47.86
N ILE E 313 6.34 17.55 46.66
CA ILE E 313 6.81 18.44 45.61
C ILE E 313 5.66 19.34 45.18
N ALA E 314 5.91 20.65 45.11
CA ALA E 314 4.88 21.57 44.65
C ALA E 314 5.42 22.68 43.75
N TRP E 315 4.74 22.88 42.61
CA TRP E 315 5.10 23.91 41.66
C TRP E 315 4.45 25.22 42.06
N TYR E 316 5.02 26.32 41.60
CA TYR E 316 4.34 27.58 41.67
C TYR E 316 4.76 28.49 40.54
N ASP E 317 3.80 29.28 40.08
CA ASP E 317 4.11 30.39 39.19
C ASP E 317 4.65 31.51 40.07
N ASN E 318 5.96 31.68 40.05
CA ASN E 318 6.63 32.54 41.01
C ASN E 318 6.23 34.01 40.86
N GLU E 319 5.56 34.32 39.77
CA GLU E 319 5.21 35.70 39.45
C GLU E 319 3.72 35.95 39.57
N TRP E 320 2.93 35.12 38.89
CA TRP E 320 1.50 35.36 38.74
C TRP E 320 0.68 34.97 39.98
N GLY E 321 0.92 33.77 40.50
CA GLY E 321 0.17 33.30 41.65
C GLY E 321 0.49 34.13 42.88
N TYR E 322 1.77 34.42 43.05
CA TYR E 322 2.21 35.30 44.12
C TYR E 322 1.46 36.62 44.03
N SER E 323 1.35 37.14 42.81
CA SER E 323 0.67 38.40 42.56
C SER E 323 -0.83 38.32 42.79
N GLN E 324 -1.41 37.12 42.66
CA GLN E 324 -2.82 36.95 43.00
C GLN E 324 -2.95 37.05 44.52
N ARG E 325 -1.93 36.57 45.22
CA ARG E 325 -1.93 36.56 46.68
C ARG E 325 -1.72 37.95 47.24
N VAL E 326 -1.05 38.83 46.50
CA VAL E 326 -0.94 40.20 46.98
C VAL E 326 -2.19 41.01 46.65
N VAL E 327 -2.92 40.64 45.60
CA VAL E 327 -4.24 41.24 45.39
C VAL E 327 -5.15 40.82 46.56
N ASP E 328 -5.07 39.54 46.92
CA ASP E 328 -5.83 39.01 48.05
C ASP E 328 -5.48 39.68 49.39
N LEU E 329 -4.22 40.04 49.56
CA LEU E 329 -3.79 40.64 50.82
C LEU E 329 -4.28 42.06 50.91
N ALA E 330 -3.98 42.85 49.89
CA ALA E 330 -4.49 44.21 49.78
C ALA E 330 -6.01 44.25 49.70
N GLU E 331 -6.63 43.11 49.43
CA GLU E 331 -8.10 43.05 49.43
C GLU E 331 -8.58 42.89 50.86
N LEU E 332 -7.91 42.02 51.62
CA LEU E 332 -8.18 41.85 53.05
C LEU E 332 -8.09 43.20 53.75
N ALA E 333 -6.91 43.81 53.64
CA ALA E 333 -6.62 45.11 54.23
C ALA E 333 -7.65 46.17 53.87
N ALA E 334 -8.32 46.00 52.74
CA ALA E 334 -9.33 46.97 52.32
C ALA E 334 -10.66 46.79 53.03
N ARG E 335 -10.98 45.56 53.42
CA ARG E 335 -12.27 45.30 54.06
C ARG E 335 -12.18 45.23 55.58
N LYS E 336 -10.97 45.00 56.08
CA LYS E 336 -10.71 45.03 57.51
C LYS E 336 -10.17 46.42 57.89
N TRP E 337 -10.43 47.39 57.02
CA TRP E 337 -9.88 48.73 57.16
C TRP E 337 -10.57 49.52 58.28
N ALA E 338 -9.96 50.62 58.74
CA ALA E 338 -10.53 51.40 59.85
C ALA E 338 -11.85 52.06 59.43
N MET F 1 51.74 -5.44 30.81
CA MET F 1 51.43 -6.21 29.60
C MET F 1 50.27 -5.61 28.76
N THR F 2 49.18 -5.21 29.44
CA THR F 2 48.07 -4.44 28.83
C THR F 2 46.95 -5.25 28.16
N ILE F 3 45.70 -4.82 28.38
CA ILE F 3 44.54 -5.44 27.72
C ILE F 3 43.97 -4.58 26.58
N ARG F 4 43.31 -5.23 25.63
CA ARG F 4 42.82 -4.56 24.43
C ARG F 4 41.32 -4.22 24.53
N VAL F 5 40.99 -2.97 24.22
CA VAL F 5 39.64 -2.47 24.47
C VAL F 5 38.96 -2.01 23.19
N ALA F 6 37.69 -2.39 23.05
CA ALA F 6 36.82 -1.81 22.03
C ALA F 6 35.87 -0.84 22.72
N ILE F 7 35.38 0.14 21.97
CA ILE F 7 34.32 0.99 22.50
C ILE F 7 33.10 0.81 21.62
N ASN F 8 31.95 0.64 22.26
CA ASN F 8 30.71 0.41 21.54
C ASN F 8 29.74 1.53 21.86
N GLY F 9 29.41 2.34 20.86
CA GLY F 9 28.63 3.55 21.09
C GLY F 9 29.58 4.72 21.27
N PHE F 10 29.67 5.56 20.24
CA PHE F 10 30.58 6.70 20.26
C PHE F 10 29.84 8.00 20.55
N GLY F 11 29.11 8.04 21.66
CA GLY F 11 28.34 9.22 22.02
C GLY F 11 28.94 10.02 23.17
N ARG F 12 28.09 10.67 23.95
CA ARG F 12 28.59 11.49 25.04
C ARG F 12 29.61 10.71 25.87
N ILE F 13 29.15 9.63 26.52
CA ILE F 13 29.99 8.82 27.41
C ILE F 13 31.08 8.11 26.61
N GLY F 14 30.73 7.70 25.39
CA GLY F 14 31.70 7.12 24.47
C GLY F 14 32.90 8.02 24.22
N ARG F 15 32.67 9.26 23.78
CA ARG F 15 33.77 10.16 23.45
C ARG F 15 34.48 10.69 24.70
N ASN F 16 33.71 11.03 25.73
CA ASN F 16 34.31 11.41 27.01
C ASN F 16 35.33 10.40 27.52
N PHE F 17 34.97 9.12 27.48
CA PHE F 17 35.87 8.01 27.86
C PHE F 17 37.18 8.05 27.09
N LEU F 18 37.11 8.23 25.79
CA LEU F 18 38.31 8.22 24.96
C LEU F 18 39.23 9.35 25.41
N ARG F 19 38.63 10.52 25.66
CA ARG F 19 39.38 11.73 26.02
C ARG F 19 40.02 11.63 27.39
N CYS F 20 39.24 11.19 28.39
CA CYS F 20 39.79 10.96 29.73
C CYS F 20 41.01 10.07 29.61
N TRP F 21 40.87 9.01 28.81
CA TRP F 21 41.91 8.01 28.70
C TRP F 21 43.19 8.55 28.06
N PHE F 22 43.05 9.24 26.93
CA PHE F 22 44.24 9.87 26.35
C PHE F 22 44.85 10.81 27.37
N GLY F 23 44.01 11.46 28.16
CA GLY F 23 44.48 12.41 29.16
C GLY F 23 45.21 11.74 30.30
N ARG F 24 45.27 10.41 30.25
CA ARG F 24 45.80 9.63 31.36
C ARG F 24 47.33 9.61 31.36
N GLN F 25 47.90 9.56 32.56
CA GLN F 25 49.34 9.67 32.82
C GLN F 25 50.08 8.37 32.48
N ASN F 26 49.67 7.29 33.14
CA ASN F 26 49.99 5.94 32.70
C ASN F 26 48.68 5.20 32.49
N THR F 27 48.71 4.13 31.69
CA THR F 27 47.52 3.32 31.47
C THR F 27 47.86 1.84 31.34
N ASP F 28 46.91 0.99 31.70
CA ASP F 28 47.09 -0.45 31.47
C ASP F 28 46.22 -0.91 30.29
N LEU F 29 45.42 0.01 29.77
CA LEU F 29 44.53 -0.25 28.65
C LEU F 29 45.16 0.16 27.32
N GLU F 30 44.76 -0.53 26.25
CA GLU F 30 45.04 -0.09 24.91
C GLU F 30 43.72 -0.10 24.12
N VAL F 31 43.23 1.08 23.76
CA VAL F 31 42.02 1.16 22.94
C VAL F 31 42.37 1.01 21.46
N VAL F 32 41.76 0.00 20.82
CA VAL F 32 42.15 -0.42 19.48
C VAL F 32 41.02 -0.44 18.45
N ALA F 33 39.77 -0.42 18.92
CA ALA F 33 38.63 -0.43 18.01
C ALA F 33 37.45 0.35 18.58
N ILE F 34 36.59 0.87 17.71
CA ILE F 34 35.38 1.58 18.11
C ILE F 34 34.25 1.20 17.17
N ASN F 35 33.11 0.82 17.74
CA ASN F 35 31.96 0.47 16.92
C ASN F 35 31.00 1.66 16.94
N ASN F 36 30.79 2.25 15.76
CA ASN F 36 30.09 3.53 15.66
C ASN F 36 28.94 3.48 14.68
N THR F 37 27.74 3.83 15.15
CA THR F 37 26.60 3.99 14.26
C THR F 37 27.00 4.73 12.98
N SER F 38 27.33 6.01 13.10
CA SER F 38 27.80 6.80 11.97
C SER F 38 29.12 6.27 11.43
N ASP F 39 29.74 7.03 10.52
CA ASP F 39 31.01 6.63 9.91
C ASP F 39 32.24 7.23 10.60
N ALA F 40 33.41 7.03 10.00
CA ALA F 40 34.68 7.43 10.61
C ALA F 40 34.89 8.95 10.55
N ARG F 41 34.45 9.57 9.45
CA ARG F 41 34.55 11.01 9.31
C ARG F 41 33.81 11.68 10.46
N THR F 42 32.55 11.29 10.64
CA THR F 42 31.68 11.85 11.68
C THR F 42 32.22 11.60 13.11
N ALA F 43 32.99 10.52 13.30
CA ALA F 43 33.57 10.19 14.60
C ALA F 43 34.77 11.04 14.99
N ALA F 44 35.75 11.14 14.10
CA ALA F 44 36.96 11.94 14.37
C ALA F 44 36.67 13.44 14.51
N HIS F 45 35.54 13.88 13.95
CA HIS F 45 35.10 15.27 14.00
C HIS F 45 34.46 15.57 15.36
N LEU F 46 33.49 14.73 15.74
CA LEU F 46 32.79 14.84 17.03
C LEU F 46 33.70 14.54 18.23
N LEU F 47 34.88 13.99 17.94
CA LEU F 47 35.87 13.75 18.97
C LEU F 47 36.64 15.04 19.23
N GLU F 48 37.16 15.63 18.15
CA GLU F 48 37.89 16.90 18.20
C GLU F 48 37.01 18.06 18.68
N TYR F 49 35.83 18.21 18.08
CA TYR F 49 34.96 19.35 18.37
C TYR F 49 33.79 19.01 19.27
N ASP F 50 33.87 19.47 20.51
CA ASP F 50 32.81 19.23 21.50
C ASP F 50 32.20 20.54 21.99
N SER F 51 30.88 20.66 21.86
CA SER F 51 30.16 21.83 22.35
C SER F 51 30.34 22.07 23.85
N VAL F 52 30.94 21.09 24.54
CA VAL F 52 30.97 21.10 26.00
C VAL F 52 32.36 20.90 26.61
N LEU F 53 33.23 20.14 25.93
CA LEU F 53 34.61 20.01 26.37
C LEU F 53 35.51 21.02 25.65
N GLY F 54 34.93 21.76 24.71
CA GLY F 54 35.74 22.56 23.80
C GLY F 54 36.57 21.63 22.93
N ARG F 55 37.50 22.22 22.15
CA ARG F 55 38.28 21.47 21.17
C ARG F 55 39.30 20.55 21.83
N PHE F 56 39.49 19.38 21.23
CA PHE F 56 40.38 18.35 21.77
C PHE F 56 41.79 18.49 21.22
N ASN F 57 42.72 18.86 22.11
CA ASN F 57 44.07 19.27 21.73
C ASN F 57 44.98 18.07 21.44
N ALA F 58 44.85 17.51 20.24
CA ALA F 58 45.62 16.33 19.86
C ALA F 58 45.83 16.19 18.34
N ASP F 59 46.82 15.40 17.96
CA ASP F 59 47.01 15.02 16.55
C ASP F 59 45.92 14.02 16.18
N ILE F 60 44.98 14.43 15.35
CA ILE F 60 43.86 13.56 14.98
C ILE F 60 43.79 13.40 13.45
N SER F 61 43.47 12.18 13.00
CA SER F 61 43.39 11.85 11.57
C SER F 61 42.50 10.64 11.30
N TYR F 62 41.85 10.62 10.14
CA TYR F 62 41.06 9.46 9.73
C TYR F 62 41.25 9.04 8.28
N ASP F 63 41.26 7.73 8.08
CA ASP F 63 41.07 7.10 6.78
C ASP F 63 39.68 6.44 6.76
N GLU F 64 39.39 5.62 5.76
CA GLU F 64 38.05 5.07 5.54
C GLU F 64 37.50 4.23 6.69
N ASN F 65 38.37 3.42 7.28
CA ASN F 65 37.96 2.44 8.27
C ASN F 65 38.63 2.60 9.63
N SER F 66 39.34 3.70 9.84
CA SER F 66 40.05 3.89 11.11
C SER F 66 40.11 5.36 11.59
N ILE F 67 41.19 5.67 12.33
CA ILE F 67 41.29 6.92 13.07
C ILE F 67 42.60 6.90 13.86
N THR F 68 43.22 8.07 14.04
CA THR F 68 44.56 8.11 14.64
C THR F 68 44.80 9.31 15.56
N VAL F 69 45.00 9.04 16.85
CA VAL F 69 45.26 10.12 17.81
C VAL F 69 46.69 10.02 18.38
N ASN F 70 47.52 11.01 18.07
CA ASN F 70 48.90 11.05 18.55
C ASN F 70 49.64 9.74 18.30
N GLY F 71 49.55 9.26 17.06
CA GLY F 71 50.24 8.06 16.66
C GLY F 71 49.56 6.78 17.11
N LYS F 72 48.37 6.92 17.68
CA LYS F 72 47.60 5.75 18.12
C LYS F 72 46.39 5.52 17.22
N THR F 73 46.34 4.35 16.59
CA THR F 73 45.37 4.12 15.51
C THR F 73 44.30 3.08 15.86
N MET F 74 43.05 3.52 15.85
CA MET F 74 41.92 2.71 16.31
C MET F 74 41.02 2.34 15.15
N LYS F 75 40.50 1.11 15.16
CA LYS F 75 39.69 0.64 14.04
C LYS F 75 38.22 1.06 14.18
N ILE F 76 37.66 1.50 13.06
CA ILE F 76 36.29 2.01 13.00
C ILE F 76 35.42 1.02 12.24
N VAL F 77 34.27 0.72 12.81
CA VAL F 77 33.35 -0.26 12.24
C VAL F 77 31.96 0.11 12.69
N CYS F 78 31.00 -0.07 11.78
CA CYS F 78 29.62 0.11 12.12
C CYS F 78 28.89 -1.21 11.95
N ASP F 79 28.24 -1.68 13.01
CA ASP F 79 27.19 -2.70 12.87
C ASP F 79 26.33 -2.78 14.13
N ARG F 80 25.02 -2.58 13.94
CA ARG F 80 24.13 -2.44 15.08
C ARG F 80 24.12 -3.68 15.96
N ASN F 81 24.33 -4.84 15.36
CA ASN F 81 24.35 -6.10 16.08
C ASN F 81 25.76 -6.51 16.51
N PRO F 82 25.98 -6.60 17.83
CA PRO F 82 27.30 -6.97 18.36
C PRO F 82 27.77 -8.37 17.89
N LEU F 83 26.83 -9.29 17.71
CA LEU F 83 27.14 -10.64 17.23
C LEU F 83 28.05 -10.59 15.98
N ASN F 84 27.84 -9.57 15.15
CA ASN F 84 28.60 -9.39 13.91
C ASN F 84 30.00 -8.79 14.05
N LEU F 85 30.36 -8.34 15.27
CA LEU F 85 31.65 -7.66 15.47
C LEU F 85 32.82 -8.63 15.48
N PRO F 86 33.96 -8.20 14.91
CA PRO F 86 35.20 -8.98 14.80
C PRO F 86 36.07 -8.93 16.06
N TRP F 87 35.47 -9.12 17.23
CA TRP F 87 36.22 -9.05 18.49
C TRP F 87 37.19 -10.23 18.68
N LYS F 88 36.92 -11.34 18.01
CA LYS F 88 37.75 -12.54 18.19
C LYS F 88 39.05 -12.48 17.40
N GLU F 89 39.00 -12.04 16.15
CA GLU F 89 40.25 -11.91 15.38
C GLU F 89 40.93 -10.57 15.61
N TRP F 90 40.30 -9.69 16.38
CA TRP F 90 40.94 -8.45 16.79
C TRP F 90 41.34 -8.52 18.26
N ASP F 91 41.26 -9.74 18.80
CA ASP F 91 41.73 -10.03 20.15
C ASP F 91 41.23 -9.00 21.17
N ILE F 92 39.93 -8.75 21.17
CA ILE F 92 39.36 -7.80 22.12
C ILE F 92 39.04 -8.42 23.49
N ASP F 93 39.79 -8.00 24.50
CA ASP F 93 39.56 -8.46 25.87
C ASP F 93 38.36 -7.76 26.50
N LEU F 94 38.28 -6.44 26.33
CA LEU F 94 37.28 -5.65 27.04
C LEU F 94 36.47 -4.75 26.09
N VAL F 95 35.16 -4.71 26.28
CA VAL F 95 34.33 -3.78 25.53
C VAL F 95 33.65 -2.77 26.45
N ILE F 96 33.77 -1.50 26.10
CA ILE F 96 33.03 -0.45 26.79
C ILE F 96 31.66 -0.37 26.13
N GLU F 97 30.63 -0.68 26.89
CA GLU F 97 29.27 -0.65 26.38
C GLU F 97 28.66 0.70 26.67
N SER F 98 28.70 1.59 25.68
CA SER F 98 28.21 2.96 25.87
C SER F 98 27.10 3.31 24.89
N THR F 99 26.40 2.29 24.40
CA THR F 99 25.30 2.52 23.47
C THR F 99 24.00 2.84 24.20
N GLY F 100 23.91 2.46 25.47
CA GLY F 100 22.68 2.66 26.23
C GLY F 100 21.60 1.63 25.95
N VAL F 101 21.91 0.64 25.12
CA VAL F 101 20.89 -0.29 24.67
C VAL F 101 21.13 -1.76 25.04
N PHE F 102 22.37 -2.09 25.38
CA PHE F 102 22.72 -3.46 25.77
C PHE F 102 23.09 -3.50 27.26
N VAL F 103 22.07 -3.39 28.11
CA VAL F 103 22.29 -3.19 29.53
C VAL F 103 21.80 -4.36 30.40
N THR F 104 21.42 -5.45 29.77
CA THR F 104 21.19 -6.74 30.47
C THR F 104 22.40 -7.64 30.20
N ALA F 105 22.67 -8.58 31.10
CA ALA F 105 23.80 -9.48 30.93
C ALA F 105 23.75 -10.19 29.57
N GLU F 106 22.55 -10.46 29.09
CA GLU F 106 22.36 -11.10 27.80
C GLU F 106 22.69 -10.18 26.63
N GLY F 107 22.26 -8.92 26.71
CA GLY F 107 22.57 -7.98 25.65
C GLY F 107 24.06 -7.78 25.54
N ALA F 108 24.70 -7.65 26.70
CA ALA F 108 26.13 -7.39 26.74
C ALA F 108 26.91 -8.60 26.25
N SER F 109 26.44 -9.80 26.62
CA SER F 109 27.12 -11.05 26.26
C SER F 109 27.19 -11.32 24.76
N LYS F 110 26.38 -10.63 23.96
CA LYS F 110 26.52 -10.73 22.51
C LYS F 110 27.95 -10.42 22.15
N HIS F 111 28.52 -9.42 22.83
CA HIS F 111 29.93 -9.05 22.69
C HIS F 111 30.87 -10.24 23.01
N ILE F 112 30.62 -10.92 24.14
CA ILE F 112 31.34 -12.14 24.46
C ILE F 112 31.13 -13.23 23.39
N GLN F 113 29.89 -13.41 22.92
CA GLN F 113 29.63 -14.35 21.81
C GLN F 113 30.49 -13.98 20.60
N ALA F 114 30.66 -12.67 20.36
CA ALA F 114 31.48 -12.19 19.22
C ALA F 114 32.98 -12.29 19.47
N GLY F 115 33.36 -12.61 20.71
CA GLY F 115 34.74 -12.98 20.97
C GLY F 115 35.46 -12.08 21.96
N ALA F 116 34.72 -11.17 22.59
CA ALA F 116 35.30 -10.41 23.69
C ALA F 116 35.17 -11.24 24.96
N LYS F 117 36.06 -10.99 25.91
CA LYS F 117 36.09 -11.73 27.15
C LYS F 117 35.25 -11.05 28.22
N LYS F 118 35.16 -9.73 28.14
CA LYS F 118 34.47 -8.96 29.19
C LYS F 118 33.82 -7.67 28.66
N VAL F 119 32.70 -7.30 29.25
CA VAL F 119 31.99 -6.10 28.82
C VAL F 119 31.56 -5.22 30.00
N LEU F 120 31.93 -3.94 29.91
CA LEU F 120 31.64 -2.94 30.93
C LEU F 120 30.52 -2.02 30.44
N ILE F 121 29.42 -2.00 31.19
CA ILE F 121 28.26 -1.20 30.85
C ILE F 121 28.36 0.20 31.46
N THR F 122 28.23 1.22 30.61
CA THR F 122 28.23 2.61 31.08
C THR F 122 26.83 3.06 31.44
N ALA F 123 26.11 2.23 32.17
CA ALA F 123 24.76 2.57 32.62
C ALA F 123 24.35 1.58 33.70
N PRO F 124 23.27 1.89 34.43
CA PRO F 124 22.81 0.86 35.37
C PRO F 124 22.51 -0.44 34.62
N GLY F 125 22.77 -1.57 35.28
CA GLY F 125 22.44 -2.87 34.73
C GLY F 125 21.01 -3.28 35.05
N LYS F 126 20.32 -3.89 34.08
CA LYS F 126 18.98 -4.44 34.30
C LYS F 126 19.01 -5.96 34.26
N GLY F 127 18.34 -6.60 35.22
CA GLY F 127 18.32 -8.05 35.32
C GLY F 127 19.48 -8.56 36.15
N GLU F 128 19.74 -9.86 36.10
CA GLU F 128 20.72 -10.50 36.97
C GLU F 128 22.03 -10.80 36.25
N GLY F 129 23.09 -10.96 37.03
CA GLY F 129 24.37 -11.35 36.46
C GLY F 129 25.20 -10.18 35.97
N VAL F 130 24.84 -8.98 36.42
CA VAL F 130 25.66 -7.81 36.15
C VAL F 130 26.34 -7.42 37.44
N GLY F 131 27.67 -7.31 37.39
CA GLY F 131 28.43 -6.91 38.57
C GLY F 131 28.56 -5.39 38.63
N THR F 132 27.83 -4.77 39.55
CA THR F 132 27.81 -3.31 39.64
C THR F 132 28.85 -2.78 40.64
N TYR F 133 29.73 -1.92 40.14
CA TYR F 133 30.81 -1.37 40.95
C TYR F 133 30.82 0.17 40.92
N VAL F 134 31.03 0.77 42.09
CA VAL F 134 31.22 2.22 42.22
C VAL F 134 32.57 2.50 42.91
N ILE F 135 33.43 3.23 42.21
CA ILE F 135 34.81 3.43 42.64
C ILE F 135 34.90 4.17 43.96
N GLY F 136 35.74 3.65 44.86
CA GLY F 136 35.87 4.22 46.19
C GLY F 136 34.79 3.70 47.12
N VAL F 137 33.92 2.83 46.61
CA VAL F 137 32.82 2.33 47.44
C VAL F 137 32.85 0.83 47.65
N ASN F 138 32.99 0.08 46.56
CA ASN F 138 33.05 -1.38 46.66
C ASN F 138 33.89 -1.97 45.54
N ASP F 139 34.78 -1.16 44.98
CA ASP F 139 35.73 -1.65 43.99
C ASP F 139 36.69 -2.63 44.66
N SER F 140 36.80 -2.53 45.98
CA SER F 140 37.61 -3.45 46.77
C SER F 140 37.09 -4.88 46.62
N GLU F 141 35.82 -5.00 46.24
CA GLU F 141 35.15 -6.29 46.05
C GLU F 141 35.21 -6.82 44.61
N TYR F 142 35.88 -6.09 43.72
CA TYR F 142 35.98 -6.53 42.33
C TYR F 142 36.96 -7.69 42.19
N ARG F 143 36.49 -8.77 41.59
CA ARG F 143 37.37 -9.88 41.20
C ARG F 143 37.17 -10.21 39.72
N HIS F 144 38.29 -10.42 39.04
CA HIS F 144 38.26 -10.76 37.63
C HIS F 144 37.39 -11.97 37.33
N GLU F 145 37.17 -12.82 38.34
CA GLU F 145 36.48 -14.07 38.12
C GLU F 145 34.96 -13.98 38.28
N ASP F 146 34.47 -12.93 38.94
CA ASP F 146 33.06 -12.86 39.31
C ASP F 146 32.05 -12.60 38.19
N PHE F 147 32.36 -11.66 37.30
CA PHE F 147 31.37 -11.22 36.33
C PHE F 147 31.98 -10.90 35.00
N ALA F 148 31.46 -11.52 33.94
CA ALA F 148 31.86 -11.18 32.59
C ALA F 148 31.18 -9.87 32.15
N VAL F 149 30.15 -9.49 32.89
CA VAL F 149 29.37 -8.31 32.58
C VAL F 149 29.25 -7.44 33.83
N ILE F 150 29.89 -6.27 33.79
CA ILE F 150 29.90 -5.34 34.92
C ILE F 150 29.26 -4.01 34.52
N SER F 151 28.80 -3.25 35.50
CA SER F 151 28.23 -1.92 35.26
C SER F 151 28.83 -0.85 36.18
N ASN F 152 28.91 0.38 35.67
CA ASN F 152 29.45 1.50 36.43
C ASN F 152 28.34 2.29 37.12
N ALA F 153 27.15 1.70 37.15
CA ALA F 153 25.93 2.37 37.62
C ALA F 153 25.63 3.62 36.78
N SER F 154 24.87 4.54 37.36
CA SER F 154 24.54 5.79 36.68
C SER F 154 25.39 6.91 37.26
N CYS F 155 25.60 7.95 36.43
CA CYS F 155 26.29 9.14 36.89
C CYS F 155 25.74 9.60 38.24
N THR F 156 24.42 9.74 38.32
CA THR F 156 23.79 10.16 39.57
C THR F 156 24.18 9.27 40.74
N THR F 157 24.00 7.96 40.60
CA THR F 157 24.40 6.98 41.61
C THR F 157 25.85 7.22 42.07
N ASN F 158 26.74 7.43 41.11
CA ASN F 158 28.15 7.68 41.39
C ASN F 158 28.40 8.93 42.22
N CYS F 159 27.52 9.91 42.11
CA CYS F 159 27.64 11.09 42.95
C CYS F 159 27.18 10.73 44.36
N LEU F 160 26.03 10.04 44.39
CA LEU F 160 25.34 9.64 45.61
C LEU F 160 26.16 8.70 46.51
N ALA F 161 26.65 7.61 45.92
CA ALA F 161 27.31 6.54 46.67
C ALA F 161 28.41 6.96 47.63
N PRO F 162 29.41 7.70 47.12
CA PRO F 162 30.54 8.06 47.98
C PRO F 162 30.09 8.92 49.15
N VAL F 163 29.11 9.80 48.93
CA VAL F 163 28.54 10.58 50.03
C VAL F 163 27.84 9.67 51.05
N ALA F 164 27.06 8.72 50.54
CA ALA F 164 26.33 7.76 51.36
C ALA F 164 27.26 6.88 52.22
N LYS F 165 28.37 6.45 51.63
CA LYS F 165 29.35 5.66 52.35
C LYS F 165 29.88 6.44 53.56
N VAL F 166 30.29 7.69 53.34
CA VAL F 166 30.87 8.52 54.40
C VAL F 166 29.85 8.86 55.48
N LEU F 167 28.65 9.25 55.06
CA LEU F 167 27.56 9.51 56.01
C LEU F 167 27.20 8.25 56.82
N HIS F 168 27.00 7.12 56.12
CA HIS F 168 26.66 5.87 56.80
C HIS F 168 27.76 5.43 57.76
N ASP F 169 28.96 5.22 57.22
CA ASP F 169 30.12 4.76 58.00
C ASP F 169 30.39 5.57 59.27
N ASN F 170 29.87 6.80 59.33
CA ASN F 170 30.21 7.70 60.43
C ASN F 170 29.02 8.09 61.31
N PHE F 171 27.84 8.16 60.73
CA PHE F 171 26.65 8.60 61.46
C PHE F 171 25.55 7.52 61.46
N GLY F 172 25.74 6.48 60.64
CA GLY F 172 24.78 5.39 60.49
C GLY F 172 23.44 5.85 59.94
N ILE F 173 23.17 5.52 58.67
CA ILE F 173 21.96 5.99 57.99
C ILE F 173 20.74 5.11 58.25
N ILE F 174 19.66 5.76 58.67
CA ILE F 174 18.37 5.09 58.91
C ILE F 174 17.50 5.03 57.66
N LYS F 175 17.30 6.19 57.03
CA LYS F 175 16.46 6.34 55.86
C LYS F 175 16.69 7.73 55.27
N GLY F 176 16.48 7.89 53.97
CA GLY F 176 16.63 9.19 53.36
C GLY F 176 16.05 9.29 51.97
N THR F 177 15.71 10.52 51.57
CA THR F 177 15.20 10.79 50.24
C THR F 177 16.26 11.57 49.48
N MET F 178 15.97 11.90 48.22
CA MET F 178 16.95 12.59 47.37
C MET F 178 16.31 13.16 46.13
N THR F 179 16.88 14.25 45.63
CA THR F 179 16.52 14.77 44.31
C THR F 179 17.77 15.08 43.51
N THR F 180 17.85 14.55 42.30
CA THR F 180 18.92 14.97 41.42
C THR F 180 18.38 16.06 40.51
N THR F 181 19.02 17.22 40.56
CA THR F 181 18.71 18.28 39.62
C THR F 181 19.66 18.09 38.46
N HIS F 182 19.12 17.55 37.38
CA HIS F 182 19.95 16.96 36.34
C HIS F 182 19.90 17.74 35.03
N SER F 183 21.07 17.87 34.41
CA SER F 183 21.15 18.39 33.06
C SER F 183 20.34 17.46 32.16
N TYR F 184 19.74 18.01 31.10
CA TYR F 184 19.01 17.16 30.19
C TYR F 184 19.99 16.21 29.49
N THR F 185 19.44 15.26 28.74
CA THR F 185 20.24 14.22 28.07
C THR F 185 19.59 13.87 26.74
N LEU F 186 20.27 13.03 25.95
CA LEU F 186 19.75 12.59 24.66
C LEU F 186 18.52 11.67 24.76
N ASP F 187 18.16 11.24 25.97
CA ASP F 187 16.91 10.47 26.14
C ASP F 187 15.68 11.36 26.38
N GLN F 188 15.92 12.67 26.37
CA GLN F 188 14.82 13.65 26.36
C GLN F 188 14.66 14.23 24.96
N ARG F 189 13.52 14.86 24.70
CA ARG F 189 13.24 15.47 23.40
C ARG F 189 13.52 16.97 23.44
N ILE F 190 14.10 17.53 22.36
CA ILE F 190 14.35 18.97 22.33
C ILE F 190 13.05 19.79 22.18
N LEU F 191 12.04 19.21 21.53
CA LEU F 191 10.69 19.80 21.50
C LEU F 191 9.62 18.76 21.89
N ASP F 192 8.38 19.22 22.15
CA ASP F 192 7.30 18.28 22.52
C ASP F 192 7.16 17.16 21.47
N ALA F 193 7.70 15.98 21.80
CA ALA F 193 7.70 14.81 20.91
C ALA F 193 7.53 13.53 21.72
N SER F 194 6.73 12.60 21.21
CA SER F 194 6.39 11.37 21.94
C SER F 194 7.59 10.66 22.60
N HIS F 195 7.35 10.07 23.77
CA HIS F 195 8.37 9.35 24.54
C HIS F 195 7.69 8.27 25.38
N ARG F 196 8.46 7.30 25.85
CA ARG F 196 7.97 6.37 26.86
C ARG F 196 7.39 7.19 28.01
N ASP F 197 8.22 8.07 28.56
CA ASP F 197 7.87 8.99 29.63
C ASP F 197 7.00 10.17 29.13
N LEU F 198 5.78 10.29 29.65
CA LEU F 198 4.87 11.34 29.22
C LEU F 198 5.34 12.73 29.64
N ARG F 199 6.41 12.74 30.45
CA ARG F 199 7.07 13.98 30.86
C ARG F 199 8.36 14.22 30.08
N ARG F 200 9.02 13.15 29.63
CA ARG F 200 10.24 13.28 28.83
C ARG F 200 9.92 13.54 27.37
N ALA F 201 8.63 13.62 27.08
CA ALA F 201 8.18 14.03 25.76
C ALA F 201 8.43 15.52 25.56
N ARG F 202 8.42 16.27 26.66
CA ARG F 202 8.35 17.73 26.62
C ARG F 202 9.70 18.45 26.37
N ALA F 203 9.64 19.56 25.63
CA ALA F 203 10.82 20.38 25.31
C ALA F 203 11.78 20.59 26.49
N ALA F 204 12.96 19.95 26.42
CA ALA F 204 13.88 19.87 27.56
C ALA F 204 14.49 21.21 28.01
N ALA F 205 14.77 22.10 27.06
CA ALA F 205 15.44 23.35 27.38
C ALA F 205 14.46 24.51 27.61
N VAL F 206 13.19 24.20 27.81
CA VAL F 206 12.20 25.21 28.19
C VAL F 206 11.22 24.69 29.25
N ASN F 207 11.61 23.65 29.98
CA ASN F 207 10.78 23.10 31.03
C ASN F 207 11.62 22.54 32.14
N ILE F 208 11.08 22.58 33.35
CA ILE F 208 11.56 21.71 34.39
C ILE F 208 10.71 20.43 34.23
N VAL F 209 11.37 19.27 34.13
CA VAL F 209 10.67 18.00 33.90
C VAL F 209 11.07 16.91 34.91
N PRO F 210 10.09 16.42 35.66
CA PRO F 210 10.36 15.35 36.62
C PRO F 210 10.28 13.98 35.95
N THR F 211 11.44 13.34 35.79
CA THR F 211 11.50 11.94 35.40
C THR F 211 11.80 11.16 36.67
N THR F 212 11.65 9.84 36.64
CA THR F 212 12.03 9.06 37.81
C THR F 212 13.50 8.68 37.71
N THR F 213 14.03 8.07 38.76
CA THR F 213 15.44 7.69 38.82
C THR F 213 15.64 6.49 39.74
N GLY F 214 16.52 5.57 39.33
CA GLY F 214 16.80 4.39 40.13
C GLY F 214 18.01 4.59 41.01
N ALA F 215 18.62 5.77 40.87
CA ALA F 215 19.91 6.04 41.50
C ALA F 215 19.88 5.80 43.00
N ALA F 216 18.75 6.13 43.64
CA ALA F 216 18.57 5.92 45.07
C ALA F 216 18.56 4.43 45.43
N LYS F 217 17.63 3.68 44.83
CA LYS F 217 17.62 2.22 45.02
C LYS F 217 19.03 1.68 44.78
N ALA F 218 19.53 1.94 43.57
CA ALA F 218 20.82 1.43 43.13
C ALA F 218 21.97 1.53 44.14
N VAL F 219 21.90 2.46 45.09
CA VAL F 219 22.99 2.60 46.06
C VAL F 219 23.23 1.30 46.82
N ALA F 220 22.17 0.52 46.99
CA ALA F 220 22.20 -0.72 47.76
C ALA F 220 23.08 -1.79 47.12
N LEU F 221 23.15 -1.79 45.79
CA LEU F 221 24.00 -2.73 45.06
C LEU F 221 25.47 -2.61 45.46
N VAL F 222 25.85 -1.44 45.99
CA VAL F 222 27.25 -1.19 46.31
C VAL F 222 27.44 -0.98 47.82
N ILE F 223 26.40 -0.45 48.47
CA ILE F 223 26.28 -0.44 49.92
C ILE F 223 24.98 -1.15 50.32
N PRO F 224 25.04 -2.50 50.44
CA PRO F 224 23.85 -3.34 50.62
C PRO F 224 23.00 -2.93 51.83
N GLU F 225 23.67 -2.53 52.91
CA GLU F 225 23.04 -2.16 54.17
C GLU F 225 22.02 -1.02 54.04
N LEU F 226 21.94 -0.41 52.87
CA LEU F 226 21.04 0.72 52.64
C LEU F 226 19.78 0.29 51.91
N LYS F 227 19.74 -0.99 51.54
CA LYS F 227 18.63 -1.56 50.78
C LYS F 227 17.29 -1.17 51.43
N GLY F 228 16.44 -0.50 50.66
CA GLY F 228 15.14 -0.06 51.15
C GLY F 228 15.12 1.28 51.88
N LYS F 229 16.30 1.81 52.18
CA LYS F 229 16.39 3.03 52.99
C LYS F 229 16.35 4.33 52.19
N LEU F 230 16.41 4.24 50.87
CA LEU F 230 16.51 5.44 50.04
C LEU F 230 15.60 5.42 48.83
N ASN F 231 15.03 6.57 48.51
CA ASN F 231 14.56 6.84 47.17
C ASN F 231 14.68 8.32 46.83
N GLY F 232 13.75 8.82 46.04
CA GLY F 232 13.79 10.20 45.61
C GLY F 232 13.66 10.28 44.11
N ILE F 233 13.47 11.48 43.59
CA ILE F 233 13.11 11.66 42.18
C ILE F 233 14.21 12.36 41.40
N ALA F 234 13.90 12.72 40.15
CA ALA F 234 14.81 13.50 39.34
C ALA F 234 14.11 14.69 38.69
N LEU F 235 14.79 15.84 38.67
CA LEU F 235 14.29 17.03 37.99
C LEU F 235 15.25 17.43 36.88
N ARG F 236 14.78 17.33 35.64
CA ARG F 236 15.60 17.63 34.47
C ARG F 236 15.48 19.12 34.10
N VAL F 237 16.61 19.83 34.16
CA VAL F 237 16.65 21.27 33.88
C VAL F 237 17.45 21.56 32.62
N PRO F 238 17.19 22.73 31.99
CA PRO F 238 17.91 23.20 30.79
C PRO F 238 19.36 23.64 31.02
N THR F 239 20.21 22.70 31.40
CA THR F 239 21.65 22.90 31.31
C THR F 239 22.27 21.70 30.58
N PRO F 240 23.36 21.93 29.81
CA PRO F 240 23.89 20.90 28.90
C PRO F 240 24.75 19.86 29.62
N ASN F 241 25.49 20.28 30.65
CA ASN F 241 26.27 19.39 31.49
C ASN F 241 26.25 19.87 32.93
N VAL F 242 26.83 19.08 33.82
CA VAL F 242 26.87 19.38 35.26
C VAL F 242 25.49 19.23 35.93
N SER F 243 25.46 18.38 36.96
CA SER F 243 24.22 18.09 37.64
C SER F 243 24.47 18.14 39.13
N VAL F 244 23.42 17.98 39.93
CA VAL F 244 23.60 18.06 41.39
C VAL F 244 22.58 17.21 42.15
N VAL F 245 23.03 16.52 43.18
CA VAL F 245 22.10 15.77 44.02
C VAL F 245 21.83 16.46 45.34
N ASP F 246 20.56 16.45 45.76
CA ASP F 246 20.19 16.95 47.07
C ASP F 246 19.78 15.77 47.97
N LEU F 247 20.73 15.24 48.74
CA LEU F 247 20.44 14.12 49.63
C LEU F 247 19.98 14.61 51.01
N VAL F 248 18.95 13.96 51.54
CA VAL F 248 18.47 14.24 52.88
C VAL F 248 18.35 12.93 53.66
N VAL F 249 19.10 12.79 54.76
CA VAL F 249 19.12 11.53 55.52
C VAL F 249 18.96 11.66 57.04
N GLN F 250 18.24 10.70 57.63
CA GLN F 250 18.18 10.58 59.08
C GLN F 250 19.31 9.65 59.57
N VAL F 251 19.99 10.09 60.62
CA VAL F 251 21.13 9.33 61.11
C VAL F 251 20.95 8.80 62.54
N GLU F 252 21.82 7.88 62.93
CA GLU F 252 21.83 7.32 64.28
C GLU F 252 22.66 8.21 65.21
N LYS F 253 23.97 8.24 65.00
CA LYS F 253 24.82 9.21 65.67
C LYS F 253 24.32 10.60 65.30
N PRO F 254 23.96 11.41 66.30
CA PRO F 254 23.62 12.80 65.96
C PRO F 254 24.88 13.62 65.77
N THR F 255 24.76 14.76 65.11
CA THR F 255 25.91 15.62 64.86
C THR F 255 25.45 17.04 64.55
N ILE F 256 26.40 17.90 64.20
CA ILE F 256 26.11 19.26 63.76
C ILE F 256 26.80 19.49 62.42
N THR F 257 26.45 20.60 61.78
CA THR F 257 26.92 20.89 60.43
C THR F 257 28.44 20.85 60.30
N GLU F 258 29.13 21.44 61.26
CA GLU F 258 30.59 21.49 61.22
C GLU F 258 31.18 20.08 61.16
N GLN F 259 30.58 19.17 61.93
CA GLN F 259 31.10 17.80 62.08
C GLN F 259 30.98 16.95 60.82
N VAL F 260 29.82 17.01 60.16
CA VAL F 260 29.60 16.26 58.93
C VAL F 260 30.50 16.74 57.78
N ASN F 261 30.90 18.01 57.81
CA ASN F 261 31.87 18.50 56.82
C ASN F 261 33.32 18.09 57.11
N GLU F 262 33.62 17.82 58.39
CA GLU F 262 34.93 17.32 58.78
C GLU F 262 35.20 15.95 58.18
N VAL F 263 34.20 15.07 58.23
CA VAL F 263 34.36 13.72 57.70
C VAL F 263 34.45 13.69 56.17
N LEU F 264 33.60 14.48 55.49
CA LEU F 264 33.64 14.58 54.03
C LEU F 264 35.01 15.09 53.58
N GLN F 265 35.46 16.17 54.21
CA GLN F 265 36.78 16.75 53.95
C GLN F 265 37.93 15.76 54.17
N LYS F 266 37.91 15.06 55.29
CA LYS F 266 38.90 14.02 55.57
C LYS F 266 38.88 13.00 54.46
N ALA F 267 37.70 12.45 54.17
CA ALA F 267 37.58 11.46 53.09
C ALA F 267 38.13 12.02 51.79
N SER F 268 37.80 13.28 51.51
CA SER F 268 38.27 13.94 50.29
C SER F 268 39.79 13.86 50.17
N GLN F 269 40.47 13.88 51.31
CA GLN F 269 41.94 13.86 51.35
C GLN F 269 42.52 12.45 51.46
N THR F 270 41.69 11.49 51.89
CA THR F 270 42.16 10.15 52.19
C THR F 270 41.31 9.04 51.56
N THR F 271 40.48 8.39 52.37
CA THR F 271 39.63 7.31 51.88
C THR F 271 38.99 7.59 50.51
N MET F 272 38.40 8.77 50.34
CA MET F 272 37.67 9.11 49.11
C MET F 272 38.44 10.00 48.12
N LYS F 273 39.76 10.06 48.26
CA LYS F 273 40.58 10.94 47.41
C LYS F 273 40.39 10.66 45.92
N GLY F 274 40.23 11.73 45.14
CA GLY F 274 40.01 11.60 43.71
C GLY F 274 38.56 11.28 43.43
N ILE F 275 37.80 10.99 44.48
CA ILE F 275 36.42 10.58 44.32
C ILE F 275 35.44 11.66 44.77
N ILE F 276 35.57 12.08 46.02
CA ILE F 276 34.81 13.22 46.50
C ILE F 276 35.70 14.46 46.55
N LYS F 277 35.26 15.55 45.93
CA LYS F 277 35.94 16.84 46.04
C LYS F 277 35.24 17.66 47.13
N TYR F 278 35.99 18.14 48.12
CA TYR F 278 35.41 19.01 49.15
C TYR F 278 35.49 20.47 48.68
N SER F 279 34.36 21.08 48.35
CA SER F 279 34.35 22.45 47.82
C SER F 279 33.79 23.50 48.78
N ASP F 280 34.68 24.29 49.37
CA ASP F 280 34.24 25.32 50.31
C ASP F 280 34.17 26.71 49.69
N LEU F 281 34.44 26.79 48.38
CA LEU F 281 34.27 28.03 47.63
C LEU F 281 32.80 28.18 47.20
N PRO F 282 32.32 29.44 47.08
CA PRO F 282 30.93 29.65 46.67
C PRO F 282 30.78 29.64 45.13
N LEU F 283 30.89 28.46 44.52
CA LEU F 283 30.95 28.33 43.06
C LEU F 283 29.61 27.95 42.44
N VAL F 284 29.58 27.84 41.11
CA VAL F 284 28.35 27.50 40.37
C VAL F 284 28.58 26.32 39.40
N SER F 285 27.50 25.79 38.85
CA SER F 285 27.60 24.58 38.04
C SER F 285 28.76 24.58 37.04
N SER F 286 28.89 25.67 36.28
CA SER F 286 29.89 25.72 35.21
C SER F 286 31.31 25.61 35.73
N ASP F 287 31.51 25.90 37.01
CA ASP F 287 32.84 25.82 37.60
C ASP F 287 33.32 24.36 37.72
N PHE F 288 32.40 23.41 37.56
CA PHE F 288 32.78 22.01 37.70
C PHE F 288 32.91 21.27 36.37
N ARG F 289 32.97 22.01 35.26
CA ARG F 289 33.25 21.39 33.97
C ARG F 289 34.66 20.78 33.97
N GLY F 290 34.75 19.52 33.60
CA GLY F 290 36.04 18.87 33.49
C GLY F 290 36.62 18.44 34.83
N THR F 291 35.85 18.60 35.90
CA THR F 291 36.27 18.11 37.21
C THR F 291 36.26 16.56 37.24
N ASP F 292 37.42 15.97 37.53
CA ASP F 292 37.58 14.51 37.54
C ASP F 292 36.72 13.80 38.59
N GLU F 293 36.51 14.43 39.73
CA GLU F 293 35.75 13.79 40.81
C GLU F 293 34.36 13.39 40.31
N SER F 294 33.77 12.35 40.92
CA SER F 294 32.41 11.95 40.57
C SER F 294 31.40 12.68 41.44
N SER F 295 31.82 13.05 42.65
CA SER F 295 30.95 13.74 43.58
C SER F 295 31.64 14.94 44.29
N ILE F 296 30.95 16.08 44.27
CA ILE F 296 31.55 17.37 44.64
C ILE F 296 30.72 18.07 45.72
N VAL F 297 31.13 17.91 46.97
CA VAL F 297 30.36 18.39 48.12
C VAL F 297 30.50 19.90 48.30
N ASP F 298 29.37 20.62 48.24
CA ASP F 298 29.37 22.05 48.49
C ASP F 298 29.20 22.36 49.98
N SER F 299 30.32 22.63 50.66
CA SER F 299 30.33 22.81 52.11
C SER F 299 29.29 23.82 52.58
N SER F 300 29.24 24.95 51.87
CA SER F 300 28.40 26.07 52.30
C SER F 300 26.95 25.65 52.53
N LEU F 301 26.56 24.55 51.90
CA LEU F 301 25.15 24.19 51.83
C LEU F 301 24.73 23.12 52.82
N THR F 302 25.70 22.41 53.39
CA THR F 302 25.39 21.31 54.30
C THR F 302 24.59 21.83 55.50
N LEU F 303 23.68 21.01 56.01
CA LEU F 303 22.70 21.49 56.96
C LEU F 303 22.14 20.38 57.85
N VAL F 304 22.30 20.54 59.16
CA VAL F 304 21.79 19.55 60.11
C VAL F 304 20.62 20.11 60.94
N MET F 305 19.49 19.40 60.91
CA MET F 305 18.29 19.84 61.62
C MET F 305 18.00 18.98 62.87
N ASP F 306 18.08 19.60 64.05
CA ASP F 306 17.79 18.91 65.31
C ASP F 306 18.70 17.69 65.50
N GLY F 307 19.97 17.83 65.16
CA GLY F 307 20.94 16.78 65.39
C GLY F 307 21.03 15.59 64.44
N ASP F 308 19.92 15.16 63.86
CA ASP F 308 19.90 13.89 63.11
C ASP F 308 19.41 13.96 61.66
N LEU F 309 18.93 15.13 61.24
CA LEU F 309 18.47 15.35 59.86
C LEU F 309 19.55 16.07 59.05
N VAL F 310 20.16 15.36 58.11
CA VAL F 310 21.32 15.89 57.38
C VAL F 310 21.04 16.11 55.90
N LYS F 311 21.13 17.36 55.46
CA LYS F 311 21.12 17.68 54.03
C LYS F 311 22.54 17.93 53.51
N VAL F 312 22.91 17.19 52.46
CA VAL F 312 24.16 17.41 51.76
C VAL F 312 23.90 17.69 50.29
N ILE F 313 24.60 18.68 49.75
CA ILE F 313 24.55 18.98 48.32
C ILE F 313 25.86 18.57 47.66
N ALA F 314 25.77 17.90 46.51
CA ALA F 314 26.95 17.49 45.76
C ALA F 314 26.76 17.70 44.26
N TRP F 315 27.73 18.36 43.63
CA TRP F 315 27.68 18.57 42.20
C TRP F 315 28.31 17.37 41.53
N TYR F 316 27.98 17.15 40.28
CA TYR F 316 28.83 16.28 39.50
C TYR F 316 28.76 16.69 38.06
N ASP F 317 29.92 16.59 37.41
CA ASP F 317 29.93 16.62 35.97
C ASP F 317 29.37 15.27 35.52
N ASN F 318 28.12 15.26 35.05
CA ASN F 318 27.45 14.00 34.69
C ASN F 318 28.12 13.21 33.56
N GLU F 319 28.79 13.91 32.64
CA GLU F 319 29.46 13.23 31.54
C GLU F 319 30.93 12.91 31.83
N TRP F 320 31.68 13.90 32.30
CA TRP F 320 33.13 13.82 32.33
C TRP F 320 33.64 13.09 33.56
N GLY F 321 33.10 13.42 34.73
CA GLY F 321 33.50 12.77 35.97
C GLY F 321 33.17 11.28 35.92
N TYR F 322 31.95 10.98 35.49
CA TYR F 322 31.50 9.60 35.30
C TYR F 322 32.42 8.82 34.37
N SER F 323 32.83 9.45 33.28
CA SER F 323 33.71 8.78 32.33
C SER F 323 35.08 8.50 32.93
N GLN F 324 35.57 9.38 33.80
CA GLN F 324 36.81 9.13 34.51
C GLN F 324 36.68 7.93 35.44
N ARG F 325 35.46 7.67 35.90
CA ARG F 325 35.19 6.49 36.72
C ARG F 325 35.18 5.21 35.88
N VAL F 326 34.58 5.25 34.69
CA VAL F 326 34.57 4.04 33.87
C VAL F 326 35.95 3.69 33.33
N VAL F 327 36.80 4.71 33.14
CA VAL F 327 38.20 4.44 32.83
C VAL F 327 38.85 3.74 34.03
N ASP F 328 38.61 4.28 35.23
CA ASP F 328 39.09 3.69 36.48
C ASP F 328 38.67 2.22 36.62
N LEU F 329 37.38 1.94 36.41
CA LEU F 329 36.89 0.56 36.45
C LEU F 329 37.60 -0.25 35.37
N ALA F 330 37.62 0.25 34.14
CA ALA F 330 38.39 -0.40 33.08
C ALA F 330 39.84 -0.64 33.49
N GLU F 331 40.46 0.36 34.12
CA GLU F 331 41.84 0.22 34.59
C GLU F 331 41.94 -0.83 35.71
N LEU F 332 41.01 -0.78 36.66
CA LEU F 332 40.88 -1.79 37.70
C LEU F 332 40.92 -3.19 37.09
N ALA F 333 39.99 -3.44 36.15
CA ALA F 333 39.90 -4.72 35.47
C ALA F 333 41.22 -5.05 34.81
N ALA F 334 41.78 -4.10 34.08
CA ALA F 334 43.04 -4.33 33.40
C ALA F 334 44.14 -4.87 34.34
N ARG F 335 44.10 -4.44 35.60
CA ARG F 335 45.16 -4.79 36.56
C ARG F 335 44.94 -6.14 37.23
N LYS F 336 43.67 -6.51 37.39
CA LYS F 336 43.30 -7.81 37.95
C LYS F 336 43.30 -8.90 36.84
N TRP F 337 43.42 -8.40 35.61
CA TRP F 337 43.97 -9.12 34.44
C TRP F 337 43.19 -8.95 33.13
N ALA F 338 41.97 -9.50 33.04
CA ALA F 338 41.18 -9.33 31.82
C ALA F 338 42.03 -9.52 30.56
#